data_6VP8
#
_entry.id   6VP8
#
_cell.length_a   1.00
_cell.length_b   1.00
_cell.length_c   1.00
_cell.angle_alpha   90.00
_cell.angle_beta   90.00
_cell.angle_gamma   90.00
#
_symmetry.space_group_name_H-M   'P 1'
#
loop_
_entity.id
_entity.type
_entity.pdbx_description
1 polymer 'Leucine-rich repeat serine/threonine-protein kinase 2'
2 polymer 'Leucine-rich repeat serine/threonine-protein kinase 2'
3 polymer 'Leucine-rich repeat serine/threonine-protein kinase 2'
#
loop_
_entity_poly.entity_id
_entity_poly.type
_entity_poly.pdbx_seq_one_letter_code
_entity_poly.pdbx_strand_id
1 'polypeptide(L)'
;VPYNRMKLMIVGN(TPO)GSGKTTLLQQLMKTKKSDLGMQSATVGIDVKDWPIQIRDKRKRDLVLNVWDFAGREEFYSTH
PHFMTQRALYLAVYDLSKGQAEVDAMKPWLFNIKARASSSPVILVGTHLDVSDEKQRKACMSKITKELLNKRGFPAIRDY
HFVNATEESDALAKLRKTIINESLNFKIRDQLVVGQLIPDCYVELEKIILSERKNVPIEFPVIDRKRLLQLVRENQLQLD
ENELPHAVHFLNESGVLLHFQDPALQLSDLYFVEPKWLCKIMAQILTVKVEGCPKHPKGIISRRDVEKFLSKKRKFPKNY
MSQYFKLLEKFQIALPIGEEYLLVPSSLSDHRPVIELPHCENSEIIIRLYEMPYFPMGFWSRLINRLLEISPYMLSGRER
ALRPNRMYWRQGIYLNWSPEAYCLVGSEVLDNHPESFLKITVPSCRKGCILLGQVVDHIDSLMEEWFPGLLEIDICGEGE
TLLKKWALYSFNDGEEHQKILLDDLMKKAEEGDLLVNPDQPRLTIPISQIAPDLILADLPRNIMLNNDELEFEQAPEFLL
GDGSFGSVYRAAYEGEEVAVKIFNKHTSLRLLRQELVVLCHLHHPSLISLLAAGIRPRMLVMELASKGSLDRLLQQDKAS
LTRTLQHRIALHVADGLRYLHSAMIIYRDLKPHNVLLFTLYPNAAIIAKIADYGIAQYCCRMGIKTSEGTPGFRAPEVAR
GNVIYNQQADVYSFGLLLYDILTTGGRIVEGLKFPNEFDELEIQGKLPDPVKEYGCAPWPMVEKLIKQCLKENPQERPTS
AQVFDILNSAELVCLTRRILLPKNVIVECMVATHHNSRNASIWLGCGHTDRGQLSFLDLNTEGYTSEEVADSRILCLALV
HLPVEKESWIVSGTQSGTLLVINTEDGKKRHTLEKMTDSVTCLYCNSFSKQSKQKNFLLVGTADGKLAIFEDKTVKLKGA
APLKILNIGNVSTPLMCLSESTNSTERNVMWGGCGTKIFSFSNDFTIQKLIETRTSQLFSYAAFSDSNIITVVVDTALYI
AKQNSPVVEVWDKKTEKLCGLIDCVHFLREVMVKENKESKHKMSYSGRVKTLCLQKNTALWIGTGGGHILLLDLSTRRLI
RVIYNFCNSVRVMMTAQLGSLKNVMLVLGYNRKNTEGTQKQKEIQSCLTVWDINLPHEVQNLEKHIEVRKELAEKMRRTS
VE
;
A
2 'polypeptide(L)'
;PSSLSDHRPVIELPHCENSEIIIRLYEMPYFPMGFWSRLINRLLEISPYMLSGRERALRPNRMYWRQGIYLNWSPEAYCL
VGSEVLDNHPESFLKITVPSCRKGCILLGQVVDHIDSLMEEWFPGLLEIDICGEGETLLKKWALYSFNDGEEHQKILLDD
LMKKAEEGDLLVNPDQPRLTIPISQIAPDLILADLPRNIMLNNDELEFEQAPEFLLGDGSFGSVYRAAYEGEEVAVKIFN
KHTSLRLLRQELVVLCHLHHPSLISLLAAGIRPRMLVMELA
;
B
3 'polypeptide(L)'
;LTRRILLPKNVIVECMVATHHNSRNASIWLGCGHTDRGQLSFLDLNTEGYTSEEVADSRILCLALVHLPVEKESWIVSGT
QSGTLLVINTEDGKKRHTLEKMTDSVTCLYCNSFSKQSKQKNFLLVGTADGKLAIFEDKTVKLKGAAPLKILNIGNVSTP
LMCLSESTNSTERNVMWGGCGTKIFSFSNDFTIQKLIETRTSQLFSYAAFSDSNIITVVVDTALYIAKQNSPVVEVWDKK
TEKLCGLIDCVHFLREVMVKENKESKHKMSYSGRVKTLCLQKNTALWIGTGGGHILLLDLSTRRLIRVIYNFCNSVRVMM
TAQLGSLKNVMLVLGYNRKNTEGTQKQKEIQSCLTVWDI
;
C
#
# COMPACT_ATOMS: atom_id res chain seq x y z
N VAL A 1 -38.35 -24.62 23.44
CA VAL A 1 -39.70 -25.09 23.14
C VAL A 1 -39.76 -25.81 21.80
N PRO A 2 -40.66 -26.80 21.67
CA PRO A 2 -40.86 -27.70 20.54
C PRO A 2 -41.36 -27.04 19.27
N TYR A 3 -40.41 -26.50 18.52
CA TYR A 3 -40.63 -25.84 17.23
C TYR A 3 -41.19 -26.85 16.22
N ASN A 4 -42.31 -26.51 15.58
CA ASN A 4 -42.98 -27.42 14.63
C ASN A 4 -43.10 -26.87 13.21
N ARG A 5 -42.08 -26.13 12.77
CA ARG A 5 -42.08 -25.57 11.43
C ARG A 5 -40.93 -26.13 10.60
N MET A 6 -41.22 -26.43 9.34
CA MET A 6 -40.24 -27.02 8.43
C MET A 6 -40.45 -26.47 7.03
N LYS A 7 -39.38 -26.28 6.29
CA LYS A 7 -39.53 -25.70 4.97
C LYS A 7 -39.84 -26.75 3.90
N LEU A 8 -40.53 -26.33 2.86
CA LEU A 8 -40.80 -27.21 1.75
C LEU A 8 -40.22 -26.60 0.49
N MET A 9 -39.34 -27.33 -0.16
CA MET A 9 -38.71 -26.83 -1.37
C MET A 9 -39.28 -27.48 -2.59
N ILE A 10 -39.84 -26.68 -3.47
CA ILE A 10 -40.37 -27.23 -4.69
C ILE A 10 -39.52 -26.79 -5.84
N VAL A 11 -38.90 -27.75 -6.50
CA VAL A 11 -37.98 -27.48 -7.59
C VAL A 11 -38.26 -28.30 -8.82
N GLY A 12 -37.71 -27.86 -9.93
CA GLY A 12 -37.89 -28.52 -11.20
C GLY A 12 -37.62 -27.54 -12.33
N ASN A 13 -37.71 -28.00 -13.56
CA ASN A 13 -37.45 -27.12 -14.68
C ASN A 13 -38.69 -26.38 -15.13
N TPO A 14 -38.43 -25.28 -15.83
CA TPO A 14 -39.45 -24.42 -16.36
CB TPO A 14 -38.81 -23.25 -17.14
CG2 TPO A 14 -39.87 -22.32 -17.69
OG1 TPO A 14 -37.94 -22.52 -16.26
P TPO A 14 -36.68 -21.68 -16.82
O1P TPO A 14 -37.10 -21.06 -18.17
O2P TPO A 14 -36.36 -20.59 -15.77
O3P TPO A 14 -35.48 -22.67 -17.00
C TPO A 14 -40.41 -25.21 -17.27
O TPO A 14 -39.97 -25.85 -18.22
N GLY A 15 -41.70 -25.12 -16.95
CA GLY A 15 -42.73 -25.80 -17.72
C GLY A 15 -43.42 -26.95 -16.99
N SER A 16 -42.89 -27.35 -15.85
CA SER A 16 -43.47 -28.47 -15.10
C SER A 16 -44.91 -28.29 -14.61
N GLY A 17 -45.31 -27.05 -14.32
CA GLY A 17 -46.67 -26.82 -13.81
C GLY A 17 -46.78 -27.09 -12.30
N LYS A 18 -45.61 -27.27 -11.66
CA LYS A 18 -45.49 -27.63 -10.26
C LYS A 18 -46.15 -26.64 -9.28
N THR A 19 -46.38 -25.40 -9.71
CA THR A 19 -47.09 -24.44 -8.86
C THR A 19 -48.52 -24.86 -8.63
N THR A 20 -49.17 -25.34 -9.69
CA THR A 20 -50.56 -25.74 -9.56
C THR A 20 -50.60 -26.99 -8.73
N LEU A 21 -49.62 -27.87 -8.92
CA LEU A 21 -49.50 -29.05 -8.09
C LEU A 21 -49.58 -28.69 -6.63
N LEU A 22 -48.80 -27.70 -6.21
CA LEU A 22 -48.86 -27.19 -4.85
C LEU A 22 -50.24 -26.75 -4.45
N GLN A 23 -50.89 -25.98 -5.30
CA GLN A 23 -52.25 -25.50 -5.01
C GLN A 23 -53.22 -26.65 -4.80
N GLN A 24 -53.06 -27.72 -5.57
CA GLN A 24 -53.93 -28.86 -5.41
C GLN A 24 -53.62 -29.61 -4.12
N LEU A 25 -52.34 -29.74 -3.79
CA LEU A 25 -51.92 -30.42 -2.59
C LEU A 25 -52.39 -29.71 -1.33
N MET A 26 -52.34 -28.38 -1.37
CA MET A 26 -52.80 -27.57 -0.25
C MET A 26 -54.31 -27.45 -0.21
N GLY A 41 -39.30 -15.49 -9.55
CA GLY A 41 -38.49 -16.09 -8.50
C GLY A 41 -39.24 -17.19 -7.73
N ILE A 42 -39.60 -16.87 -6.48
CA ILE A 42 -40.22 -17.85 -5.58
C ILE A 42 -41.55 -17.41 -4.98
N ASP A 43 -42.54 -18.28 -5.05
CA ASP A 43 -43.82 -18.03 -4.38
C ASP A 43 -43.79 -18.65 -2.98
N VAL A 44 -43.68 -17.81 -1.95
CA VAL A 44 -43.55 -18.31 -0.59
C VAL A 44 -44.86 -18.26 0.21
N LYS A 45 -45.23 -19.39 0.84
CA LYS A 45 -46.46 -19.42 1.64
C LYS A 45 -46.52 -20.57 2.63
N ASP A 46 -47.10 -20.29 3.80
CA ASP A 46 -47.28 -21.31 4.83
C ASP A 46 -48.32 -22.37 4.47
N TRP A 47 -48.06 -23.60 4.92
CA TRP A 47 -48.98 -24.71 4.75
C TRP A 47 -49.14 -25.54 6.01
N PRO A 48 -50.03 -25.15 6.91
CA PRO A 48 -50.44 -25.86 8.11
C PRO A 48 -51.07 -27.18 7.73
N ILE A 49 -50.59 -28.25 8.34
CA ILE A 49 -51.12 -29.59 8.10
C ILE A 49 -51.54 -30.23 9.39
N LEU A 59 -48.43 -29.48 11.72
CA LEU A 59 -47.17 -29.21 11.07
C LEU A 59 -47.28 -28.05 10.14
N VAL A 60 -46.51 -27.01 10.37
CA VAL A 60 -46.61 -25.89 9.46
C VAL A 60 -45.43 -25.86 8.53
N LEU A 61 -45.70 -26.03 7.26
CA LEU A 61 -44.62 -25.99 6.32
C LEU A 61 -44.44 -24.60 5.76
N ASN A 62 -43.20 -24.20 5.60
CA ASN A 62 -42.89 -22.91 5.01
C ASN A 62 -42.58 -23.23 3.57
N VAL A 63 -43.54 -23.09 2.68
CA VAL A 63 -43.32 -23.55 1.33
C VAL A 63 -42.68 -22.50 0.44
N TRP A 64 -41.55 -22.86 -0.16
CA TRP A 64 -40.89 -22.01 -1.12
C TRP A 64 -41.00 -22.62 -2.50
N ASP A 65 -41.86 -22.04 -3.33
CA ASP A 65 -42.05 -22.52 -4.69
C ASP A 65 -41.12 -21.89 -5.69
N PHE A 66 -40.00 -22.55 -6.01
CA PHE A 66 -39.06 -22.06 -7.01
C PHE A 66 -39.60 -22.32 -8.39
N ALA A 67 -40.67 -21.63 -8.78
CA ALA A 67 -41.22 -21.91 -10.07
C ALA A 67 -40.26 -21.48 -11.16
N GLY A 68 -39.64 -20.29 -11.01
CA GLY A 68 -38.72 -19.80 -12.02
C GLY A 68 -37.26 -20.03 -11.64
N ARG A 69 -36.35 -19.42 -12.41
CA ARG A 69 -34.91 -19.59 -12.21
C ARG A 69 -34.35 -18.78 -11.07
N GLU A 70 -34.83 -19.02 -9.86
CA GLU A 70 -34.32 -18.25 -8.76
C GLU A 70 -33.06 -18.83 -8.22
N GLU A 71 -31.96 -18.23 -8.65
CA GLU A 71 -30.60 -18.63 -8.31
C GLU A 71 -30.33 -18.82 -6.81
N PHE A 72 -31.17 -18.27 -5.92
CA PHE A 72 -31.15 -18.43 -4.44
C PHE A 72 -30.73 -19.85 -4.00
N TYR A 73 -31.15 -20.87 -4.76
CA TYR A 73 -30.77 -22.28 -4.48
C TYR A 73 -29.27 -22.57 -4.67
N SER A 74 -28.50 -21.57 -5.05
CA SER A 74 -27.08 -21.68 -5.25
C SER A 74 -26.38 -20.43 -4.76
N THR A 75 -27.06 -19.28 -4.82
CA THR A 75 -26.47 -18.01 -4.40
C THR A 75 -26.57 -17.74 -2.91
N HIS A 76 -27.42 -18.49 -2.23
CA HIS A 76 -27.45 -18.43 -0.77
C HIS A 76 -28.13 -19.65 -0.23
N PRO A 77 -27.64 -20.85 -0.59
CA PRO A 77 -28.11 -22.18 -0.25
C PRO A 77 -27.85 -22.58 1.21
N ARG A 83 -33.67 -28.85 7.59
CA ARG A 83 -35.04 -28.51 7.95
C ARG A 83 -35.88 -28.22 6.72
N ALA A 84 -35.76 -29.07 5.71
CA ALA A 84 -36.48 -28.84 4.48
C ALA A 84 -36.63 -30.12 3.67
N LEU A 85 -37.77 -30.24 2.99
CA LEU A 85 -38.02 -31.39 2.13
C LEU A 85 -38.01 -30.98 0.68
N TYR A 86 -37.31 -31.73 -0.15
CA TYR A 86 -37.21 -31.37 -1.55
C TYR A 86 -38.15 -32.15 -2.42
N LEU A 87 -39.15 -31.46 -2.91
CA LEU A 87 -40.10 -32.03 -3.83
C LEU A 87 -39.66 -31.69 -5.23
N ALA A 88 -39.21 -32.69 -5.97
CA ALA A 88 -38.77 -32.49 -7.32
C ALA A 88 -39.90 -32.81 -8.27
N VAL A 89 -40.15 -31.94 -9.22
CA VAL A 89 -41.25 -32.18 -10.15
C VAL A 89 -40.82 -32.09 -11.60
N TYR A 90 -41.26 -33.04 -12.40
CA TYR A 90 -40.92 -33.00 -13.82
C TYR A 90 -42.10 -33.51 -14.66
N ASP A 91 -42.12 -33.15 -15.94
CA ASP A 91 -43.21 -33.53 -16.82
C ASP A 91 -42.93 -34.85 -17.53
N LEU A 92 -43.64 -35.89 -17.10
CA LEU A 92 -43.49 -37.23 -17.63
C LEU A 92 -43.65 -37.33 -19.14
N SER A 93 -44.52 -36.51 -19.74
CA SER A 93 -44.76 -36.60 -21.17
C SER A 93 -43.55 -36.13 -21.98
N LYS A 94 -42.65 -35.37 -21.34
CA LYS A 94 -41.41 -34.99 -22.00
C LYS A 94 -40.51 -36.20 -22.01
N GLY A 95 -40.45 -36.90 -20.89
CA GLY A 95 -39.74 -38.16 -20.83
C GLY A 95 -38.35 -38.15 -20.19
N GLN A 96 -37.57 -39.15 -20.59
CA GLN A 96 -36.23 -39.43 -20.06
C GLN A 96 -35.28 -38.26 -20.20
N ALA A 97 -35.44 -37.47 -21.25
CA ALA A 97 -34.61 -36.30 -21.45
C ALA A 97 -34.76 -35.35 -20.27
N GLU A 98 -35.98 -35.25 -19.74
CA GLU A 98 -36.24 -34.39 -18.61
C GLU A 98 -35.64 -34.98 -17.36
N VAL A 99 -35.69 -36.30 -17.26
CA VAL A 99 -35.10 -36.95 -16.11
C VAL A 99 -33.63 -36.59 -16.05
N ASP A 100 -32.93 -36.66 -17.17
CA ASP A 100 -31.53 -36.27 -17.22
C ASP A 100 -31.33 -34.80 -16.89
N ALA A 101 -32.25 -33.95 -17.33
CA ALA A 101 -32.19 -32.53 -16.99
C ALA A 101 -32.25 -32.29 -15.48
N MET A 102 -32.85 -33.20 -14.72
CA MET A 102 -32.93 -33.03 -13.29
C MET A 102 -31.67 -33.41 -12.53
N LYS A 103 -30.67 -33.96 -13.22
CA LYS A 103 -29.45 -34.35 -12.54
C LYS A 103 -28.70 -33.18 -11.91
N PRO A 104 -28.58 -32.03 -12.57
CA PRO A 104 -27.99 -30.81 -12.01
C PRO A 104 -28.73 -30.34 -10.78
N TRP A 105 -30.03 -30.56 -10.73
CA TRP A 105 -30.82 -30.17 -9.58
C TRP A 105 -30.51 -31.08 -8.43
N LEU A 106 -30.44 -32.37 -8.71
CA LEU A 106 -30.13 -33.33 -7.69
C LEU A 106 -28.72 -33.16 -7.19
N PHE A 107 -27.80 -32.82 -8.09
CA PHE A 107 -26.43 -32.56 -7.72
C PHE A 107 -26.37 -31.43 -6.75
N ASN A 108 -26.99 -30.32 -7.11
CA ASN A 108 -27.02 -29.15 -6.27
C ASN A 108 -27.62 -29.43 -4.90
N ILE A 109 -28.69 -30.23 -4.87
CA ILE A 109 -29.31 -30.58 -3.61
C ILE A 109 -28.35 -31.36 -2.75
N LYS A 110 -27.74 -32.40 -3.30
CA LYS A 110 -26.80 -33.20 -2.54
C LYS A 110 -25.63 -32.37 -2.08
N ALA A 111 -25.17 -31.50 -2.96
CA ALA A 111 -24.03 -30.62 -2.71
C ALA A 111 -24.26 -29.64 -1.57
N ARG A 112 -25.49 -29.48 -1.09
CA ARG A 112 -25.73 -28.53 -0.02
C ARG A 112 -26.48 -29.18 1.14
N ALA A 113 -27.22 -30.24 0.85
CA ALA A 113 -27.95 -30.97 1.87
C ALA A 113 -28.13 -32.42 1.49
N SER A 114 -27.05 -33.19 1.55
CA SER A 114 -27.10 -34.60 1.17
C SER A 114 -28.00 -35.44 2.06
N SER A 115 -28.22 -34.98 3.29
CA SER A 115 -29.08 -35.69 4.24
C SER A 115 -30.57 -35.39 4.06
N SER A 116 -30.91 -34.37 3.27
CA SER A 116 -32.30 -33.99 3.10
C SER A 116 -33.07 -35.02 2.27
N PRO A 117 -34.38 -35.15 2.47
CA PRO A 117 -35.28 -36.07 1.81
C PRO A 117 -35.65 -35.54 0.45
N VAL A 118 -35.79 -36.43 -0.52
CA VAL A 118 -36.18 -36.05 -1.86
C VAL A 118 -37.32 -36.90 -2.38
N ILE A 119 -38.38 -36.23 -2.84
CA ILE A 119 -39.50 -36.93 -3.43
C ILE A 119 -39.60 -36.53 -4.88
N LEU A 120 -39.55 -37.52 -5.77
CA LEU A 120 -39.58 -37.26 -7.19
C LEU A 120 -40.96 -37.49 -7.78
N VAL A 121 -41.59 -36.44 -8.31
CA VAL A 121 -42.91 -36.60 -8.88
C VAL A 121 -42.97 -36.24 -10.35
N GLY A 122 -43.43 -37.20 -11.15
CA GLY A 122 -43.60 -36.99 -12.57
C GLY A 122 -45.04 -36.58 -12.77
N THR A 123 -45.31 -35.73 -13.76
CA THR A 123 -46.68 -35.31 -13.95
C THR A 123 -47.13 -35.36 -15.39
N HIS A 124 -48.39 -34.98 -15.58
CA HIS A 124 -49.08 -35.03 -16.87
C HIS A 124 -49.16 -36.45 -17.41
N LEU A 125 -49.43 -37.40 -16.51
CA LEU A 125 -49.61 -38.80 -16.90
C LEU A 125 -50.85 -38.96 -17.76
N ASP A 126 -51.82 -38.06 -17.67
CA ASP A 126 -53.01 -38.19 -18.48
C ASP A 126 -52.79 -37.87 -19.98
N VAL A 127 -51.58 -37.44 -20.33
CA VAL A 127 -51.22 -37.20 -21.73
C VAL A 127 -49.90 -37.88 -22.01
N SER A 128 -49.58 -38.89 -21.20
CA SER A 128 -48.34 -39.62 -21.36
C SER A 128 -48.59 -41.11 -21.30
N ASP A 129 -48.29 -41.79 -22.39
CA ASP A 129 -48.49 -43.22 -22.47
C ASP A 129 -47.65 -43.91 -21.41
N GLU A 130 -48.16 -45.02 -20.87
CA GLU A 130 -47.41 -45.75 -19.86
C GLU A 130 -46.04 -46.20 -20.37
N LYS A 131 -45.86 -46.26 -21.69
CA LYS A 131 -44.56 -46.51 -22.28
C LYS A 131 -43.54 -45.54 -21.70
N GLN A 132 -43.90 -44.26 -21.68
CA GLN A 132 -43.03 -43.24 -21.14
C GLN A 132 -42.92 -43.39 -19.64
N ARG A 133 -44.03 -43.71 -18.98
CA ARG A 133 -44.03 -43.91 -17.55
C ARG A 133 -43.01 -44.97 -17.14
N LYS A 134 -43.10 -46.14 -17.76
CA LYS A 134 -42.18 -47.21 -17.43
C LYS A 134 -40.79 -46.96 -18.00
N ALA A 135 -40.69 -46.16 -19.06
CA ALA A 135 -39.38 -45.82 -19.59
C ALA A 135 -38.64 -44.97 -18.59
N CYS A 136 -39.33 -43.97 -18.06
CA CYS A 136 -38.76 -43.09 -17.06
C CYS A 136 -38.57 -43.83 -15.76
N MET A 137 -39.46 -44.76 -15.45
CA MET A 137 -39.31 -45.58 -14.28
C MET A 137 -38.00 -46.33 -14.36
N SER A 138 -37.76 -47.00 -15.48
CA SER A 138 -36.52 -47.74 -15.63
C SER A 138 -35.33 -46.79 -15.69
N LYS A 139 -35.54 -45.60 -16.24
CA LYS A 139 -34.50 -44.61 -16.31
C LYS A 139 -34.00 -44.24 -14.92
N ILE A 140 -34.93 -43.98 -14.00
CA ILE A 140 -34.51 -43.62 -12.65
C ILE A 140 -34.04 -44.83 -11.85
N THR A 141 -34.53 -46.03 -12.16
CA THR A 141 -34.02 -47.18 -11.41
C THR A 141 -32.61 -47.50 -11.86
N LYS A 142 -32.29 -47.15 -13.10
CA LYS A 142 -30.96 -47.37 -13.63
C LYS A 142 -29.99 -46.24 -13.36
N GLU A 143 -30.48 -45.00 -13.30
CA GLU A 143 -29.55 -43.90 -13.20
C GLU A 143 -29.69 -42.94 -12.02
N LEU A 144 -30.72 -43.05 -11.19
CA LEU A 144 -30.82 -42.10 -10.08
C LEU A 144 -31.10 -42.75 -8.73
N LEU A 145 -32.05 -43.66 -8.69
CA LEU A 145 -32.47 -44.30 -7.45
C LEU A 145 -31.37 -45.10 -6.79
N ASN A 146 -30.45 -45.62 -7.57
CA ASN A 146 -29.33 -46.39 -7.05
C ASN A 146 -28.00 -45.79 -7.47
N LYS A 147 -28.01 -44.50 -7.81
CA LYS A 147 -26.81 -43.88 -8.32
C LYS A 147 -26.15 -42.91 -7.33
N ARG A 148 -24.92 -43.22 -6.97
CA ARG A 148 -24.18 -42.35 -6.07
C ARG A 148 -23.91 -41.02 -6.75
N GLY A 149 -23.82 -39.98 -5.96
CA GLY A 149 -23.64 -38.64 -6.50
C GLY A 149 -24.96 -37.90 -6.45
N PHE A 150 -26.07 -38.63 -6.30
CA PHE A 150 -27.36 -38.00 -6.17
C PHE A 150 -27.86 -38.31 -4.76
N PRO A 151 -28.63 -37.40 -4.15
CA PRO A 151 -29.10 -37.39 -2.76
C PRO A 151 -30.17 -38.43 -2.41
N ALA A 152 -29.89 -39.69 -2.72
CA ALA A 152 -30.73 -40.86 -2.42
C ALA A 152 -32.23 -40.59 -2.41
N ILE A 153 -32.80 -40.23 -3.56
CA ILE A 153 -34.25 -40.08 -3.72
C ILE A 153 -35.01 -41.01 -2.80
N ARG A 154 -35.82 -40.44 -1.92
CA ARG A 154 -36.53 -41.23 -0.94
C ARG A 154 -37.76 -41.90 -1.49
N ASP A 155 -38.52 -41.20 -2.32
CA ASP A 155 -39.69 -41.83 -2.90
C ASP A 155 -40.07 -41.14 -4.19
N TYR A 156 -41.06 -41.68 -4.89
CA TYR A 156 -41.50 -41.06 -6.12
C TYR A 156 -42.93 -41.43 -6.49
N HIS A 157 -43.54 -40.58 -7.30
CA HIS A 157 -44.92 -40.77 -7.76
C HIS A 157 -45.14 -40.28 -9.18
N PHE A 158 -46.24 -40.73 -9.78
CA PHE A 158 -46.65 -40.26 -11.08
C PHE A 158 -48.08 -39.72 -10.96
N VAL A 159 -48.33 -38.54 -11.51
CA VAL A 159 -49.64 -37.90 -11.38
C VAL A 159 -50.26 -37.57 -12.73
N ASN A 160 -51.54 -37.91 -12.88
CA ASN A 160 -52.29 -37.65 -14.11
C ASN A 160 -52.38 -36.18 -14.42
N ALA A 161 -52.82 -35.39 -13.45
CA ALA A 161 -52.99 -33.97 -13.64
C ALA A 161 -53.18 -33.28 -12.30
N THR A 162 -52.94 -31.97 -12.30
CA THR A 162 -53.05 -31.15 -11.11
C THR A 162 -54.50 -30.94 -10.66
N GLU A 163 -55.47 -31.43 -11.43
CA GLU A 163 -56.88 -31.37 -11.05
C GLU A 163 -57.22 -32.15 -9.77
N GLU A 164 -56.39 -33.15 -9.43
CA GLU A 164 -56.49 -34.02 -8.24
C GLU A 164 -56.27 -35.48 -8.68
N SER A 165 -55.97 -36.37 -7.74
CA SER A 165 -55.76 -37.78 -8.04
C SER A 165 -55.55 -38.62 -6.81
N ASP A 166 -55.76 -39.92 -6.97
CA ASP A 166 -55.47 -40.86 -5.90
C ASP A 166 -53.98 -40.87 -5.65
N ALA A 167 -53.21 -40.61 -6.71
CA ALA A 167 -51.77 -40.51 -6.63
C ALA A 167 -51.39 -39.35 -5.73
N LEU A 168 -52.14 -38.26 -5.82
CA LEU A 168 -51.88 -37.09 -5.00
C LEU A 168 -52.28 -37.34 -3.56
N ALA A 169 -53.32 -38.14 -3.35
CA ALA A 169 -53.68 -38.49 -1.98
C ALA A 169 -52.52 -39.26 -1.36
N LYS A 170 -51.93 -40.17 -2.14
CA LYS A 170 -50.79 -40.94 -1.71
C LYS A 170 -49.57 -40.05 -1.50
N LEU A 171 -49.40 -39.09 -2.41
CA LEU A 171 -48.30 -38.13 -2.31
C LEU A 171 -48.40 -37.33 -1.04
N ARG A 172 -49.59 -36.84 -0.71
CA ARG A 172 -49.78 -36.10 0.52
C ARG A 172 -49.38 -36.95 1.71
N LYS A 173 -49.78 -38.21 1.70
CA LYS A 173 -49.42 -39.13 2.76
C LYS A 173 -47.93 -39.34 2.81
N THR A 174 -47.31 -39.45 1.62
CA THR A 174 -45.88 -39.63 1.49
C THR A 174 -45.12 -38.47 2.03
N ILE A 175 -45.51 -37.26 1.64
CA ILE A 175 -44.83 -36.06 2.09
C ILE A 175 -44.89 -35.93 3.58
N ILE A 176 -46.06 -36.14 4.16
CA ILE A 176 -46.20 -36.03 5.59
C ILE A 176 -45.35 -37.05 6.31
N ASN A 177 -45.51 -38.31 5.96
CA ASN A 177 -44.80 -39.36 6.62
C ASN A 177 -43.31 -39.27 6.41
N GLU A 178 -42.90 -38.89 5.21
CA GLU A 178 -41.50 -38.80 4.91
C GLU A 178 -40.85 -37.63 5.59
N SER A 179 -41.57 -36.51 5.72
CA SER A 179 -40.99 -35.38 6.42
C SER A 179 -40.79 -35.72 7.89
N LEU A 180 -41.66 -36.57 8.42
CA LEU A 180 -41.53 -37.02 9.78
C LEU A 180 -40.31 -37.94 9.88
N ASN A 181 -40.15 -38.81 8.88
CA ASN A 181 -39.03 -39.73 8.80
C ASN A 181 -37.71 -38.98 8.69
N PHE A 182 -37.71 -37.90 7.92
CA PHE A 182 -36.55 -37.06 7.78
C PHE A 182 -36.10 -36.49 9.08
N LYS A 183 -37.03 -35.92 9.82
CA LYS A 183 -36.62 -35.38 11.09
C LYS A 183 -36.16 -36.48 12.03
N ILE A 184 -36.70 -37.68 11.89
CA ILE A 184 -36.18 -38.80 12.65
C ILE A 184 -34.72 -39.03 12.26
N ARG A 185 -34.44 -38.97 10.95
CA ARG A 185 -33.07 -39.12 10.45
C ARG A 185 -32.17 -38.03 11.02
N ASP A 186 -32.68 -36.80 11.12
CA ASP A 186 -31.91 -35.74 11.74
C ASP A 186 -31.61 -36.07 13.17
N GLN A 187 -32.56 -36.63 13.90
CA GLN A 187 -32.29 -37.02 15.28
C GLN A 187 -31.20 -38.07 15.35
N LEU A 188 -31.16 -38.96 14.37
CA LEU A 188 -30.14 -40.00 14.32
C LEU A 188 -28.75 -39.41 14.03
N VAL A 189 -28.68 -38.33 13.25
CA VAL A 189 -27.39 -37.71 12.92
C VAL A 189 -27.14 -36.37 13.61
N VAL A 190 -28.04 -35.43 13.38
CA VAL A 190 -27.98 -34.08 13.92
C VAL A 190 -28.31 -34.04 15.41
N GLY A 191 -29.38 -34.74 15.79
CA GLY A 191 -29.87 -34.74 17.15
C GLY A 191 -31.16 -33.92 17.29
N GLN A 192 -31.88 -33.69 16.19
CA GLN A 192 -33.11 -32.91 16.24
C GLN A 192 -34.30 -33.56 15.48
N LEU A 193 -35.48 -33.50 16.08
CA LEU A 193 -36.77 -33.99 15.53
C LEU A 193 -37.69 -32.86 15.08
N ILE A 194 -38.85 -33.23 14.53
CA ILE A 194 -39.84 -32.23 14.12
C ILE A 194 -40.49 -31.48 15.29
N PRO A 195 -40.31 -31.92 16.56
CA PRO A 195 -40.65 -31.06 17.69
C PRO A 195 -39.39 -30.74 18.46
N ASP A 196 -38.29 -30.48 17.74
CA ASP A 196 -37.07 -30.15 18.43
C ASP A 196 -37.22 -28.87 19.17
N CYS A 197 -36.67 -28.85 20.37
CA CYS A 197 -36.79 -27.68 21.18
C CYS A 197 -35.69 -26.66 20.90
N TYR A 198 -36.11 -25.43 20.66
CA TYR A 198 -35.21 -24.31 20.41
C TYR A 198 -35.50 -23.24 21.42
N VAL A 199 -34.51 -22.43 21.74
CA VAL A 199 -34.73 -21.43 22.77
C VAL A 199 -35.92 -20.56 22.41
N GLU A 200 -36.88 -20.51 23.33
CA GLU A 200 -38.16 -19.79 23.17
C GLU A 200 -38.01 -18.33 22.81
N LEU A 201 -36.87 -17.77 23.15
CA LEU A 201 -36.60 -16.39 22.92
C LEU A 201 -36.38 -16.15 21.44
N GLU A 202 -35.83 -17.16 20.76
CA GLU A 202 -35.62 -17.08 19.32
C GLU A 202 -36.98 -17.16 18.65
N LYS A 203 -37.85 -18.01 19.21
CA LYS A 203 -39.22 -18.12 18.72
C LYS A 203 -39.94 -16.78 18.82
N ILE A 204 -39.75 -16.10 19.95
CA ILE A 204 -40.35 -14.79 20.14
C ILE A 204 -39.85 -13.82 19.10
N ILE A 205 -38.55 -13.82 18.83
CA ILE A 205 -37.99 -12.93 17.82
C ILE A 205 -38.62 -13.15 16.48
N LEU A 206 -38.84 -14.42 16.11
CA LEU A 206 -39.50 -14.73 14.86
C LEU A 206 -40.82 -13.97 14.77
N SER A 207 -41.62 -14.05 15.82
CA SER A 207 -42.90 -13.34 15.87
C SER A 207 -42.69 -11.82 15.80
N GLU A 208 -41.65 -11.32 16.46
CA GLU A 208 -41.38 -9.89 16.45
C GLU A 208 -41.01 -9.43 15.04
N ARG A 209 -40.29 -10.27 14.31
CA ARG A 209 -39.90 -9.95 12.96
C ARG A 209 -41.07 -10.08 12.01
N LYS A 210 -41.99 -10.98 12.32
CA LYS A 210 -43.21 -11.09 11.55
C LYS A 210 -43.96 -9.77 11.59
N ASN A 211 -44.06 -9.19 12.78
CA ASN A 211 -44.78 -7.93 12.96
C ASN A 211 -43.97 -6.70 12.60
N VAL A 212 -43.63 -6.56 11.32
CA VAL A 212 -42.87 -5.40 10.84
C VAL A 212 -43.48 -4.72 9.62
N PRO A 213 -43.91 -3.47 9.77
CA PRO A 213 -44.42 -2.64 8.67
C PRO A 213 -43.43 -1.54 8.26
N ILE A 214 -42.59 -1.81 7.26
CA ILE A 214 -41.62 -0.81 6.77
C ILE A 214 -41.68 -0.66 5.25
N GLU A 215 -41.74 0.59 4.77
CA GLU A 215 -41.80 0.90 3.33
C GLU A 215 -40.64 0.32 2.53
N PHE A 216 -39.42 0.54 3.03
CA PHE A 216 -38.17 -0.02 2.48
C PHE A 216 -37.57 -0.92 3.55
N PRO A 217 -38.09 -2.15 3.68
CA PRO A 217 -37.84 -3.15 4.73
C PRO A 217 -36.39 -3.63 4.90
N VAL A 218 -35.51 -2.68 5.19
CA VAL A 218 -34.11 -2.93 5.49
C VAL A 218 -33.97 -2.57 6.95
N ILE A 219 -33.61 -3.55 7.77
CA ILE A 219 -33.64 -3.34 9.21
C ILE A 219 -32.31 -3.24 9.93
N ASP A 220 -32.25 -2.21 10.77
CA ASP A 220 -31.12 -1.88 11.64
C ASP A 220 -31.63 -1.65 13.05
N ARG A 221 -32.87 -1.11 13.15
CA ARG A 221 -33.58 -0.86 14.40
C ARG A 221 -33.79 -2.10 15.28
N LYS A 222 -33.48 -3.28 14.76
CA LYS A 222 -33.52 -4.54 15.47
C LYS A 222 -32.94 -4.44 16.88
N ARG A 223 -31.88 -3.65 17.05
CA ARG A 223 -31.28 -3.43 18.35
C ARG A 223 -32.30 -2.85 19.31
N LEU A 224 -33.08 -1.89 18.81
CA LEU A 224 -34.14 -1.28 19.57
C LEU A 224 -35.21 -2.29 19.83
N LEU A 225 -35.55 -3.07 18.82
CA LEU A 225 -36.60 -4.06 18.94
C LEU A 225 -36.25 -5.08 20.02
N GLN A 226 -34.96 -5.38 20.17
CA GLN A 226 -34.48 -6.22 21.27
C GLN A 226 -34.85 -5.55 22.58
N LEU A 227 -34.62 -4.24 22.65
CA LEU A 227 -34.95 -3.44 23.83
C LEU A 227 -36.46 -3.24 24.01
N VAL A 228 -37.23 -3.32 22.91
CA VAL A 228 -38.68 -3.23 23.01
C VAL A 228 -39.20 -4.43 23.73
N ARG A 229 -38.79 -5.61 23.28
CA ARG A 229 -39.17 -6.85 23.96
C ARG A 229 -38.27 -7.12 25.17
N GLU A 230 -38.31 -6.20 26.14
CA GLU A 230 -37.48 -6.29 27.33
C GLU A 230 -36.02 -6.33 26.89
N ASN A 231 -35.39 -7.49 27.01
CA ASN A 231 -34.04 -7.70 26.53
C ASN A 231 -33.74 -9.18 26.62
N GLN A 232 -34.11 -9.91 25.60
CA GLN A 232 -33.92 -11.36 25.60
C GLN A 232 -32.69 -11.72 24.80
N LEU A 233 -32.10 -12.88 25.09
CA LEU A 233 -30.89 -13.30 24.40
C LEU A 233 -29.82 -12.25 24.52
N GLN A 234 -29.67 -11.75 25.75
CA GLN A 234 -28.76 -10.67 26.10
C GLN A 234 -27.29 -10.91 25.80
N LEU A 235 -26.89 -12.14 25.49
CA LEU A 235 -25.49 -12.36 25.14
C LEU A 235 -25.31 -11.97 23.70
N ASP A 236 -25.10 -10.68 23.49
CA ASP A 236 -24.91 -10.10 22.18
C ASP A 236 -23.75 -10.76 21.44
N GLU A 237 -22.75 -11.19 22.20
CA GLU A 237 -21.59 -11.89 21.66
C GLU A 237 -21.84 -13.37 21.30
N ASN A 238 -22.97 -13.95 21.69
CA ASN A 238 -23.20 -15.34 21.39
C ASN A 238 -24.64 -15.69 21.02
N GLU A 239 -25.59 -15.29 21.88
CA GLU A 239 -26.99 -15.59 21.67
C GLU A 239 -27.55 -14.82 20.50
N LEU A 240 -27.14 -13.57 20.37
CA LEU A 240 -27.58 -12.75 19.27
C LEU A 240 -27.17 -13.36 17.91
N PRO A 241 -25.91 -13.76 17.71
CA PRO A 241 -25.42 -14.45 16.53
C PRO A 241 -26.18 -15.73 16.26
N HIS A 242 -26.55 -16.45 17.31
CA HIS A 242 -27.29 -17.68 17.11
C HIS A 242 -28.70 -17.41 16.65
N ALA A 243 -29.31 -16.35 17.19
CA ALA A 243 -30.64 -16.00 16.77
C ALA A 243 -30.63 -15.65 15.30
N VAL A 244 -29.66 -14.84 14.88
CA VAL A 244 -29.56 -14.43 13.49
C VAL A 244 -29.33 -15.63 12.59
N HIS A 245 -28.44 -16.52 13.01
CA HIS A 245 -28.15 -17.73 12.27
C HIS A 245 -29.42 -18.52 12.04
N PHE A 246 -30.18 -18.71 13.10
CA PHE A 246 -31.46 -19.38 13.07
C PHE A 246 -32.42 -18.70 12.10
N LEU A 247 -32.49 -17.38 12.17
CA LEU A 247 -33.39 -16.61 11.34
C LEU A 247 -33.11 -16.77 9.83
N ASN A 248 -31.85 -16.91 9.42
CA ASN A 248 -31.63 -17.21 8.00
C ASN A 248 -31.99 -18.66 7.70
N GLU A 249 -31.57 -19.61 8.53
CA GLU A 249 -31.88 -21.01 8.23
C GLU A 249 -33.38 -21.29 8.25
N SER A 250 -34.10 -20.63 9.13
CA SER A 250 -35.54 -20.79 9.25
C SER A 250 -36.34 -19.99 8.21
N GLY A 251 -35.66 -19.12 7.45
CA GLY A 251 -36.37 -18.35 6.43
C GLY A 251 -37.21 -17.23 7.00
N VAL A 252 -36.69 -16.50 7.98
CA VAL A 252 -37.42 -15.40 8.58
C VAL A 252 -36.89 -14.05 8.10
N LEU A 253 -35.58 -13.89 8.15
CA LEU A 253 -34.98 -12.66 7.64
C LEU A 253 -33.60 -12.95 7.10
N LEU A 254 -33.04 -11.99 6.38
CA LEU A 254 -31.78 -12.21 5.70
C LEU A 254 -30.60 -11.32 6.05
N HIS A 255 -29.62 -11.87 6.75
CA HIS A 255 -28.31 -11.20 6.79
C HIS A 255 -27.59 -11.46 5.49
N PHE A 256 -26.60 -10.64 5.17
CA PHE A 256 -25.80 -10.89 3.98
C PHE A 256 -24.33 -10.89 4.31
N GLN A 257 -23.94 -11.81 5.17
CA GLN A 257 -22.56 -11.92 5.62
C GLN A 257 -21.69 -12.86 4.80
N ALA A 260 -17.65 -9.99 2.01
CA ALA A 260 -17.40 -8.73 2.69
C ALA A 260 -18.21 -7.60 2.06
N LEU A 261 -19.52 -7.60 2.32
CA LEU A 261 -20.43 -6.59 1.81
C LEU A 261 -20.63 -5.51 2.86
N GLN A 262 -21.00 -4.31 2.45
CA GLN A 262 -21.24 -3.31 3.46
C GLN A 262 -22.67 -3.50 3.94
N LEU A 263 -23.56 -3.81 2.99
CA LEU A 263 -24.94 -4.11 3.35
C LEU A 263 -25.00 -5.56 3.79
N SER A 264 -24.55 -5.81 5.01
CA SER A 264 -24.42 -7.18 5.52
C SER A 264 -24.94 -7.40 6.93
N ASP A 265 -24.20 -6.85 7.90
CA ASP A 265 -24.44 -7.03 9.32
C ASP A 265 -25.60 -6.25 9.89
N LEU A 266 -25.74 -5.00 9.48
CA LEU A 266 -26.75 -4.11 10.04
C LEU A 266 -27.92 -3.88 9.13
N TYR A 267 -28.08 -4.73 8.13
CA TYR A 267 -29.10 -4.54 7.13
C TYR A 267 -29.90 -5.82 6.90
N PHE A 268 -30.89 -6.07 7.73
CA PHE A 268 -31.67 -7.29 7.60
C PHE A 268 -32.80 -7.02 6.63
N VAL A 269 -32.85 -7.76 5.53
CA VAL A 269 -33.83 -7.42 4.49
C VAL A 269 -34.92 -8.46 4.23
N GLU A 270 -36.15 -7.95 4.12
CA GLU A 270 -37.32 -8.78 3.79
C GLU A 270 -37.09 -9.57 2.49
N PRO A 271 -37.13 -10.91 2.54
CA PRO A 271 -36.94 -11.86 1.45
C PRO A 271 -37.78 -11.53 0.23
N LYS A 272 -39.00 -11.06 0.47
CA LYS A 272 -39.89 -10.70 -0.62
C LYS A 272 -39.32 -9.62 -1.49
N TRP A 273 -38.66 -8.63 -0.90
CA TRP A 273 -38.07 -7.57 -1.71
C TRP A 273 -36.83 -8.00 -2.38
N LEU A 274 -36.00 -8.74 -1.66
CA LEU A 274 -34.76 -9.21 -2.24
C LEU A 274 -35.03 -9.93 -3.52
N CYS A 275 -35.91 -10.91 -3.44
CA CYS A 275 -36.24 -11.74 -4.57
C CYS A 275 -36.95 -10.97 -5.67
N LYS A 276 -38.01 -10.25 -5.30
CA LYS A 276 -38.82 -9.55 -6.27
C LYS A 276 -38.07 -8.51 -7.06
N ILE A 277 -37.42 -7.58 -6.37
CA ILE A 277 -36.76 -6.51 -7.07
C ILE A 277 -35.62 -6.97 -7.93
N MET A 278 -34.77 -7.84 -7.43
CA MET A 278 -33.64 -8.24 -8.25
C MET A 278 -34.09 -9.04 -9.46
N ALA A 279 -35.09 -9.90 -9.28
CA ALA A 279 -35.61 -10.67 -10.38
C ALA A 279 -36.23 -9.77 -11.43
N GLN A 280 -36.98 -8.77 -10.98
CA GLN A 280 -37.62 -7.89 -11.92
C GLN A 280 -36.62 -7.07 -12.69
N ILE A 281 -35.62 -6.51 -12.00
CA ILE A 281 -34.61 -5.71 -12.68
C ILE A 281 -33.89 -6.48 -13.75
N LEU A 282 -33.64 -7.76 -13.51
CA LEU A 282 -33.08 -8.61 -14.54
C LEU A 282 -33.91 -8.55 -15.80
N THR A 283 -35.23 -8.66 -15.64
CA THR A 283 -36.12 -8.66 -16.79
C THR A 283 -36.51 -7.26 -17.30
N VAL A 284 -36.29 -6.22 -16.49
CA VAL A 284 -36.64 -4.87 -16.98
C VAL A 284 -35.82 -4.53 -18.18
N GLY A 295 -26.49 -8.10 -24.66
CA GLY A 295 -27.15 -7.91 -23.38
C GLY A 295 -26.35 -6.99 -22.45
N ILE A 296 -25.41 -6.22 -23.00
CA ILE A 296 -24.63 -5.34 -22.14
C ILE A 296 -25.38 -4.07 -21.86
N ILE A 297 -25.54 -3.75 -20.58
CA ILE A 297 -26.30 -2.57 -20.20
C ILE A 297 -25.50 -1.65 -19.31
N SER A 298 -25.50 -0.36 -19.63
CA SER A 298 -24.78 0.59 -18.81
C SER A 298 -25.38 0.71 -17.43
N ARG A 299 -24.49 0.75 -16.46
CA ARG A 299 -24.81 0.94 -15.06
C ARG A 299 -25.73 2.10 -14.85
N ARG A 300 -25.46 3.20 -15.55
CA ARG A 300 -26.16 4.43 -15.31
C ARG A 300 -27.59 4.36 -15.72
N ASP A 301 -27.86 3.66 -16.81
CA ASP A 301 -29.22 3.53 -17.25
C ASP A 301 -29.98 2.64 -16.30
N VAL A 302 -29.28 1.66 -15.72
CA VAL A 302 -29.89 0.83 -14.69
C VAL A 302 -30.23 1.69 -13.49
N GLU A 303 -29.31 2.57 -13.10
CA GLU A 303 -29.52 3.47 -11.98
C GLU A 303 -30.71 4.36 -12.20
N LYS A 304 -30.85 4.86 -13.43
CA LYS A 304 -31.97 5.72 -13.77
C LYS A 304 -33.29 5.02 -13.56
N PHE A 305 -33.41 3.81 -14.12
CA PHE A 305 -34.63 3.07 -13.94
C PHE A 305 -34.91 2.77 -12.47
N LEU A 306 -33.91 2.21 -11.78
CA LEU A 306 -34.03 1.84 -10.38
C LEU A 306 -34.49 2.99 -9.51
N SER A 307 -33.96 4.20 -9.75
CA SER A 307 -34.33 5.36 -8.96
C SER A 307 -35.81 5.72 -9.10
N LYS A 308 -36.45 5.29 -10.18
CA LYS A 308 -37.85 5.56 -10.39
C LYS A 308 -38.69 4.42 -9.83
N LYS A 309 -38.14 3.21 -9.91
CA LYS A 309 -38.81 2.01 -9.42
C LYS A 309 -38.88 2.00 -7.90
N ARG A 310 -37.73 2.09 -7.26
CA ARG A 310 -37.64 2.17 -5.81
C ARG A 310 -36.52 3.10 -5.41
N LYS A 311 -36.92 4.19 -4.77
CA LYS A 311 -36.01 5.25 -4.37
C LYS A 311 -35.04 4.83 -3.27
N PHE A 312 -34.05 4.03 -3.62
CA PHE A 312 -33.03 3.60 -2.69
C PHE A 312 -31.98 4.68 -2.53
N PRO A 313 -31.40 4.80 -1.34
CA PRO A 313 -30.27 5.66 -1.03
C PRO A 313 -29.16 5.24 -1.96
N LYS A 314 -28.38 6.19 -2.42
CA LYS A 314 -27.29 5.87 -3.34
C LYS A 314 -26.28 4.92 -2.71
N ASN A 315 -26.14 4.98 -1.39
CA ASN A 315 -25.27 4.07 -0.68
C ASN A 315 -25.80 2.66 -0.86
N TYR A 316 -27.12 2.52 -0.72
CA TYR A 316 -27.76 1.23 -0.88
C TYR A 316 -27.68 0.80 -2.33
N MET A 317 -27.73 1.76 -3.26
CA MET A 317 -27.62 1.44 -4.67
C MET A 317 -26.26 0.86 -4.99
N SER A 318 -25.19 1.35 -4.36
CA SER A 318 -23.88 0.77 -4.63
C SER A 318 -23.83 -0.66 -4.14
N GLN A 319 -24.55 -0.93 -3.06
CA GLN A 319 -24.60 -2.26 -2.50
C GLN A 319 -25.52 -3.12 -3.32
N TYR A 320 -26.54 -2.50 -3.90
CA TYR A 320 -27.47 -3.17 -4.76
C TYR A 320 -26.72 -3.79 -5.91
N PHE A 321 -25.85 -3.01 -6.53
CA PHE A 321 -25.06 -3.52 -7.63
C PHE A 321 -24.13 -4.62 -7.16
N LYS A 322 -23.59 -4.48 -5.96
CA LYS A 322 -22.71 -5.51 -5.45
C LYS A 322 -23.49 -6.80 -5.23
N LEU A 323 -24.74 -6.68 -4.78
CA LEU A 323 -25.60 -7.84 -4.60
C LEU A 323 -25.93 -8.48 -5.93
N LEU A 324 -26.07 -7.68 -6.98
CA LEU A 324 -26.35 -8.26 -8.29
C LEU A 324 -25.22 -9.17 -8.69
N GLU A 325 -23.98 -8.78 -8.38
CA GLU A 325 -22.85 -9.65 -8.63
C GLU A 325 -22.92 -10.90 -7.76
N LYS A 326 -23.11 -10.68 -6.47
CA LYS A 326 -23.15 -11.75 -5.48
C LYS A 326 -24.17 -12.82 -5.84
N PHE A 327 -25.34 -12.38 -6.26
CA PHE A 327 -26.41 -13.28 -6.64
C PHE A 327 -26.43 -13.66 -8.11
N GLN A 328 -25.34 -13.38 -8.83
CA GLN A 328 -25.20 -13.77 -10.23
C GLN A 328 -26.28 -13.23 -11.15
N ILE A 329 -26.76 -12.03 -10.87
CA ILE A 329 -27.78 -11.42 -11.70
C ILE A 329 -27.11 -10.63 -12.78
N ALA A 330 -26.09 -9.88 -12.41
CA ALA A 330 -25.35 -9.11 -13.38
C ALA A 330 -23.92 -8.95 -12.95
N LEU A 331 -23.00 -9.05 -13.89
CA LEU A 331 -21.59 -8.96 -13.57
C LEU A 331 -21.02 -7.65 -14.05
N PRO A 332 -20.14 -7.02 -13.29
CA PRO A 332 -19.44 -5.81 -13.67
C PRO A 332 -18.53 -6.05 -14.86
N ILE A 333 -18.59 -5.18 -15.85
CA ILE A 333 -17.67 -5.26 -16.98
C ILE A 333 -16.68 -4.14 -16.76
N GLY A 334 -16.97 -2.97 -17.33
CA GLY A 334 -16.17 -1.79 -17.05
C GLY A 334 -16.84 -1.17 -15.87
N GLU A 335 -16.33 -0.08 -15.35
CA GLU A 335 -16.98 0.49 -14.18
C GLU A 335 -18.38 1.05 -14.53
N GLU A 336 -18.63 1.31 -15.81
CA GLU A 336 -19.92 1.82 -16.23
C GLU A 336 -20.84 0.77 -16.84
N TYR A 337 -20.48 -0.51 -16.81
CA TYR A 337 -21.32 -1.52 -17.49
C TYR A 337 -21.58 -2.81 -16.75
N LEU A 338 -22.70 -3.44 -17.08
CA LEU A 338 -23.05 -4.75 -16.57
C LEU A 338 -23.23 -5.77 -17.68
N LEU A 339 -22.77 -6.99 -17.44
CA LEU A 339 -22.87 -8.06 -18.42
C LEU A 339 -24.22 -8.70 -18.45
N VAL A 340 -24.77 -9.00 -17.29
CA VAL A 340 -26.08 -9.64 -17.20
C VAL A 340 -26.13 -11.01 -17.85
N PRO A 341 -25.29 -11.95 -17.41
CA PRO A 341 -25.14 -13.32 -17.91
C PRO A 341 -26.45 -13.94 -18.35
N SER A 342 -27.46 -13.87 -17.51
CA SER A 342 -28.74 -14.42 -17.89
C SER A 342 -29.31 -13.60 -19.02
N SER A 343 -29.76 -14.29 -20.06
CA SER A 343 -30.31 -13.69 -21.27
C SER A 343 -29.26 -13.41 -22.33
N LEU A 344 -27.97 -13.66 -22.05
CA LEU A 344 -27.00 -13.47 -23.12
C LEU A 344 -27.32 -14.45 -24.22
N SER A 345 -27.03 -14.06 -25.45
CA SER A 345 -27.30 -14.93 -26.58
C SER A 345 -26.68 -16.28 -26.38
N ASP A 346 -27.42 -17.32 -26.72
CA ASP A 346 -26.91 -18.66 -26.59
C ASP A 346 -26.66 -19.27 -27.95
N HIS A 347 -26.14 -18.46 -28.87
CA HIS A 347 -25.82 -18.90 -30.21
C HIS A 347 -24.41 -18.46 -30.57
N ARG A 348 -23.43 -19.07 -29.89
CA ARG A 348 -21.99 -18.80 -30.05
C ARG A 348 -21.68 -18.09 -31.35
N PRO A 349 -21.33 -16.81 -31.29
CA PRO A 349 -21.00 -15.91 -32.37
C PRO A 349 -19.91 -16.49 -33.23
N VAL A 350 -19.95 -16.19 -34.51
CA VAL A 350 -18.93 -16.70 -35.40
C VAL A 350 -17.61 -16.04 -35.12
N ILE A 351 -16.63 -16.85 -34.75
CA ILE A 351 -15.29 -16.36 -34.43
C ILE A 351 -14.25 -16.98 -35.33
N GLU A 352 -13.53 -16.13 -36.05
CA GLU A 352 -12.45 -16.62 -36.88
C GLU A 352 -11.15 -16.48 -36.13
N LEU A 353 -10.53 -17.59 -35.82
CA LEU A 353 -9.28 -17.55 -35.09
C LEU A 353 -8.11 -17.51 -36.04
N PRO A 354 -7.03 -16.86 -35.66
CA PRO A 354 -5.77 -16.82 -36.35
C PRO A 354 -5.12 -18.09 -35.93
N HIS A 355 -4.31 -18.69 -36.81
CA HIS A 355 -3.64 -19.96 -36.54
C HIS A 355 -4.57 -21.13 -36.85
N CYS A 356 -4.03 -22.11 -37.55
CA CYS A 356 -4.86 -23.18 -38.08
C CYS A 356 -4.18 -24.54 -38.02
N GLU A 357 -2.87 -24.59 -38.26
CA GLU A 357 -2.15 -25.85 -38.20
C GLU A 357 -2.14 -26.33 -36.78
N ASN A 358 -2.13 -27.64 -36.59
CA ASN A 358 -2.25 -28.20 -35.26
C ASN A 358 -1.20 -27.68 -34.29
N SER A 359 0.04 -27.57 -34.76
CA SER A 359 1.14 -27.12 -33.91
C SER A 359 1.08 -25.65 -33.54
N GLU A 360 0.17 -24.89 -34.12
CA GLU A 360 0.13 -23.49 -33.79
C GLU A 360 -0.64 -23.20 -32.51
N ILE A 361 -1.44 -24.14 -32.02
CA ILE A 361 -2.27 -23.89 -30.85
C ILE A 361 -2.22 -24.98 -29.80
N ILE A 362 -2.70 -24.65 -28.61
CA ILE A 362 -2.78 -25.58 -27.50
C ILE A 362 -4.23 -25.76 -27.08
N ILE A 363 -4.68 -27.01 -26.98
CA ILE A 363 -6.07 -27.30 -26.62
C ILE A 363 -6.23 -28.16 -25.38
N ARG A 364 -7.12 -27.74 -24.49
CA ARG A 364 -7.38 -28.47 -23.24
C ARG A 364 -8.87 -28.74 -23.03
N LEU A 365 -9.23 -30.00 -22.74
CA LEU A 365 -10.63 -30.37 -22.55
C LEU A 365 -11.00 -30.83 -21.15
N TYR A 366 -12.22 -30.49 -20.74
CA TYR A 366 -12.78 -30.92 -19.45
C TYR A 366 -14.05 -31.70 -19.60
N GLU A 367 -14.00 -33.02 -19.43
CA GLU A 367 -15.20 -33.84 -19.60
C GLU A 367 -16.06 -33.93 -18.33
N MET A 368 -17.31 -33.54 -18.46
CA MET A 368 -18.27 -33.52 -17.36
C MET A 368 -19.56 -34.20 -17.76
N PRO A 369 -20.30 -34.78 -16.82
CA PRO A 369 -21.57 -35.46 -17.03
C PRO A 369 -22.69 -34.47 -17.26
N TYR A 370 -22.50 -33.25 -16.77
CA TYR A 370 -23.43 -32.14 -16.89
C TYR A 370 -22.82 -30.95 -16.19
N PHE A 371 -23.16 -29.75 -16.64
CA PHE A 371 -22.65 -28.59 -15.96
C PHE A 371 -23.55 -28.27 -14.79
N PRO A 372 -23.01 -27.96 -13.62
CA PRO A 372 -23.70 -27.52 -12.42
C PRO A 372 -24.43 -26.22 -12.69
N MET A 373 -25.55 -26.01 -12.02
CA MET A 373 -26.29 -24.78 -12.23
C MET A 373 -25.49 -23.61 -11.72
N GLY A 374 -25.34 -22.60 -12.56
CA GLY A 374 -24.59 -21.42 -12.20
C GLY A 374 -23.09 -21.57 -12.51
N PHE A 375 -22.69 -22.74 -13.01
CA PHE A 375 -21.30 -22.99 -13.34
C PHE A 375 -20.75 -21.94 -14.25
N TRP A 376 -21.48 -21.67 -15.32
CA TRP A 376 -21.03 -20.73 -16.31
C TRP A 376 -21.03 -19.29 -15.88
N SER A 377 -22.01 -18.87 -15.10
CA SER A 377 -21.98 -17.47 -14.73
C SER A 377 -20.86 -17.20 -13.77
N ARG A 378 -20.54 -18.18 -12.93
CA ARG A 378 -19.44 -18.01 -12.01
C ARG A 378 -18.12 -18.05 -12.74
N LEU A 379 -18.00 -18.96 -13.69
CA LEU A 379 -16.79 -19.09 -14.46
C LEU A 379 -16.50 -17.82 -15.20
N ILE A 380 -17.50 -17.26 -15.85
CA ILE A 380 -17.34 -16.02 -16.58
C ILE A 380 -16.88 -14.91 -15.69
N ASN A 381 -17.48 -14.78 -14.51
CA ASN A 381 -17.07 -13.72 -13.62
C ASN A 381 -15.59 -13.79 -13.33
N ARG A 382 -15.05 -14.99 -13.14
CA ARG A 382 -13.64 -15.13 -12.89
C ARG A 382 -12.77 -14.87 -14.12
N LEU A 383 -13.18 -15.39 -15.28
CA LEU A 383 -12.36 -15.30 -16.47
C LEU A 383 -12.23 -13.88 -17.04
N LEU A 384 -13.17 -13.00 -16.71
CA LEU A 384 -13.10 -11.63 -17.21
C LEU A 384 -11.84 -10.85 -16.82
N GLU A 385 -11.13 -11.27 -15.79
CA GLU A 385 -9.96 -10.51 -15.37
C GLU A 385 -8.63 -11.01 -15.91
N ILE A 386 -8.66 -11.97 -16.81
CA ILE A 386 -7.44 -12.53 -17.40
C ILE A 386 -6.63 -11.55 -18.22
N SER A 387 -5.32 -11.58 -18.04
CA SER A 387 -4.43 -10.71 -18.80
C SER A 387 -3.00 -11.20 -18.87
N PRO A 388 -2.44 -11.35 -20.08
CA PRO A 388 -1.10 -11.78 -20.37
C PRO A 388 -0.08 -10.69 -20.08
N TYR A 389 -0.57 -9.49 -19.76
CA TYR A 389 0.32 -8.38 -19.49
C TYR A 389 0.36 -8.02 -18.02
N MET A 390 -0.39 -8.74 -17.18
CA MET A 390 -0.48 -8.32 -15.79
C MET A 390 0.84 -8.46 -15.08
N LEU A 391 1.73 -9.31 -15.59
CA LEU A 391 3.05 -9.49 -15.00
C LEU A 391 3.89 -8.23 -15.06
N LEU A 398 -3.43 -2.69 -24.29
CA LEU A 398 -4.70 -2.36 -24.89
C LEU A 398 -5.74 -3.35 -24.41
N ARG A 399 -6.99 -2.93 -24.33
CA ARG A 399 -8.03 -3.84 -23.87
C ARG A 399 -8.46 -4.77 -25.02
N PRO A 400 -8.81 -6.01 -24.71
CA PRO A 400 -9.19 -7.06 -25.62
C PRO A 400 -10.57 -6.90 -26.20
N ASN A 401 -10.74 -7.39 -27.41
CA ASN A 401 -12.02 -7.37 -28.10
C ASN A 401 -12.88 -8.52 -27.62
N ARG A 402 -13.50 -8.34 -26.47
CA ARG A 402 -14.26 -9.42 -25.87
C ARG A 402 -15.60 -9.73 -26.52
N MET A 403 -15.93 -11.02 -26.58
CA MET A 403 -17.22 -11.50 -27.09
C MET A 403 -17.81 -12.50 -26.11
N TYR A 404 -19.14 -12.63 -26.06
CA TYR A 404 -19.72 -13.53 -25.07
C TYR A 404 -20.74 -14.47 -25.70
N TRP A 405 -20.68 -15.75 -25.35
CA TRP A 405 -21.60 -16.73 -25.89
C TRP A 405 -22.62 -17.20 -24.92
N ARG A 406 -22.65 -16.66 -23.71
CA ARG A 406 -23.31 -17.33 -22.57
C ARG A 406 -22.55 -18.59 -22.09
N GLN A 407 -22.28 -19.50 -23.01
CA GLN A 407 -21.52 -20.72 -22.78
C GLN A 407 -20.04 -20.57 -23.17
N GLY A 408 -19.51 -19.35 -23.15
CA GLY A 408 -18.12 -19.17 -23.53
C GLY A 408 -17.70 -17.71 -23.67
N ILE A 409 -16.39 -17.48 -23.60
CA ILE A 409 -15.79 -16.14 -23.70
C ILE A 409 -14.69 -16.09 -24.71
N TYR A 410 -14.67 -15.07 -25.53
CA TYR A 410 -13.55 -14.91 -26.43
C TYR A 410 -12.82 -13.63 -26.12
N LEU A 411 -11.54 -13.74 -25.82
CA LEU A 411 -10.73 -12.56 -25.58
C LEU A 411 -9.83 -12.42 -26.78
N ASN A 412 -9.54 -11.22 -27.22
CA ASN A 412 -8.71 -11.13 -28.42
C ASN A 412 -7.32 -10.65 -28.17
N TRP A 413 -7.16 -9.43 -27.66
CA TRP A 413 -5.85 -8.83 -27.41
C TRP A 413 -5.04 -8.63 -28.68
N SER A 414 -4.48 -9.70 -29.22
CA SER A 414 -3.65 -9.65 -30.41
C SER A 414 -3.49 -11.02 -31.02
N PRO A 415 -3.26 -11.13 -32.33
CA PRO A 415 -2.96 -12.36 -33.04
C PRO A 415 -1.83 -13.11 -32.35
N GLU A 416 -0.94 -12.36 -31.70
CA GLU A 416 0.13 -12.92 -30.91
C GLU A 416 -0.37 -13.71 -29.70
N ALA A 417 -1.41 -13.21 -29.02
CA ALA A 417 -1.93 -13.87 -27.82
C ALA A 417 -3.40 -13.60 -27.64
N TYR A 418 -4.21 -14.64 -27.66
CA TYR A 418 -5.67 -14.53 -27.56
C TYR A 418 -6.22 -15.75 -26.85
N CYS A 419 -7.51 -15.74 -26.49
CA CYS A 419 -8.01 -16.89 -25.76
C CYS A 419 -9.49 -17.19 -25.94
N LEU A 420 -9.80 -18.44 -26.25
CA LEU A 420 -11.18 -18.85 -26.42
C LEU A 420 -11.58 -19.95 -25.47
N VAL A 421 -12.59 -19.71 -24.65
CA VAL A 421 -13.08 -20.73 -23.74
C VAL A 421 -14.55 -20.97 -23.99
N GLY A 422 -14.95 -22.19 -24.25
CA GLY A 422 -16.38 -22.40 -24.46
C GLY A 422 -16.79 -23.85 -24.52
N SER A 423 -18.10 -24.06 -24.37
CA SER A 423 -18.69 -25.39 -24.36
C SER A 423 -18.89 -26.01 -25.72
N GLU A 424 -18.51 -27.27 -25.85
CA GLU A 424 -18.76 -28.03 -27.08
C GLU A 424 -19.18 -29.45 -26.78
N VAL A 425 -20.04 -30.00 -27.63
CA VAL A 425 -20.55 -31.36 -27.44
C VAL A 425 -20.42 -32.21 -28.70
N LEU A 426 -19.94 -33.43 -28.54
CA LEU A 426 -19.78 -34.34 -29.68
C LEU A 426 -20.82 -35.47 -29.66
N ASP A 427 -21.16 -35.94 -30.86
CA ASP A 427 -22.14 -37.00 -31.02
C ASP A 427 -21.67 -38.28 -30.38
N ASN A 428 -22.62 -39.00 -29.80
CA ASN A 428 -22.38 -40.25 -29.08
C ASN A 428 -21.61 -40.05 -27.78
N HIS A 429 -21.55 -38.81 -27.30
CA HIS A 429 -20.88 -38.49 -26.06
C HIS A 429 -21.75 -37.59 -25.21
N PRO A 430 -22.67 -38.16 -24.44
CA PRO A 430 -23.62 -37.50 -23.54
C PRO A 430 -22.97 -36.45 -22.66
N GLU A 431 -21.73 -36.71 -22.25
CA GLU A 431 -20.98 -35.78 -21.43
C GLU A 431 -20.76 -34.44 -22.13
N SER A 432 -20.91 -33.37 -21.38
CA SER A 432 -20.66 -32.04 -21.92
C SER A 432 -19.23 -31.67 -21.62
N PHE A 433 -18.69 -30.64 -22.26
CA PHE A 433 -17.30 -30.32 -21.95
C PHE A 433 -16.75 -29.01 -22.45
N LEU A 434 -15.70 -28.57 -21.77
CA LEU A 434 -15.03 -27.32 -22.04
C LEU A 434 -13.92 -27.47 -23.02
N LYS A 435 -13.68 -26.44 -23.79
CA LYS A 435 -12.52 -26.41 -24.67
C LYS A 435 -11.82 -25.09 -24.52
N ILE A 436 -10.54 -25.13 -24.22
CA ILE A 436 -9.73 -23.95 -24.04
C ILE A 436 -8.71 -23.85 -25.15
N THR A 437 -8.67 -22.76 -25.89
CA THR A 437 -7.68 -22.62 -26.94
C THR A 437 -6.83 -21.37 -26.83
N VAL A 438 -5.51 -21.56 -26.81
CA VAL A 438 -4.55 -20.44 -26.79
C VAL A 438 -3.49 -20.73 -27.83
N PRO A 439 -2.80 -19.72 -28.36
CA PRO A 439 -1.74 -19.81 -29.33
C PRO A 439 -0.50 -20.32 -28.66
N SER A 440 0.29 -21.10 -29.36
CA SER A 440 1.48 -21.66 -28.73
C SER A 440 2.67 -20.73 -28.67
N CYS A 441 2.71 -19.89 -27.65
CA CYS A 441 3.86 -19.04 -27.36
C CYS A 441 3.78 -18.64 -25.90
N ARG A 442 4.81 -17.98 -25.39
CA ARG A 442 4.85 -17.63 -23.97
C ARG A 442 3.62 -16.90 -23.47
N LYS A 443 3.15 -15.89 -24.18
CA LYS A 443 1.97 -15.20 -23.71
C LYS A 443 0.76 -16.11 -23.73
N GLY A 444 0.70 -16.99 -24.70
CA GLY A 444 -0.39 -17.93 -24.79
C GLY A 444 -0.37 -18.85 -23.60
N CYS A 445 0.82 -19.24 -23.18
CA CYS A 445 0.99 -20.09 -22.02
C CYS A 445 0.48 -19.43 -20.79
N ILE A 446 0.87 -18.17 -20.59
CA ILE A 446 0.44 -17.41 -19.45
C ILE A 446 -1.06 -17.34 -19.36
N LEU A 447 -1.72 -17.12 -20.50
CA LEU A 447 -3.17 -17.11 -20.52
C LEU A 447 -3.73 -18.44 -20.11
N LEU A 448 -3.17 -19.52 -20.64
CA LEU A 448 -3.64 -20.85 -20.32
C LEU A 448 -3.55 -21.12 -18.86
N GLY A 449 -2.42 -20.77 -18.26
CA GLY A 449 -2.22 -20.98 -16.85
C GLY A 449 -3.30 -20.28 -16.03
N GLN A 450 -3.59 -19.03 -16.38
CA GLN A 450 -4.61 -18.31 -15.62
C GLN A 450 -5.97 -18.96 -15.76
N VAL A 451 -6.32 -19.42 -16.96
CA VAL A 451 -7.62 -20.02 -17.16
C VAL A 451 -7.82 -21.29 -16.37
N VAL A 452 -6.85 -22.19 -16.42
CA VAL A 452 -7.02 -23.46 -15.73
C VAL A 452 -6.93 -23.31 -14.23
N ASP A 453 -6.19 -22.31 -13.76
CA ASP A 453 -6.17 -22.05 -12.33
C ASP A 453 -7.52 -21.56 -11.85
N HIS A 454 -8.19 -20.72 -12.64
CA HIS A 454 -9.50 -20.26 -12.25
C HIS A 454 -10.52 -21.36 -12.28
N ILE A 455 -10.44 -22.24 -13.26
CA ILE A 455 -11.38 -23.33 -13.35
C ILE A 455 -11.26 -24.28 -12.18
N ASP A 456 -10.03 -24.66 -11.84
CA ASP A 456 -9.89 -25.57 -10.72
C ASP A 456 -10.27 -24.93 -9.41
N SER A 457 -9.94 -23.65 -9.21
CA SER A 457 -10.32 -22.98 -7.98
C SER A 457 -11.82 -22.87 -7.85
N LEU A 458 -12.49 -22.58 -8.97
CA LEU A 458 -13.93 -22.50 -9.00
C LEU A 458 -14.55 -23.75 -8.48
N MET A 459 -14.09 -24.88 -9.00
CA MET A 459 -14.67 -26.13 -8.59
C MET A 459 -14.37 -26.49 -7.15
N GLU A 460 -13.16 -26.21 -6.69
CA GLU A 460 -12.84 -26.54 -5.31
C GLU A 460 -13.74 -25.82 -4.34
N GLU A 461 -14.02 -24.55 -4.62
CA GLU A 461 -14.87 -23.80 -3.72
C GLU A 461 -16.35 -24.03 -3.88
N TRP A 462 -16.82 -24.14 -5.11
CA TRP A 462 -18.25 -24.19 -5.32
C TRP A 462 -18.84 -25.49 -5.76
N PHE A 463 -18.06 -26.36 -6.40
CA PHE A 463 -18.65 -27.60 -6.85
C PHE A 463 -17.84 -28.83 -6.48
N PRO A 464 -17.50 -29.03 -5.20
CA PRO A 464 -16.77 -30.14 -4.68
C PRO A 464 -17.68 -31.31 -4.83
N GLY A 465 -17.11 -32.48 -4.94
CA GLY A 465 -17.89 -33.66 -5.22
C GLY A 465 -17.47 -34.11 -6.59
N LEU A 466 -17.34 -33.15 -7.50
CA LEU A 466 -16.83 -33.45 -8.82
C LEU A 466 -15.37 -33.81 -8.69
N LEU A 467 -14.72 -33.19 -7.70
CA LEU A 467 -13.33 -33.40 -7.36
C LEU A 467 -13.14 -34.42 -6.24
N LEU A 478 -15.16 -38.10 -13.23
CA LEU A 478 -15.65 -36.75 -13.22
C LEU A 478 -14.52 -35.78 -13.48
N LEU A 479 -14.78 -34.75 -14.28
CA LEU A 479 -13.77 -33.76 -14.62
C LEU A 479 -12.58 -34.38 -15.29
N LYS A 480 -12.84 -35.29 -16.19
CA LYS A 480 -11.75 -35.99 -16.84
C LYS A 480 -10.99 -35.00 -17.71
N LYS A 481 -9.77 -34.67 -17.31
CA LYS A 481 -8.98 -33.70 -18.04
C LYS A 481 -8.21 -34.33 -19.19
N TRP A 482 -8.46 -33.86 -20.40
CA TRP A 482 -7.80 -34.40 -21.58
C TRP A 482 -6.95 -33.35 -22.26
N ALA A 483 -5.82 -33.76 -22.78
CA ALA A 483 -5.01 -32.87 -23.57
C ALA A 483 -5.00 -33.38 -25.00
N LEU A 484 -5.02 -32.46 -25.97
CA LEU A 484 -5.01 -32.91 -27.36
C LEU A 484 -3.70 -32.67 -28.06
N TYR A 485 -3.28 -33.64 -28.86
CA TYR A 485 -2.02 -33.49 -29.57
C TYR A 485 -1.99 -34.29 -30.85
N SER A 486 -1.04 -33.98 -31.72
CA SER A 486 -0.85 -34.75 -32.92
C SER A 486 0.61 -34.76 -33.29
N PHE A 487 1.06 -35.78 -33.99
CA PHE A 487 2.47 -35.87 -34.35
C PHE A 487 2.79 -35.31 -35.71
N ASN A 488 1.82 -34.63 -36.32
CA ASN A 488 2.01 -34.08 -37.64
C ASN A 488 0.86 -33.17 -38.00
N ASP A 489 1.19 -31.96 -38.41
CA ASP A 489 0.17 -31.00 -38.77
C ASP A 489 -0.63 -31.51 -39.94
N GLY A 490 -1.94 -31.30 -39.87
CA GLY A 490 -2.84 -31.76 -40.91
C GLY A 490 -3.54 -33.06 -40.52
N GLU A 491 -3.11 -33.69 -39.43
CA GLU A 491 -3.75 -34.93 -39.00
C GLU A 491 -4.72 -34.66 -37.86
N GLU A 492 -5.36 -35.72 -37.37
CA GLU A 492 -6.33 -35.59 -36.30
C GLU A 492 -5.69 -35.59 -34.93
N HIS A 493 -6.36 -35.01 -33.96
CA HIS A 493 -5.83 -34.97 -32.61
C HIS A 493 -6.07 -36.25 -31.88
N GLN A 494 -5.17 -36.55 -30.96
CA GLN A 494 -5.28 -37.71 -30.12
C GLN A 494 -5.47 -37.24 -28.70
N LYS A 495 -6.16 -38.03 -27.90
CA LYS A 495 -6.45 -37.66 -26.54
C LYS A 495 -5.55 -38.34 -25.54
N ILE A 496 -5.17 -37.62 -24.49
CA ILE A 496 -4.41 -38.21 -23.40
C ILE A 496 -4.80 -37.57 -22.08
N LEU A 497 -4.91 -38.38 -21.04
CA LEU A 497 -5.25 -37.83 -19.73
C LEU A 497 -4.07 -37.15 -19.13
N LEU A 498 -4.32 -36.03 -18.45
CA LEU A 498 -3.19 -35.31 -17.87
C LEU A 498 -2.44 -36.13 -16.86
N ASP A 499 -3.11 -37.04 -16.17
CA ASP A 499 -2.40 -37.88 -15.21
C ASP A 499 -1.28 -38.64 -15.88
N ASP A 500 -1.52 -39.11 -17.11
CA ASP A 500 -0.50 -39.83 -17.82
C ASP A 500 0.59 -38.91 -18.27
N LEU A 501 0.24 -37.68 -18.65
CA LEU A 501 1.29 -36.74 -18.98
C LEU A 501 2.11 -36.40 -17.76
N MET A 502 1.50 -36.40 -16.58
CA MET A 502 2.28 -36.17 -15.37
C MET A 502 3.26 -37.31 -15.14
N LYS A 503 2.84 -38.53 -15.46
CA LYS A 503 3.72 -39.68 -15.36
C LYS A 503 4.92 -39.49 -16.27
N LYS A 504 4.69 -38.91 -17.45
CA LYS A 504 5.76 -38.67 -18.40
C LYS A 504 6.58 -37.45 -18.01
N ALA A 505 5.95 -36.48 -17.39
CA ALA A 505 6.63 -35.27 -16.94
C ALA A 505 7.67 -35.62 -15.91
N GLU A 506 7.37 -36.61 -15.07
CA GLU A 506 8.31 -37.09 -14.08
C GLU A 506 9.52 -37.72 -14.74
N GLU A 507 9.32 -38.32 -15.91
CA GLU A 507 10.41 -38.88 -16.67
C GLU A 507 11.20 -37.75 -17.34
N GLY A 508 10.48 -36.71 -17.78
CA GLY A 508 11.08 -35.53 -18.43
C GLY A 508 11.28 -35.75 -19.93
N ASP A 509 10.75 -36.85 -20.42
CA ASP A 509 10.89 -37.27 -21.79
C ASP A 509 10.01 -36.52 -22.76
N LEU A 510 10.19 -36.82 -24.03
CA LEU A 510 9.33 -36.31 -25.07
C LEU A 510 8.19 -37.30 -25.14
N LEU A 511 7.02 -36.87 -25.55
CA LEU A 511 5.96 -37.83 -25.76
C LEU A 511 6.33 -38.63 -26.97
N VAL A 512 6.45 -39.94 -26.83
CA VAL A 512 6.88 -40.76 -27.95
C VAL A 512 5.80 -41.67 -28.46
N ASN A 513 5.59 -41.67 -29.77
CA ASN A 513 4.63 -42.56 -30.37
C ASN A 513 5.13 -43.98 -30.21
N PRO A 514 4.51 -44.79 -29.37
CA PRO A 514 4.91 -46.15 -29.01
C PRO A 514 5.07 -47.09 -30.21
N ASP A 515 4.44 -46.75 -31.32
CA ASP A 515 4.54 -47.56 -32.52
C ASP A 515 5.60 -47.03 -33.47
N GLN A 516 5.90 -45.75 -33.37
CA GLN A 516 6.87 -45.13 -34.26
C GLN A 516 7.74 -44.09 -33.55
N PRO A 517 8.90 -44.49 -33.05
CA PRO A 517 9.91 -43.72 -32.33
C PRO A 517 10.30 -42.42 -33.03
N ARG A 518 10.19 -42.40 -34.36
CA ARG A 518 10.51 -41.20 -35.12
C ARG A 518 9.57 -40.03 -34.82
N LEU A 519 8.39 -40.34 -34.29
CA LEU A 519 7.40 -39.32 -33.99
C LEU A 519 7.39 -38.96 -32.51
N THR A 520 7.89 -37.76 -32.19
CA THR A 520 7.92 -37.32 -30.80
C THR A 520 7.43 -35.88 -30.64
N ILE A 521 6.91 -35.56 -29.46
CA ILE A 521 6.43 -34.21 -29.16
C ILE A 521 6.96 -33.76 -27.81
N PRO A 522 7.52 -32.59 -27.67
CA PRO A 522 7.98 -32.06 -26.42
C PRO A 522 6.76 -31.80 -25.58
N ILE A 523 6.78 -32.28 -24.33
CA ILE A 523 5.64 -32.18 -23.45
C ILE A 523 5.15 -30.78 -23.29
N SER A 524 6.07 -29.83 -23.20
CA SER A 524 5.72 -28.44 -23.05
C SER A 524 4.70 -27.94 -24.07
N GLN A 525 4.74 -28.44 -25.31
CA GLN A 525 3.77 -27.99 -26.30
C GLN A 525 2.38 -28.50 -26.05
N ILE A 526 2.26 -29.59 -25.34
CA ILE A 526 0.97 -30.18 -25.05
C ILE A 526 0.47 -29.64 -23.75
N ALA A 527 1.38 -29.49 -22.81
CA ALA A 527 0.97 -29.09 -21.49
C ALA A 527 2.03 -28.27 -20.78
N PRO A 528 2.20 -27.02 -21.18
CA PRO A 528 3.12 -26.02 -20.65
C PRO A 528 2.74 -25.55 -19.24
N ASP A 529 1.65 -26.08 -18.69
CA ASP A 529 1.28 -25.79 -17.33
C ASP A 529 1.66 -26.94 -16.40
N LEU A 530 2.10 -28.07 -16.95
CA LEU A 530 2.57 -29.17 -16.11
C LEU A 530 4.00 -28.88 -15.79
N ILE A 531 4.72 -28.47 -16.81
CA ILE A 531 6.06 -27.93 -16.61
C ILE A 531 5.88 -26.48 -16.37
N LEU A 532 6.43 -25.94 -15.31
CA LEU A 532 6.15 -24.55 -14.97
C LEU A 532 6.77 -23.55 -15.93
N ALA A 533 6.18 -23.42 -17.12
CA ALA A 533 6.69 -22.52 -18.13
C ALA A 533 6.07 -21.13 -18.06
N ASP A 534 5.13 -20.92 -17.14
CA ASP A 534 4.51 -19.61 -17.02
C ASP A 534 5.01 -18.82 -15.82
N LEU A 535 6.21 -19.11 -15.36
CA LEU A 535 6.75 -18.37 -14.24
C LEU A 535 7.41 -17.11 -14.75
N PRO A 536 7.46 -16.07 -13.94
CA PRO A 536 8.20 -14.85 -14.15
C PRO A 536 9.66 -15.23 -14.26
N ARG A 537 10.43 -14.49 -15.06
CA ARG A 537 11.83 -14.83 -15.25
C ARG A 537 12.60 -14.79 -13.95
N ASN A 538 12.17 -13.92 -13.06
CA ASN A 538 12.82 -13.70 -11.79
C ASN A 538 12.82 -14.92 -10.89
N ILE A 539 11.86 -15.82 -11.06
CA ILE A 539 11.80 -16.97 -10.19
C ILE A 539 12.03 -18.28 -10.91
N MET A 540 12.68 -18.26 -12.06
CA MET A 540 12.94 -19.57 -12.64
C MET A 540 14.16 -20.14 -11.94
N LEU A 541 14.08 -21.40 -11.58
CA LEU A 541 15.14 -22.05 -10.83
C LEU A 541 16.39 -22.33 -11.62
N ASN A 542 17.50 -21.76 -11.19
CA ASN A 542 18.77 -22.03 -11.83
C ASN A 542 19.42 -23.23 -11.19
N ASN A 543 19.41 -24.37 -11.88
CA ASN A 543 19.92 -25.62 -11.35
C ASN A 543 21.41 -25.67 -11.11
N ASP A 544 22.15 -24.67 -11.55
CA ASP A 544 23.57 -24.64 -11.28
C ASP A 544 23.89 -23.87 -10.00
N GLU A 545 22.88 -23.28 -9.40
CA GLU A 545 23.05 -22.53 -8.17
C GLU A 545 22.53 -23.29 -6.97
N LEU A 546 21.38 -23.91 -7.12
CA LEU A 546 20.77 -24.62 -6.01
C LEU A 546 21.58 -25.83 -5.59
N GLU A 547 21.99 -25.83 -4.34
CA GLU A 547 22.78 -26.93 -3.79
C GLU A 547 22.16 -27.48 -2.51
N PHE A 548 21.72 -28.73 -2.57
CA PHE A 548 21.01 -29.34 -1.45
C PHE A 548 21.21 -30.84 -1.48
N GLU A 549 20.97 -31.49 -0.34
CA GLU A 549 21.18 -32.93 -0.23
C GLU A 549 19.93 -33.76 0.07
N GLN A 550 18.94 -33.15 0.69
CA GLN A 550 17.75 -33.86 1.21
C GLN A 550 18.16 -34.88 2.25
N ALA A 551 19.22 -34.61 2.99
CA ALA A 551 19.68 -35.50 4.02
C ALA A 551 19.09 -35.07 5.37
N PRO A 552 18.88 -36.01 6.30
CA PRO A 552 18.26 -35.85 7.62
C PRO A 552 18.76 -34.66 8.40
N GLU A 553 20.07 -34.42 8.36
CA GLU A 553 20.65 -33.31 9.09
C GLU A 553 20.27 -31.93 8.56
N PHE A 554 19.65 -31.87 7.41
CA PHE A 554 19.23 -30.59 6.87
C PHE A 554 17.75 -30.41 7.03
N LEU A 555 17.07 -31.39 7.59
CA LEU A 555 15.64 -31.28 7.73
C LEU A 555 15.29 -30.19 8.72
N LEU A 556 14.56 -29.20 8.26
CA LEU A 556 14.16 -28.10 9.11
C LEU A 556 12.78 -28.33 9.66
N GLY A 557 11.95 -29.08 8.94
CA GLY A 557 10.60 -29.40 9.42
C GLY A 557 9.79 -30.04 8.33
N ASP A 558 8.53 -30.33 8.61
CA ASP A 558 7.67 -30.94 7.59
C ASP A 558 6.22 -30.54 7.74
N GLY A 559 5.34 -31.21 6.99
CA GLY A 559 3.91 -30.94 7.06
C GLY A 559 3.16 -31.76 6.02
N SER A 560 1.87 -31.44 5.84
CA SER A 560 1.07 -32.18 4.85
C SER A 560 1.54 -31.95 3.43
N PHE A 561 2.22 -30.83 3.20
CA PHE A 561 2.78 -30.50 1.91
C PHE A 561 4.04 -31.30 1.57
N GLY A 562 4.65 -31.94 2.58
CA GLY A 562 5.89 -32.66 2.35
C GLY A 562 6.95 -32.29 3.39
N SER A 563 8.07 -31.72 2.95
CA SER A 563 9.11 -31.39 3.91
C SER A 563 9.98 -30.21 3.54
N VAL A 564 10.70 -29.68 4.52
CA VAL A 564 11.55 -28.52 4.33
C VAL A 564 13.00 -28.78 4.70
N TYR A 565 13.91 -28.47 3.79
CA TYR A 565 15.32 -28.66 4.06
C TYR A 565 16.13 -27.37 3.95
N ARG A 566 17.25 -27.33 4.66
CA ARG A 566 18.15 -26.19 4.56
C ARG A 566 19.04 -26.39 3.34
N ALA A 567 19.26 -25.32 2.59
CA ALA A 567 20.04 -25.43 1.36
C ALA A 567 20.78 -24.14 1.01
N ALA A 568 21.60 -24.19 -0.01
CA ALA A 568 22.30 -23.00 -0.47
C ALA A 568 21.85 -22.64 -1.88
N TYR A 569 21.70 -21.35 -2.14
CA TYR A 569 21.33 -20.90 -3.47
C TYR A 569 22.03 -19.61 -3.73
N GLU A 570 22.86 -19.57 -4.75
CA GLU A 570 23.64 -18.38 -5.05
C GLU A 570 24.43 -17.89 -3.84
N GLY A 571 24.93 -18.82 -3.04
CA GLY A 571 25.74 -18.50 -1.87
C GLY A 571 24.95 -18.10 -0.62
N GLU A 572 23.63 -18.16 -0.67
CA GLU A 572 22.84 -17.75 0.48
C GLU A 572 22.06 -18.89 1.09
N GLU A 573 21.76 -18.76 2.37
CA GLU A 573 20.99 -19.77 3.09
C GLU A 573 19.52 -19.68 2.74
N VAL A 574 18.99 -20.76 2.20
CA VAL A 574 17.59 -20.81 1.81
C VAL A 574 16.90 -22.05 2.32
N ALA A 575 15.59 -22.02 2.31
CA ALA A 575 14.81 -23.16 2.73
C ALA A 575 14.10 -23.73 1.53
N VAL A 576 14.06 -25.05 1.40
CA VAL A 576 13.43 -25.65 0.25
C VAL A 576 12.23 -26.48 0.58
N LYS A 577 11.06 -26.05 0.14
CA LYS A 577 9.87 -26.85 0.38
C LYS A 577 9.74 -27.88 -0.71
N ILE A 578 9.57 -29.13 -0.34
CA ILE A 578 9.45 -30.20 -1.31
C ILE A 578 8.11 -30.85 -1.27
N PHE A 579 7.42 -30.86 -2.40
CA PHE A 579 6.09 -31.48 -2.47
C PHE A 579 6.22 -32.97 -2.74
N ASN A 580 6.64 -33.67 -1.70
CA ASN A 580 6.95 -35.09 -1.76
C ASN A 580 5.75 -36.02 -1.78
N LYS A 581 5.13 -36.17 -2.93
CA LYS A 581 4.00 -37.09 -3.14
C LYS A 581 2.79 -36.76 -2.29
N HIS A 582 2.30 -35.56 -2.45
CA HIS A 582 1.12 -35.12 -1.72
C HIS A 582 0.22 -34.33 -2.64
N THR A 583 -0.51 -34.98 -3.55
CA THR A 583 -1.33 -34.26 -4.54
C THR A 583 -0.64 -33.02 -5.08
N SER A 584 0.60 -33.23 -5.52
CA SER A 584 1.48 -32.18 -5.97
C SER A 584 0.96 -31.59 -7.23
N LEU A 585 1.66 -30.59 -7.72
CA LEU A 585 1.29 -29.81 -8.90
C LEU A 585 0.13 -28.89 -8.57
N ARG A 586 -1.01 -29.43 -8.18
CA ARG A 586 -2.09 -28.56 -7.82
C ARG A 586 -1.75 -27.79 -6.57
N LEU A 587 -1.17 -28.43 -5.57
CA LEU A 587 -0.79 -27.66 -4.41
C LEU A 587 0.31 -26.69 -4.74
N LEU A 588 1.23 -27.14 -5.58
CA LEU A 588 2.35 -26.31 -5.96
C LEU A 588 1.88 -25.06 -6.66
N ARG A 589 0.99 -25.20 -7.63
CA ARG A 589 0.53 -24.04 -8.33
C ARG A 589 -0.28 -23.13 -7.46
N GLN A 590 -1.04 -23.67 -6.50
CA GLN A 590 -1.78 -22.78 -5.61
C GLN A 590 -0.85 -21.90 -4.82
N GLU A 591 0.26 -22.47 -4.36
CA GLU A 591 1.22 -21.69 -3.61
C GLU A 591 1.89 -20.65 -4.48
N LEU A 592 2.15 -21.00 -5.73
CA LEU A 592 2.76 -20.04 -6.65
C LEU A 592 1.87 -18.86 -6.91
N VAL A 593 0.58 -19.10 -7.02
CA VAL A 593 -0.36 -18.00 -7.24
C VAL A 593 -0.38 -17.05 -6.08
N VAL A 594 -0.36 -17.57 -4.86
CA VAL A 594 -0.37 -16.72 -3.69
C VAL A 594 0.93 -15.96 -3.49
N LEU A 595 2.06 -16.63 -3.68
CA LEU A 595 3.36 -16.01 -3.44
C LEU A 595 3.62 -14.87 -4.40
N CYS A 596 3.25 -15.05 -5.65
CA CYS A 596 3.43 -13.98 -6.60
C CYS A 596 2.39 -12.94 -6.33
N HIS A 597 2.69 -11.69 -6.67
CA HIS A 597 1.80 -10.56 -6.45
C HIS A 597 1.81 -10.06 -4.99
N LEU A 598 2.55 -10.71 -4.10
CA LEU A 598 2.72 -10.20 -2.75
C LEU A 598 4.18 -9.89 -2.60
N HIS A 599 4.52 -8.63 -2.65
CA HIS A 599 5.93 -8.26 -2.65
C HIS A 599 6.23 -7.18 -1.63
N HIS A 600 6.05 -7.51 -0.36
CA HIS A 600 6.33 -6.55 0.69
C HIS A 600 7.58 -6.94 1.47
N PRO A 601 8.40 -5.98 1.91
CA PRO A 601 9.62 -6.17 2.68
C PRO A 601 9.43 -6.97 3.96
N SER A 602 8.25 -6.93 4.55
CA SER A 602 8.02 -7.67 5.78
C SER A 602 7.54 -9.10 5.56
N LEU A 603 7.45 -9.56 4.31
CA LEU A 603 7.02 -10.93 4.04
C LEU A 603 8.17 -11.78 3.51
N ILE A 604 8.04 -13.09 3.63
CA ILE A 604 9.07 -14.02 3.17
C ILE A 604 8.92 -14.24 1.68
N SER A 605 9.89 -13.81 0.88
CA SER A 605 9.71 -13.95 -0.56
C SER A 605 10.17 -15.29 -1.10
N LEU A 606 9.79 -15.55 -2.34
CA LEU A 606 10.13 -16.77 -3.05
C LEU A 606 11.37 -16.56 -3.88
N LEU A 607 12.39 -17.35 -3.60
CA LEU A 607 13.64 -17.28 -4.33
C LEU A 607 13.78 -18.37 -5.37
N ALA A 608 12.85 -18.38 -6.33
CA ALA A 608 12.79 -19.34 -7.44
C ALA A 608 12.11 -20.66 -7.11
N ALA A 609 11.35 -21.15 -8.09
CA ALA A 609 10.61 -22.39 -8.01
C ALA A 609 11.01 -23.32 -9.15
N GLY A 610 10.89 -24.63 -8.95
CA GLY A 610 11.32 -25.55 -10.00
C GLY A 610 10.59 -26.88 -10.02
N ILE A 611 9.94 -27.15 -11.14
CA ILE A 611 9.13 -28.33 -11.32
C ILE A 611 9.89 -29.64 -11.39
N ARG A 612 11.16 -29.59 -11.78
CA ARG A 612 11.93 -30.82 -11.93
C ARG A 612 11.88 -31.72 -10.69
N PRO A 613 11.95 -31.16 -9.48
CA PRO A 613 11.75 -31.96 -8.28
C PRO A 613 10.60 -31.39 -7.45
N ARG A 614 9.89 -30.39 -7.99
CA ARG A 614 8.74 -29.73 -7.36
C ARG A 614 9.12 -29.04 -6.07
N MET A 615 9.87 -27.95 -6.23
CA MET A 615 10.36 -27.18 -5.11
C MET A 615 10.05 -25.70 -5.09
N LEU A 616 9.90 -25.18 -3.88
CA LEU A 616 9.88 -23.74 -3.65
C LEU A 616 11.06 -23.32 -2.81
N VAL A 617 11.98 -22.57 -3.38
CA VAL A 617 13.12 -22.10 -2.63
C VAL A 617 12.80 -20.76 -2.02
N MET A 618 12.81 -20.67 -0.69
CA MET A 618 12.43 -19.42 -0.02
C MET A 618 13.49 -18.91 0.93
N GLU A 619 13.40 -17.64 1.29
CA GLU A 619 14.36 -17.03 2.20
C GLU A 619 14.43 -17.74 3.53
N LEU A 620 15.63 -18.06 4.03
CA LEU A 620 15.73 -18.61 5.38
C LEU A 620 16.17 -17.57 6.41
N ALA A 621 15.40 -17.45 7.50
CA ALA A 621 15.72 -16.51 8.58
C ALA A 621 17.00 -16.93 9.28
N SER A 622 17.83 -15.95 9.63
CA SER A 622 19.09 -16.26 10.27
C SER A 622 19.06 -16.27 11.78
N LYS A 623 18.14 -15.52 12.41
CA LYS A 623 18.10 -15.50 13.86
C LYS A 623 16.98 -16.34 14.43
N GLY A 624 16.10 -16.84 13.57
CA GLY A 624 15.02 -17.71 14.00
C GLY A 624 13.80 -16.99 14.52
N SER A 625 12.89 -17.76 15.10
CA SER A 625 11.63 -17.28 15.62
C SER A 625 11.70 -16.42 16.84
N LEU A 626 10.81 -15.43 16.89
CA LEU A 626 10.66 -14.54 18.02
C LEU A 626 10.44 -15.30 19.30
N ASP A 627 9.63 -16.34 19.22
CA ASP A 627 9.34 -17.19 20.36
C ASP A 627 10.60 -17.63 21.05
N ARG A 628 11.53 -18.19 20.29
CA ARG A 628 12.77 -18.63 20.86
C ARG A 628 13.50 -17.49 21.51
N LEU A 629 13.59 -16.36 20.82
CA LEU A 629 14.29 -15.21 21.38
C LEU A 629 13.69 -14.75 22.69
N LEU A 630 12.37 -14.73 22.78
CA LEU A 630 11.71 -14.31 24.00
C LEU A 630 12.13 -15.19 25.18
N GLN A 631 12.31 -16.47 24.93
CA GLN A 631 12.72 -17.38 25.98
C GLN A 631 14.22 -17.69 25.94
N GLN A 632 15.00 -16.92 25.18
CA GLN A 632 16.41 -17.19 25.05
C GLN A 632 17.32 -16.05 25.47
N ASP A 633 17.02 -14.83 25.04
CA ASP A 633 17.91 -13.73 25.39
C ASP A 633 17.29 -12.36 25.51
N LYS A 634 16.86 -12.03 26.72
CA LYS A 634 16.28 -10.74 27.03
C LYS A 634 17.27 -9.59 26.85
N ALA A 635 18.57 -9.88 26.91
CA ALA A 635 19.57 -8.85 26.72
C ALA A 635 19.52 -8.31 25.30
N SER A 636 19.16 -9.16 24.34
CA SER A 636 19.04 -8.72 22.97
C SER A 636 17.81 -7.85 22.82
N LEU A 637 16.75 -8.22 23.54
CA LEU A 637 15.50 -7.49 23.51
C LEU A 637 15.54 -6.14 24.19
N THR A 638 16.18 -5.16 23.55
CA THR A 638 16.24 -3.82 24.10
C THR A 638 15.00 -3.08 23.72
N ARG A 639 14.80 -1.93 24.33
CA ARG A 639 13.62 -1.14 24.04
C ARG A 639 13.60 -0.70 22.58
N THR A 640 14.76 -0.40 22.03
CA THR A 640 14.85 -0.03 20.62
C THR A 640 14.49 -1.19 19.71
N LEU A 641 15.05 -2.36 20.00
CA LEU A 641 14.76 -3.51 19.17
C LEU A 641 13.30 -3.84 19.18
N GLN A 642 12.69 -3.82 20.37
CA GLN A 642 11.29 -4.13 20.53
C GLN A 642 10.43 -3.24 19.69
N HIS A 643 10.69 -1.96 19.69
CA HIS A 643 9.91 -1.07 18.87
C HIS A 643 10.01 -1.38 17.39
N ARG A 644 11.21 -1.64 16.91
CA ARG A 644 11.37 -1.91 15.50
C ARG A 644 10.64 -3.16 15.08
N ILE A 645 10.63 -4.18 15.93
CA ILE A 645 9.92 -5.40 15.63
C ILE A 645 8.44 -5.12 15.47
N ALA A 646 7.89 -4.31 16.37
CA ALA A 646 6.49 -3.96 16.28
C ALA A 646 6.16 -3.28 14.96
N LEU A 647 7.05 -2.40 14.47
CA LEU A 647 6.78 -1.76 13.19
C LEU A 647 6.73 -2.71 12.04
N HIS A 648 7.67 -3.63 12.00
CA HIS A 648 7.76 -4.52 10.86
C HIS A 648 6.57 -5.44 10.79
N VAL A 649 6.09 -5.91 11.92
CA VAL A 649 4.91 -6.75 11.90
C VAL A 649 3.69 -5.97 11.47
N ALA A 650 3.55 -4.75 11.96
CA ALA A 650 2.41 -3.93 11.60
C ALA A 650 2.35 -3.68 10.11
N ASP A 651 3.48 -3.44 9.46
CA ASP A 651 3.46 -3.27 8.02
C ASP A 651 2.93 -4.45 7.29
N GLY A 652 3.37 -5.64 7.69
CA GLY A 652 2.90 -6.84 7.04
C GLY A 652 1.40 -6.95 7.12
N LEU A 653 0.85 -6.67 8.29
CA LEU A 653 -0.58 -6.76 8.46
C LEU A 653 -1.31 -5.75 7.62
N ARG A 654 -0.79 -4.55 7.53
CA ARG A 654 -1.46 -3.54 6.73
C ARG A 654 -1.51 -3.97 5.28
N TYR A 655 -0.39 -4.48 4.80
CA TYR A 655 -0.27 -4.91 3.43
C TYR A 655 -1.23 -6.05 3.11
N LEU A 656 -1.20 -7.10 3.92
CA LEU A 656 -2.06 -8.24 3.67
C LEU A 656 -3.53 -7.88 3.75
N HIS A 657 -3.87 -6.97 4.65
CA HIS A 657 -5.26 -6.56 4.74
C HIS A 657 -5.67 -5.78 3.52
N SER A 658 -4.77 -4.96 2.96
CA SER A 658 -5.10 -4.23 1.75
C SER A 658 -5.21 -5.21 0.57
N ALA A 659 -4.56 -6.36 0.70
CA ALA A 659 -4.63 -7.42 -0.29
C ALA A 659 -5.81 -8.37 -0.06
N MET A 660 -6.72 -8.02 0.87
CA MET A 660 -7.88 -8.84 1.20
C MET A 660 -7.55 -10.22 1.74
N ILE A 661 -6.41 -10.35 2.42
CA ILE A 661 -5.98 -11.61 3.00
C ILE A 661 -6.02 -11.57 4.51
N ILE A 662 -6.72 -12.51 5.12
CA ILE A 662 -6.77 -12.55 6.58
C ILE A 662 -5.72 -13.55 7.05
N TYR A 663 -4.83 -13.12 7.92
CA TYR A 663 -3.74 -13.98 8.34
C TYR A 663 -4.23 -15.06 9.28
N ARG A 664 -5.01 -14.68 10.28
CA ARG A 664 -5.61 -15.59 11.25
C ARG A 664 -4.64 -16.38 12.10
N ASP A 665 -3.42 -15.92 12.30
CA ASP A 665 -2.52 -16.71 13.13
C ASP A 665 -1.30 -15.99 13.68
N LEU A 666 -1.46 -14.78 14.20
CA LEU A 666 -0.26 -14.13 14.73
C LEU A 666 0.16 -14.74 16.04
N LYS A 667 1.46 -14.91 16.20
CA LYS A 667 2.05 -15.45 17.39
C LYS A 667 3.55 -15.42 17.20
N PRO A 668 4.34 -15.43 18.27
CA PRO A 668 5.81 -15.41 18.33
C PRO A 668 6.44 -16.50 17.46
N HIS A 669 5.70 -17.55 17.18
CA HIS A 669 6.19 -18.66 16.40
C HIS A 669 6.23 -18.30 14.92
N ASN A 670 5.40 -17.35 14.50
CA ASN A 670 5.33 -16.94 13.11
C ASN A 670 6.10 -15.67 12.81
N VAL A 671 6.77 -15.09 13.80
CA VAL A 671 7.60 -13.92 13.56
C VAL A 671 9.04 -14.31 13.42
N LEU A 672 9.64 -14.01 12.29
CA LEU A 672 11.02 -14.40 12.06
C LEU A 672 11.96 -13.23 12.11
N LEU A 673 13.13 -13.44 12.69
CA LEU A 673 14.12 -12.38 12.78
C LEU A 673 15.30 -12.64 11.88
N PHE A 674 15.74 -11.60 11.19
CA PHE A 674 16.85 -11.66 10.25
C PHE A 674 18.10 -10.94 10.68
N THR A 675 18.18 -10.57 11.95
CA THR A 675 19.29 -9.83 12.54
C THR A 675 18.85 -9.13 13.76
N LEU A 676 19.60 -9.25 14.82
CA LEU A 676 19.23 -8.59 16.05
C LEU A 676 19.77 -7.16 16.10
N TYR A 677 20.61 -6.79 15.13
CA TYR A 677 21.15 -5.43 15.08
C TYR A 677 20.04 -4.39 14.98
N PRO A 678 19.78 -3.62 16.05
CA PRO A 678 18.70 -2.65 16.20
C PRO A 678 18.56 -1.69 15.04
N ASN A 679 19.65 -1.26 14.45
CA ASN A 679 19.55 -0.31 13.36
C ASN A 679 19.72 -0.95 11.99
N ALA A 680 18.86 -1.87 11.64
CA ALA A 680 18.92 -2.53 10.35
C ALA A 680 17.69 -2.20 9.54
N ALA A 681 17.80 -2.25 8.22
CA ALA A 681 16.68 -1.93 7.35
C ALA A 681 15.54 -2.93 7.52
N ILE A 682 15.86 -4.21 7.59
CA ILE A 682 14.85 -5.23 7.78
C ILE A 682 15.20 -6.16 8.92
N ILE A 683 14.30 -6.28 9.89
CA ILE A 683 14.54 -7.10 11.05
C ILE A 683 13.53 -8.21 11.18
N ALA A 684 12.26 -7.88 11.15
CA ALA A 684 11.28 -8.94 11.33
C ALA A 684 10.42 -9.17 10.11
N LYS A 685 10.05 -10.43 9.87
CA LYS A 685 9.17 -10.79 8.76
C LYS A 685 8.10 -11.77 9.22
N ILE A 686 6.97 -11.78 8.52
CA ILE A 686 5.87 -12.69 8.83
C ILE A 686 5.93 -13.96 7.98
N ALA A 687 5.97 -15.11 8.65
CA ALA A 687 6.09 -16.39 7.96
C ALA A 687 4.79 -16.95 7.41
N ASP A 688 4.91 -17.69 6.30
CA ASP A 688 3.82 -18.44 5.65
C ASP A 688 2.48 -17.72 5.53
N TYR A 689 2.52 -16.52 5.01
CA TYR A 689 1.33 -15.70 4.80
C TYR A 689 0.49 -16.21 3.65
N GLY A 690 -0.78 -15.83 3.64
CA GLY A 690 -1.71 -16.27 2.61
C GLY A 690 -2.93 -16.92 3.23
N PRO A 707 -5.04 -21.11 18.03
CA PRO A 707 -4.72 -21.99 19.16
C PRO A 707 -5.22 -21.22 20.38
N GLY A 708 -4.46 -21.25 21.46
CA GLY A 708 -4.84 -20.36 22.56
C GLY A 708 -4.12 -19.03 22.33
N PHE A 709 -4.61 -18.18 21.40
CA PHE A 709 -4.13 -16.84 20.95
C PHE A 709 -5.22 -16.17 20.11
N ARG A 710 -6.48 -16.62 20.18
CA ARG A 710 -7.68 -16.26 19.42
C ARG A 710 -8.43 -15.05 19.93
N ALA A 711 -9.02 -14.31 19.01
CA ALA A 711 -9.93 -13.25 19.37
C ALA A 711 -11.10 -13.94 20.03
N PRO A 712 -11.77 -13.31 21.16
CA PRO A 712 -12.92 -13.83 21.89
C PRO A 712 -14.13 -13.91 21.00
N GLU A 713 -14.17 -13.09 19.96
CA GLU A 713 -15.26 -13.08 19.00
C GLU A 713 -15.23 -14.35 18.17
N VAL A 714 -14.10 -14.62 17.51
CA VAL A 714 -13.96 -15.81 16.69
C VAL A 714 -13.80 -17.05 17.53
N ALA A 715 -13.38 -16.87 18.79
CA ALA A 715 -13.27 -17.97 19.73
C ALA A 715 -14.62 -18.64 20.00
N ARG A 716 -15.72 -17.93 19.71
CA ARG A 716 -17.05 -18.47 19.90
C ARG A 716 -17.33 -19.62 18.92
N GLY A 717 -16.65 -19.60 17.77
CA GLY A 717 -16.83 -20.64 16.77
C GLY A 717 -18.12 -20.48 15.99
N ASN A 718 -18.65 -19.27 15.92
CA ASN A 718 -19.91 -19.05 15.23
C ASN A 718 -19.95 -17.74 14.44
N VAL A 719 -18.78 -17.18 14.15
CA VAL A 719 -18.67 -15.96 13.35
C VAL A 719 -17.63 -16.15 12.25
N ILE A 720 -17.42 -15.10 11.47
CA ILE A 720 -16.48 -15.12 10.35
C ILE A 720 -15.27 -14.24 10.62
N TYR A 721 -14.08 -14.73 10.26
CA TYR A 721 -12.85 -13.97 10.43
C TYR A 721 -12.77 -12.76 9.54
N ASN A 722 -12.17 -11.72 10.06
CA ASN A 722 -11.94 -10.50 9.31
C ASN A 722 -10.78 -9.76 9.92
N GLN A 723 -10.43 -8.62 9.34
CA GLN A 723 -9.29 -7.85 9.80
C GLN A 723 -9.29 -7.53 11.29
N GLN A 724 -10.47 -7.44 11.90
CA GLN A 724 -10.53 -7.07 13.29
C GLN A 724 -10.05 -8.21 14.16
N ALA A 725 -10.17 -9.43 13.66
CA ALA A 725 -9.68 -10.58 14.38
C ALA A 725 -8.17 -10.53 14.40
N ASP A 726 -7.58 -10.18 13.25
CA ASP A 726 -6.13 -10.06 13.20
C ASP A 726 -5.63 -8.94 14.08
N VAL A 727 -6.35 -7.82 14.11
CA VAL A 727 -5.95 -6.72 14.96
C VAL A 727 -5.91 -7.13 16.40
N TYR A 728 -6.95 -7.83 16.85
CA TYR A 728 -6.99 -8.27 18.23
C TYR A 728 -5.79 -9.14 18.51
N SER A 729 -5.51 -10.07 17.62
CA SER A 729 -4.37 -10.95 17.79
C SER A 729 -3.08 -10.16 17.88
N PHE A 730 -2.94 -9.14 17.02
CA PHE A 730 -1.78 -8.26 17.05
C PHE A 730 -1.59 -7.64 18.41
N GLY A 731 -2.67 -7.14 18.98
CA GLY A 731 -2.59 -6.54 20.30
C GLY A 731 -1.99 -7.51 21.29
N LEU A 732 -2.40 -8.77 21.22
CA LEU A 732 -1.84 -9.75 22.12
C LEU A 732 -0.35 -9.93 21.86
N LEU A 733 0.05 -9.91 20.59
CA LEU A 733 1.47 -10.00 20.26
C LEU A 733 2.23 -8.88 20.90
N LEU A 734 1.71 -7.67 20.79
CA LEU A 734 2.35 -6.50 21.35
C LEU A 734 2.46 -6.64 22.86
N TYR A 735 1.42 -7.15 23.51
CA TYR A 735 1.43 -7.40 24.95
C TYR A 735 2.57 -8.37 25.27
N ASP A 736 2.71 -9.40 24.44
CA ASP A 736 3.77 -10.37 24.61
C ASP A 736 5.15 -9.77 24.42
N ILE A 737 5.27 -8.82 23.51
CA ILE A 737 6.53 -8.13 23.31
C ILE A 737 6.86 -7.25 24.49
N LEU A 738 5.85 -6.52 24.96
CA LEU A 738 6.00 -5.64 26.10
C LEU A 738 6.55 -6.37 27.30
N THR A 739 5.95 -7.51 27.63
CA THR A 739 6.48 -8.30 28.71
C THR A 739 7.41 -9.32 28.12
N THR A 740 8.69 -9.01 28.08
CA THR A 740 9.69 -9.87 27.43
C THR A 740 9.82 -11.25 28.02
N GLY A 741 9.33 -11.43 29.24
CA GLY A 741 9.34 -12.74 29.86
C GLY A 741 8.37 -13.70 29.17
N GLY A 742 7.41 -13.15 28.41
CA GLY A 742 6.44 -14.00 27.75
C GLY A 742 5.58 -14.62 28.82
N ARG A 743 5.20 -13.82 29.79
CA ARG A 743 4.50 -14.33 30.94
C ARG A 743 3.15 -14.92 30.59
N ILE A 744 2.46 -14.35 29.61
CA ILE A 744 1.18 -14.95 29.26
C ILE A 744 1.49 -16.24 28.48
N VAL A 745 2.63 -16.27 27.78
CA VAL A 745 3.08 -17.44 27.05
C VAL A 745 3.43 -18.54 28.03
N GLU A 746 3.98 -18.16 29.18
CA GLU A 746 4.25 -19.13 30.22
C GLU A 746 2.92 -19.66 30.75
N GLY A 747 1.90 -18.80 30.77
CA GLY A 747 0.54 -19.18 31.16
C GLY A 747 0.00 -20.32 30.29
N LEU A 748 0.42 -20.39 29.02
CA LEU A 748 0.07 -21.50 28.09
C LEU A 748 0.25 -22.88 28.68
N LYS A 749 1.24 -23.03 29.55
CA LYS A 749 1.55 -24.29 30.23
C LYS A 749 0.38 -24.78 31.08
N PHE A 750 -0.56 -23.88 31.38
CA PHE A 750 -1.78 -24.17 32.11
C PHE A 750 -2.93 -23.65 31.24
N PRO A 751 -3.13 -24.28 30.07
CA PRO A 751 -4.02 -23.90 28.96
C PRO A 751 -5.48 -23.73 29.36
N ASN A 752 -5.88 -24.38 30.45
CA ASN A 752 -7.24 -24.27 30.95
C ASN A 752 -7.53 -22.87 31.44
N GLU A 753 -6.51 -22.18 31.89
CA GLU A 753 -6.65 -20.82 32.34
C GLU A 753 -6.30 -19.85 31.23
N PHE A 754 -5.29 -20.21 30.46
CA PHE A 754 -4.76 -19.39 29.38
C PHE A 754 -5.77 -19.04 28.29
N ASP A 755 -6.40 -20.06 27.71
CA ASP A 755 -7.37 -19.82 26.65
C ASP A 755 -8.56 -19.04 27.18
N GLU A 756 -9.00 -19.38 28.39
CA GLU A 756 -10.14 -18.71 28.99
C GLU A 756 -9.81 -17.28 29.34
N LEU A 757 -8.58 -17.04 29.79
CA LEU A 757 -8.14 -15.70 30.12
C LEU A 757 -8.28 -14.78 28.94
N GLU A 758 -7.83 -15.24 27.77
CA GLU A 758 -7.93 -14.43 26.57
C GLU A 758 -9.40 -14.19 26.21
N ILE A 759 -10.23 -15.23 26.37
CA ILE A 759 -11.67 -15.11 26.16
C ILE A 759 -12.30 -14.08 27.08
N GLN A 760 -11.90 -14.11 28.36
CA GLN A 760 -12.40 -13.16 29.33
C GLN A 760 -11.96 -11.75 28.98
N GLY A 761 -10.74 -11.63 28.46
CA GLY A 761 -10.18 -10.33 28.09
C GLY A 761 -9.65 -9.60 29.31
N LYS A 762 -9.63 -10.28 30.44
CA LYS A 762 -9.26 -9.68 31.70
C LYS A 762 -7.80 -9.85 31.96
N LEU A 763 -6.99 -9.17 31.16
CA LEU A 763 -5.55 -9.27 31.32
C LEU A 763 -5.09 -8.34 32.41
N PRO A 764 -4.08 -8.74 33.17
CA PRO A 764 -3.46 -8.01 34.26
C PRO A 764 -2.57 -6.91 33.72
N ASP A 765 -2.34 -5.91 34.56
CA ASP A 765 -1.52 -4.77 34.21
C ASP A 765 -0.09 -5.23 33.97
N PRO A 766 0.40 -5.12 32.74
CA PRO A 766 1.70 -5.61 32.29
C PRO A 766 2.87 -5.04 33.09
N VAL A 767 2.67 -3.89 33.71
CA VAL A 767 3.72 -3.28 34.51
C VAL A 767 3.68 -3.83 35.90
N LYS A 768 2.56 -3.63 36.56
CA LYS A 768 2.38 -4.03 37.94
C LYS A 768 2.49 -5.53 38.13
N GLU A 769 1.84 -6.28 37.27
CA GLU A 769 1.80 -7.72 37.37
C GLU A 769 3.09 -8.41 37.07
N TYR A 770 3.86 -7.91 36.10
CA TYR A 770 5.05 -8.65 35.74
C TYR A 770 6.33 -7.93 36.14
N GLY A 771 6.21 -6.71 36.65
CA GLY A 771 7.40 -5.96 37.05
C GLY A 771 8.10 -5.42 35.82
N CYS A 772 7.31 -4.97 34.85
CA CYS A 772 7.85 -4.50 33.58
C CYS A 772 8.00 -3.00 33.58
N ALA A 773 9.18 -2.51 33.19
CA ALA A 773 9.42 -1.07 33.18
C ALA A 773 8.36 -0.38 32.33
N PRO A 774 7.80 0.74 32.79
CA PRO A 774 6.74 1.53 32.18
C PRO A 774 7.02 1.87 30.75
N TRP A 775 5.97 1.84 29.95
CA TRP A 775 6.06 2.20 28.56
C TRP A 775 4.72 2.71 28.08
N PRO A 776 4.30 3.87 28.58
CA PRO A 776 3.06 4.54 28.25
C PRO A 776 3.00 4.70 26.77
N MET A 777 1.87 5.10 26.24
CA MET A 777 1.64 5.14 24.79
C MET A 777 1.41 3.71 24.30
N VAL A 778 2.41 2.83 24.41
CA VAL A 778 2.22 1.42 24.08
C VAL A 778 1.22 0.80 25.00
N GLU A 779 1.31 1.11 26.28
CA GLU A 779 0.35 0.55 27.22
C GLU A 779 -1.07 0.91 26.84
N LYS A 780 -1.31 2.16 26.46
CA LYS A 780 -2.68 2.47 26.09
C LYS A 780 -3.01 1.94 24.73
N LEU A 781 -2.01 1.75 23.88
CA LEU A 781 -2.28 1.17 22.57
C LEU A 781 -2.83 -0.21 22.72
N ILE A 782 -2.22 -1.00 23.58
CA ILE A 782 -2.69 -2.34 23.83
C ILE A 782 -4.11 -2.31 24.34
N LYS A 783 -4.40 -1.41 25.27
CA LYS A 783 -5.75 -1.30 25.79
C LYS A 783 -6.74 -0.92 24.70
N GLN A 784 -6.34 0.00 23.82
CA GLN A 784 -7.19 0.43 22.73
C GLN A 784 -7.40 -0.67 21.73
N CYS A 785 -6.36 -1.44 21.49
CA CYS A 785 -6.42 -2.53 20.56
C CYS A 785 -7.30 -3.65 21.05
N LEU A 786 -7.08 -4.11 22.26
CA LEU A 786 -7.82 -5.26 22.76
C LEU A 786 -9.17 -4.91 23.35
N LYS A 787 -10.10 -4.48 22.51
CA LYS A 787 -11.46 -4.21 22.93
C LYS A 787 -12.32 -5.39 22.58
N GLU A 788 -13.42 -5.52 23.29
CA GLU A 788 -14.33 -6.63 23.06
C GLU A 788 -15.08 -6.51 21.74
N ASN A 789 -15.51 -5.30 21.41
CA ASN A 789 -16.29 -5.02 20.22
C ASN A 789 -15.43 -4.80 18.97
N PRO A 790 -15.50 -5.69 17.97
CA PRO A 790 -14.82 -5.64 16.68
C PRO A 790 -14.99 -4.32 15.97
N GLN A 791 -16.11 -3.65 16.19
CA GLN A 791 -16.34 -2.40 15.52
C GLN A 791 -15.68 -1.23 16.22
N GLU A 792 -15.17 -1.46 17.41
CA GLU A 792 -14.49 -0.43 18.16
C GLU A 792 -12.99 -0.60 18.08
N ARG A 793 -12.52 -1.77 17.70
CA ARG A 793 -11.09 -1.96 17.59
C ARG A 793 -10.51 -1.20 16.39
N PRO A 794 -9.31 -0.63 16.51
CA PRO A 794 -8.54 0.13 15.52
C PRO A 794 -8.30 -0.68 14.26
N THR A 795 -8.19 -0.01 13.13
CA THR A 795 -7.88 -0.72 11.91
C THR A 795 -6.40 -0.93 11.88
N SER A 796 -5.93 -1.88 11.09
CA SER A 796 -4.51 -2.17 11.04
C SER A 796 -3.71 -1.03 10.44
N ALA A 797 -4.33 -0.23 9.59
CA ALA A 797 -3.67 0.93 9.06
C ALA A 797 -3.40 1.92 10.18
N GLN A 798 -4.40 2.12 11.03
CA GLN A 798 -4.26 3.02 12.17
C GLN A 798 -3.26 2.53 13.15
N VAL A 799 -3.22 1.22 13.37
CA VAL A 799 -2.25 0.67 14.30
C VAL A 799 -0.86 1.03 13.87
N PHE A 800 -0.58 0.87 12.59
CA PHE A 800 0.72 1.25 12.08
C PHE A 800 1.00 2.71 12.30
N ASP A 801 0.05 3.57 11.95
CA ASP A 801 0.26 5.00 12.12
C ASP A 801 0.62 5.35 13.54
N ILE A 802 -0.01 4.67 14.50
CA ILE A 802 0.31 4.89 15.89
C ILE A 802 1.72 4.46 16.20
N LEU A 803 2.12 3.30 15.68
CA LEU A 803 3.47 2.82 15.91
C LEU A 803 4.52 3.72 15.27
N ASN A 804 4.14 4.36 14.18
CA ASN A 804 5.00 5.31 13.51
C ASN A 804 5.12 6.61 14.28
N SER A 805 5.94 6.61 15.33
CA SER A 805 6.09 7.79 16.18
C SER A 805 7.32 7.84 17.04
N ALA A 806 8.06 8.92 16.95
CA ALA A 806 9.24 9.08 17.78
C ALA A 806 8.84 9.27 19.22
N GLU A 807 7.70 9.93 19.43
CA GLU A 807 7.19 10.17 20.77
C GLU A 807 6.88 8.85 21.45
N LEU A 808 6.34 7.92 20.68
CA LEU A 808 6.05 6.59 21.16
C LEU A 808 7.28 5.94 21.76
N VAL A 809 8.37 6.07 21.03
CA VAL A 809 9.62 5.49 21.45
C VAL A 809 10.24 6.18 22.66
N CYS A 810 10.30 7.50 22.64
CA CYS A 810 11.01 8.22 23.69
C CYS A 810 10.24 8.65 24.91
N LEU A 811 8.92 8.63 24.88
CA LEU A 811 8.23 8.93 26.11
C LEU A 811 8.42 7.79 27.06
N THR A 812 8.89 8.05 28.28
CA THR A 812 9.13 6.95 29.16
C THR A 812 8.14 6.89 30.28
N ARG A 813 7.83 8.03 30.88
CA ARG A 813 6.90 8.00 32.00
C ARG A 813 5.99 9.20 32.04
N ARG A 814 4.85 9.05 32.65
CA ARG A 814 3.93 10.15 32.83
C ARG A 814 3.23 10.04 34.16
N ILE A 815 3.45 11.00 35.02
CA ILE A 815 2.86 10.97 36.35
C ILE A 815 1.87 12.08 36.54
N LEU A 816 0.64 11.74 36.83
CA LEU A 816 -0.34 12.77 37.06
C LEU A 816 -0.25 13.23 38.50
N LEU A 817 -0.44 14.51 38.72
CA LEU A 817 -0.43 15.03 40.07
C LEU A 817 -1.86 15.07 40.57
N PRO A 818 -2.09 15.11 41.88
CA PRO A 818 -3.39 15.18 42.52
C PRO A 818 -4.14 16.39 41.99
N LYS A 819 -5.45 16.24 41.86
CA LYS A 819 -6.29 17.29 41.32
C LYS A 819 -6.16 18.59 42.09
N ASN A 820 -6.06 19.69 41.35
CA ASN A 820 -5.90 21.03 41.91
C ASN A 820 -4.60 21.22 42.66
N VAL A 821 -3.52 20.68 42.10
CA VAL A 821 -2.20 20.91 42.63
C VAL A 821 -1.37 21.62 41.58
N ILE A 822 -0.87 22.78 41.96
CA ILE A 822 -0.09 23.59 41.05
C ILE A 822 1.29 23.78 41.56
N VAL A 823 2.25 23.24 40.81
CA VAL A 823 3.66 23.31 41.14
C VAL A 823 4.35 24.35 40.30
N GLU A 824 4.97 25.32 40.96
CA GLU A 824 5.65 26.39 40.26
C GLU A 824 7.16 26.25 40.16
N CYS A 825 7.73 25.20 40.74
CA CYS A 825 9.17 24.99 40.66
C CYS A 825 9.57 23.55 41.01
N MET A 826 10.72 23.12 40.51
CA MET A 826 11.16 21.73 40.66
C MET A 826 12.63 21.58 40.98
N VAL A 827 12.97 20.67 41.89
CA VAL A 827 14.36 20.32 42.13
C VAL A 827 14.57 18.83 42.19
N ALA A 828 15.19 18.28 41.18
CA ALA A 828 15.46 16.85 41.18
C ALA A 828 16.72 16.58 41.98
N THR A 829 16.76 15.48 42.71
CA THR A 829 17.96 15.16 43.45
C THR A 829 18.94 14.37 42.61
N HIS A 830 20.09 14.97 42.34
CA HIS A 830 21.09 14.33 41.50
C HIS A 830 21.86 13.27 42.27
N HIS A 831 21.31 12.08 42.30
CA HIS A 831 21.94 10.99 43.02
C HIS A 831 21.37 9.67 42.47
N ALA A 836 15.90 8.77 43.83
CA ALA A 836 15.21 9.13 42.59
C ALA A 836 13.89 9.83 42.90
N SER A 837 14.00 11.10 43.31
CA SER A 837 12.84 11.86 43.72
C SER A 837 12.97 13.34 43.40
N ILE A 838 11.84 14.04 43.41
CA ILE A 838 11.79 15.44 43.05
C ILE A 838 11.08 16.31 44.07
N TRP A 839 11.71 17.41 44.46
CA TRP A 839 11.08 18.36 45.35
C TRP A 839 10.22 19.30 44.54
N LEU A 840 8.98 19.48 44.96
CA LEU A 840 8.08 20.32 44.20
C LEU A 840 7.59 21.51 45.02
N GLY A 841 7.46 22.66 44.38
CA GLY A 841 6.91 23.80 45.08
C GLY A 841 5.39 23.74 44.96
N CYS A 842 4.70 24.78 45.38
CA CYS A 842 3.26 24.78 45.22
C CYS A 842 2.68 26.16 45.16
N GLY A 843 2.25 26.55 43.97
CA GLY A 843 1.65 27.86 43.76
C GLY A 843 0.13 27.83 43.76
N HIS A 844 -0.46 26.67 44.02
CA HIS A 844 -1.91 26.55 44.08
C HIS A 844 -2.48 27.36 45.23
N THR A 845 -1.94 27.18 46.42
CA THR A 845 -2.44 27.92 47.56
C THR A 845 -1.63 29.18 47.69
N ASP A 846 -1.95 29.97 48.69
CA ASP A 846 -1.19 31.18 48.96
C ASP A 846 -0.32 30.98 50.18
N ARG A 847 -0.01 29.72 50.49
CA ARG A 847 0.82 29.40 51.64
C ARG A 847 2.05 28.61 51.23
N GLY A 848 3.15 28.87 51.90
CA GLY A 848 4.40 28.14 51.64
C GLY A 848 4.23 26.64 51.83
N GLN A 849 3.83 25.95 50.77
CA GLN A 849 3.64 24.51 50.83
C GLN A 849 4.64 23.77 49.96
N LEU A 850 5.32 22.81 50.56
CA LEU A 850 6.37 22.04 49.88
C LEU A 850 5.95 20.60 49.66
N SER A 851 5.99 20.15 48.42
CA SER A 851 5.57 18.80 48.09
C SER A 851 6.73 17.92 47.70
N PHE A 852 6.48 16.63 47.63
CA PHE A 852 7.57 15.70 47.31
C PHE A 852 7.10 14.47 46.56
N LEU A 853 7.75 14.22 45.43
CA LEU A 853 7.42 13.13 44.53
C LEU A 853 8.48 12.04 44.50
N ASP A 854 8.05 10.81 44.74
CA ASP A 854 8.93 9.64 44.68
C ASP A 854 8.81 8.92 43.37
N LEU A 855 9.80 9.06 42.48
CA LEU A 855 9.71 8.46 41.16
C LEU A 855 9.75 6.94 41.20
N ASN A 856 10.28 6.36 42.28
CA ASN A 856 10.37 4.92 42.38
C ASN A 856 9.02 4.25 42.60
N THR A 857 8.10 4.97 43.23
CA THR A 857 6.81 4.39 43.57
C THR A 857 5.67 5.29 43.14
N GLU A 858 6.01 6.44 42.55
CA GLU A 858 5.05 7.46 42.19
C GLU A 858 4.28 7.88 43.43
N GLY A 859 5.02 8.00 44.52
CA GLY A 859 4.45 8.38 45.80
C GLY A 859 4.37 9.88 45.88
N TYR A 860 3.49 10.38 46.72
CA TYR A 860 3.34 11.82 46.81
C TYR A 860 2.90 12.30 48.16
N THR A 861 3.63 13.28 48.68
CA THR A 861 3.27 13.88 49.93
C THR A 861 3.41 15.36 49.84
N SER A 862 3.08 16.05 50.92
CA SER A 862 3.13 17.50 50.91
C SER A 862 2.88 18.09 52.30
N GLU A 863 3.60 19.16 52.63
CA GLU A 863 3.42 19.79 53.93
C GLU A 863 3.68 21.28 53.86
N GLU A 864 3.04 22.02 54.73
CA GLU A 864 3.26 23.46 54.77
C GLU A 864 4.53 23.74 55.54
N VAL A 865 5.43 24.48 54.94
CA VAL A 865 6.72 24.76 55.57
C VAL A 865 7.00 26.23 55.78
N ALA A 866 6.22 27.10 55.15
CA ALA A 866 6.47 28.52 55.30
C ALA A 866 5.19 29.31 55.17
N ASP A 867 5.27 30.59 55.49
CA ASP A 867 4.12 31.45 55.41
C ASP A 867 3.75 31.82 53.99
N SER A 868 4.58 32.64 53.36
CA SER A 868 4.30 33.07 52.00
C SER A 868 4.66 32.01 50.98
N ARG A 869 4.07 32.12 49.80
CA ARG A 869 4.24 31.18 48.70
C ARG A 869 5.68 30.98 48.27
N ILE A 870 6.09 29.73 48.13
CA ILE A 870 7.43 29.37 47.72
C ILE A 870 7.64 29.70 46.27
N LEU A 871 8.67 30.44 45.97
CA LEU A 871 8.93 30.81 44.60
C LEU A 871 10.06 30.01 43.98
N CYS A 872 11.14 29.81 44.72
CA CYS A 872 12.27 29.08 44.16
C CYS A 872 12.89 28.08 45.09
N LEU A 873 13.26 26.94 44.55
CA LEU A 873 13.93 25.94 45.33
C LEU A 873 15.34 25.72 44.81
N ALA A 874 16.27 25.40 45.69
CA ALA A 874 17.62 25.06 45.25
C ALA A 874 18.24 23.99 46.13
N LEU A 875 19.04 23.13 45.51
CA LEU A 875 19.69 22.07 46.27
C LEU A 875 21.12 22.38 46.62
N VAL A 876 21.40 22.42 47.92
CA VAL A 876 22.75 22.61 48.39
C VAL A 876 23.32 21.28 48.70
N HIS A 877 24.36 20.92 47.99
CA HIS A 877 24.98 19.62 48.17
C HIS A 877 26.35 19.74 48.75
N LEU A 878 26.55 19.17 49.93
CA LEU A 878 27.83 19.22 50.60
C LEU A 878 28.37 17.81 50.84
N PRO A 879 28.78 17.10 49.78
CA PRO A 879 29.31 15.73 49.79
C PRO A 879 30.53 15.61 50.69
N VAL A 880 31.23 16.72 50.90
CA VAL A 880 32.36 16.80 51.77
C VAL A 880 31.93 16.65 53.22
N GLU A 881 30.80 17.28 53.54
CA GLU A 881 30.25 17.23 54.88
C GLU A 881 29.23 16.12 55.01
N LYS A 882 28.92 15.45 53.89
CA LYS A 882 28.00 14.33 53.85
C LYS A 882 26.57 14.75 54.14
N GLU A 883 26.18 15.89 53.61
CA GLU A 883 24.84 16.42 53.86
C GLU A 883 24.34 17.29 52.71
N SER A 884 23.04 17.50 52.67
CA SER A 884 22.46 18.36 51.67
C SER A 884 21.19 19.03 52.19
N TRP A 885 20.89 20.20 51.63
CA TRP A 885 19.78 21.02 52.09
C TRP A 885 18.94 21.59 50.95
N ILE A 886 17.66 21.79 51.21
CA ILE A 886 16.79 22.43 50.25
C ILE A 886 16.59 23.86 50.65
N VAL A 887 16.92 24.78 49.77
CA VAL A 887 16.75 26.17 50.05
C VAL A 887 15.50 26.66 49.40
N SER A 888 14.57 27.14 50.20
CA SER A 888 13.32 27.62 49.70
C SER A 888 13.21 29.14 49.77
N GLY A 889 13.27 29.78 48.61
CA GLY A 889 13.08 31.21 48.54
C GLY A 889 11.60 31.47 48.38
N THR A 890 11.10 32.48 49.08
CA THR A 890 9.67 32.76 49.01
C THR A 890 9.33 34.23 48.83
N GLN A 891 8.03 34.52 48.72
CA GLN A 891 7.55 35.88 48.52
C GLN A 891 7.93 36.84 49.63
N SER A 892 7.98 36.35 50.86
CA SER A 892 8.36 37.18 51.99
C SER A 892 9.81 37.63 51.94
N GLY A 893 10.63 36.98 51.11
CA GLY A 893 12.02 37.33 51.04
C GLY A 893 12.85 36.43 51.94
N THR A 894 12.21 35.54 52.68
CA THR A 894 12.99 34.65 53.53
C THR A 894 13.53 33.45 52.78
N LEU A 895 14.53 32.84 53.38
CA LEU A 895 15.18 31.64 52.86
C LEU A 895 15.07 30.51 53.86
N LEU A 896 14.17 29.57 53.60
CA LEU A 896 14.02 28.45 54.50
C LEU A 896 14.89 27.32 54.03
N VAL A 897 15.79 26.88 54.89
CA VAL A 897 16.76 25.86 54.50
C VAL A 897 16.50 24.58 55.29
N ILE A 898 16.22 23.48 54.57
CA ILE A 898 15.83 22.23 55.22
C ILE A 898 16.73 21.06 54.88
N ASN A 899 17.22 20.36 55.88
CA ASN A 899 18.12 19.24 55.63
C ASN A 899 17.38 18.09 54.97
N THR A 900 17.89 17.62 53.85
CA THR A 900 17.24 16.54 53.12
C THR A 900 17.29 15.20 53.87
N GLU A 901 18.24 15.08 54.79
CA GLU A 901 18.39 13.87 55.58
C GLU A 901 17.62 13.95 56.90
N ASP A 902 17.08 15.12 57.22
CA ASP A 902 16.37 15.29 58.48
C ASP A 902 15.37 16.42 58.41
N GLY A 903 14.11 16.07 58.25
CA GLY A 903 13.03 17.05 58.16
C GLY A 903 12.94 17.99 59.36
N LYS A 904 13.45 17.58 60.52
CA LYS A 904 13.42 18.41 61.71
C LYS A 904 14.42 19.56 61.62
N LYS A 905 15.46 19.40 60.80
CA LYS A 905 16.47 20.44 60.69
C LYS A 905 16.04 21.51 59.72
N ARG A 906 15.27 22.46 60.23
CA ARG A 906 14.79 23.56 59.44
C ARG A 906 15.32 24.87 60.02
N HIS A 907 15.83 25.76 59.18
CA HIS A 907 16.27 27.05 59.70
C HIS A 907 16.14 28.14 58.65
N THR A 908 16.19 29.38 59.08
CA THR A 908 16.03 30.49 58.16
C THR A 908 17.26 31.38 58.12
N LEU A 909 17.68 31.76 56.91
CA LEU A 909 18.85 32.61 56.70
C LEU A 909 18.46 34.07 56.79
N GLU A 910 19.43 34.96 56.75
CA GLU A 910 19.13 36.38 56.78
C GLU A 910 18.06 36.74 55.75
N LYS A 911 17.00 37.36 56.22
CA LYS A 911 15.90 37.75 55.36
C LYS A 911 16.30 38.79 54.35
N MET A 912 15.84 38.62 53.11
CA MET A 912 16.13 39.54 52.04
C MET A 912 15.22 40.75 52.13
N THR A 913 15.63 41.85 51.50
CA THR A 913 14.86 43.09 51.52
C THR A 913 13.67 43.06 50.57
N ASP A 914 13.59 42.05 49.72
CA ASP A 914 12.47 41.88 48.82
C ASP A 914 12.33 40.40 48.53
N SER A 915 11.33 40.02 47.74
CA SER A 915 11.08 38.61 47.50
C SER A 915 12.19 37.97 46.70
N VAL A 916 12.27 36.66 46.81
CA VAL A 916 13.29 35.93 46.09
C VAL A 916 12.75 35.51 44.75
N THR A 917 13.44 35.90 43.70
CA THR A 917 12.99 35.61 42.34
C THR A 917 13.73 34.46 41.71
N CYS A 918 14.96 34.20 42.12
CA CYS A 918 15.64 33.04 41.59
C CYS A 918 16.81 32.61 42.44
N LEU A 919 17.13 31.33 42.38
CA LEU A 919 18.23 30.79 43.13
C LEU A 919 19.16 30.02 42.23
N TYR A 920 20.43 30.00 42.59
CA TYR A 920 21.39 29.21 41.83
C TYR A 920 22.56 28.81 42.68
N CYS A 921 22.97 27.56 42.58
CA CYS A 921 24.10 27.14 43.37
C CYS A 921 24.83 25.96 42.77
N ASN A 932 31.29 26.65 46.13
CA ASN A 932 29.97 26.86 45.57
C ASN A 932 29.37 28.02 46.29
N PHE A 933 28.53 28.76 45.62
CA PHE A 933 27.92 29.87 46.30
C PHE A 933 26.44 29.86 46.07
N LEU A 934 25.69 30.19 47.09
CA LEU A 934 24.26 30.24 46.94
C LEU A 934 23.92 31.63 46.49
N LEU A 935 23.43 31.73 45.29
CA LEU A 935 23.13 33.02 44.75
C LEU A 935 21.67 33.27 44.89
N VAL A 936 21.34 34.43 45.42
CA VAL A 936 19.95 34.76 45.62
C VAL A 936 19.60 35.98 44.84
N GLY A 937 18.79 35.81 43.83
CA GLY A 937 18.37 36.94 43.04
C GLY A 937 17.04 37.41 43.55
N THR A 938 16.98 38.66 43.97
CA THR A 938 15.76 39.21 44.50
C THR A 938 15.07 40.19 43.57
N ALA A 939 13.82 40.50 43.90
CA ALA A 939 12.96 41.34 43.09
C ALA A 939 13.42 42.78 42.97
N ASP A 940 14.27 43.24 43.86
CA ASP A 940 14.77 44.60 43.77
C ASP A 940 16.07 44.68 42.97
N GLY A 941 16.42 43.63 42.23
CA GLY A 941 17.61 43.66 41.41
C GLY A 941 18.89 43.40 42.20
N LYS A 942 18.74 42.99 43.46
CA LYS A 942 19.87 42.74 44.32
C LYS A 942 20.31 41.27 44.27
N LEU A 943 21.63 41.05 44.22
CA LEU A 943 22.18 39.70 44.19
C LEU A 943 22.98 39.39 45.43
N ALA A 944 22.50 38.45 46.23
CA ALA A 944 23.25 38.09 47.42
C ALA A 944 24.06 36.85 47.14
N ILE A 945 25.31 36.85 47.58
CA ILE A 945 26.19 35.72 47.40
C ILE A 945 26.56 35.12 48.74
N PHE A 946 26.14 33.88 48.98
CA PHE A 946 26.46 33.21 50.23
C PHE A 946 27.55 32.18 50.06
N GLU A 947 28.44 32.12 51.05
CA GLU A 947 29.52 31.15 51.05
C GLU A 947 28.95 29.73 51.14
N ASP A 948 29.62 28.81 50.47
CA ASP A 948 29.24 27.41 50.30
C ASP A 948 28.71 26.72 51.56
N LYS A 949 29.54 26.61 52.60
CA LYS A 949 29.11 25.91 53.80
C LYS A 949 28.33 26.77 54.77
N THR A 950 28.66 28.07 54.84
CA THR A 950 27.99 29.04 55.71
C THR A 950 26.48 28.93 55.83
N VAL A 951 25.80 28.60 54.72
CA VAL A 951 24.33 28.52 54.69
C VAL A 951 23.72 27.51 55.68
N LYS A 952 24.54 26.62 56.21
CA LYS A 952 24.13 25.66 57.22
C LYS A 952 23.67 26.34 58.52
N LEU A 953 24.20 27.52 58.80
CA LEU A 953 23.89 28.21 60.04
C LEU A 953 22.64 29.10 59.94
N LYS A 954 21.85 29.10 61.01
CA LYS A 954 20.64 29.91 61.05
C LYS A 954 20.95 31.37 61.19
N GLY A 955 20.31 32.19 60.35
CA GLY A 955 20.51 33.62 60.38
C GLY A 955 21.81 34.04 59.70
N ALA A 956 22.43 33.13 58.97
CA ALA A 956 23.69 33.46 58.34
C ALA A 956 23.54 34.55 57.30
N ALA A 957 24.55 35.42 57.27
CA ALA A 957 24.66 36.51 56.32
C ALA A 957 25.46 36.05 55.11
N PRO A 958 25.25 36.66 53.94
CA PRO A 958 25.93 36.39 52.69
C PRO A 958 27.34 36.92 52.71
N LEU A 959 28.17 36.34 51.85
CA LEU A 959 29.54 36.76 51.66
C LEU A 959 29.58 38.19 51.19
N LYS A 960 28.78 38.49 50.18
CA LYS A 960 28.72 39.83 49.65
C LYS A 960 27.43 40.05 48.89
N ILE A 961 27.06 41.31 48.70
CA ILE A 961 25.83 41.66 48.01
C ILE A 961 26.04 42.69 46.91
N LEU A 962 25.49 42.41 45.73
CA LEU A 962 25.61 43.32 44.60
C LEU A 962 24.30 44.00 44.23
N ASN A 963 24.38 45.24 43.82
CA ASN A 963 23.22 45.96 43.33
C ASN A 963 23.29 46.00 41.83
N ILE A 964 22.49 45.17 41.18
CA ILE A 964 22.57 45.05 39.74
C ILE A 964 21.48 45.84 39.08
N GLY A 965 20.24 45.56 39.47
CA GLY A 965 19.09 46.26 38.93
C GLY A 965 18.54 47.28 39.90
N ASN A 966 17.22 47.36 39.99
CA ASN A 966 16.60 48.30 40.90
C ASN A 966 15.22 47.81 41.27
N VAL A 967 14.52 48.59 42.08
CA VAL A 967 13.21 48.23 42.57
C VAL A 967 12.20 47.77 41.50
N SER A 968 12.34 48.26 40.27
CA SER A 968 11.44 47.89 39.19
C SER A 968 12.08 46.88 38.21
N THR A 969 13.33 46.52 38.42
CA THR A 969 14.07 45.61 37.54
C THR A 969 14.67 44.44 38.31
N PRO A 970 13.89 43.40 38.58
CA PRO A 970 14.19 42.20 39.34
C PRO A 970 15.17 41.30 38.61
N LEU A 971 15.94 40.52 39.36
CA LEU A 971 16.81 39.56 38.71
C LEU A 971 15.96 38.36 38.38
N MET A 972 16.11 37.75 37.23
CA MET A 972 15.27 36.61 36.97
C MET A 972 15.98 35.40 36.41
N CYS A 973 17.28 35.44 36.32
CA CYS A 973 17.96 34.29 35.77
C CYS A 973 19.44 34.31 35.96
N LEU A 974 19.97 33.27 36.58
CA LEU A 974 21.40 33.10 36.76
C LEU A 974 21.84 31.84 36.06
N SER A 975 22.45 32.00 34.90
CA SER A 975 22.86 30.86 34.12
C SER A 975 24.35 30.75 34.05
N GLU A 976 24.82 29.55 33.81
CA GLU A 976 26.24 29.32 33.76
C GLU A 976 26.54 28.05 33.04
N SER A 977 27.21 28.15 31.93
CA SER A 977 27.57 26.97 31.17
C SER A 977 28.89 27.22 30.55
N ASN A 984 34.02 29.85 34.04
CA ASN A 984 33.19 29.86 35.24
C ASN A 984 32.46 31.18 35.31
N VAL A 985 32.23 31.78 34.15
CA VAL A 985 31.62 33.09 34.04
C VAL A 985 30.11 33.03 34.07
N MET A 986 29.52 33.87 34.91
CA MET A 986 28.08 33.91 35.04
C MET A 986 27.46 34.79 34.00
N TRP A 987 26.22 34.50 33.66
CA TRP A 987 25.43 35.31 32.77
C TRP A 987 24.03 35.42 33.32
N GLY A 988 23.33 36.50 33.04
CA GLY A 988 21.98 36.51 33.55
C GLY A 988 21.16 37.67 33.12
N GLY A 989 19.89 37.62 33.49
CA GLY A 989 18.95 38.65 33.07
C GLY A 989 18.50 39.55 34.19
N CYS A 990 18.47 40.83 33.89
CA CYS A 990 18.01 41.87 34.80
C CYS A 990 17.22 42.87 34.01
N GLY A 991 15.92 42.77 34.06
CA GLY A 991 15.13 43.68 33.28
C GLY A 991 15.43 43.39 31.82
N THR A 992 15.95 44.38 31.11
CA THR A 992 16.25 44.21 29.72
C THR A 992 17.74 44.14 29.46
N LYS A 993 18.54 43.99 30.52
CA LYS A 993 19.98 43.94 30.36
C LYS A 993 20.56 42.57 30.66
N ILE A 994 21.64 42.23 29.97
CA ILE A 994 22.33 40.99 30.26
C ILE A 994 23.61 41.29 30.97
N PHE A 995 23.76 40.72 32.15
CA PHE A 995 24.97 40.95 32.92
C PHE A 995 25.85 39.73 32.91
N SER A 996 27.05 39.90 33.44
CA SER A 996 27.98 38.79 33.49
C SER A 996 28.94 38.96 34.66
N PHE A 997 29.34 37.84 35.29
CA PHE A 997 30.24 37.97 36.43
C PHE A 997 31.50 37.16 36.38
N SER A 998 32.54 37.74 36.97
CA SER A 998 33.83 37.12 37.15
C SER A 998 33.79 36.23 38.36
N ASN A 999 34.90 35.55 38.64
CA ASN A 999 34.99 34.73 39.83
C ASN A 999 35.09 35.56 41.12
N ASP A 1000 35.24 36.88 40.98
CA ASP A 1000 35.27 37.78 42.10
C ASP A 1000 33.93 38.47 42.25
N PHE A 1001 32.95 38.03 41.45
CA PHE A 1001 31.60 38.57 41.44
C PHE A 1001 31.57 40.01 40.97
N THR A 1002 32.48 40.37 40.07
CA THR A 1002 32.48 41.72 39.56
C THR A 1002 31.75 41.74 38.23
N ILE A 1003 31.18 42.89 37.89
CA ILE A 1003 30.44 42.98 36.64
C ILE A 1003 31.39 43.10 35.47
N GLN A 1004 31.27 42.19 34.53
CA GLN A 1004 32.15 42.16 33.38
C GLN A 1004 31.56 42.79 32.13
N LYS A 1005 30.28 43.17 32.18
CA LYS A 1005 29.60 43.83 31.05
C LYS A 1005 28.11 43.85 31.23
N LEU A 1006 27.52 45.01 30.96
CA LEU A 1006 26.07 45.19 31.01
C LEU A 1006 25.57 45.45 29.62
N ILE A 1007 25.03 44.42 28.98
CA ILE A 1007 24.58 44.52 27.62
C ILE A 1007 23.14 44.93 27.53
N GLU A 1008 22.88 46.14 27.06
CA GLU A 1008 21.52 46.55 26.87
C GLU A 1008 20.95 45.83 25.69
N THR A 1009 19.90 45.04 25.88
CA THR A 1009 19.37 44.31 24.75
C THR A 1009 18.19 45.00 24.10
N ARG A 1010 17.67 46.05 24.74
CA ARG A 1010 16.51 46.77 24.20
C ARG A 1010 16.73 47.22 22.77
N THR A 1011 17.98 47.52 22.41
CA THR A 1011 18.34 47.99 21.07
C THR A 1011 17.96 47.02 19.98
N SER A 1012 17.66 45.76 20.32
CA SER A 1012 17.25 44.77 19.35
C SER A 1012 15.93 45.13 18.70
N GLN A 1013 15.20 46.12 19.25
CA GLN A 1013 13.93 46.58 18.68
C GLN A 1013 14.05 47.12 17.28
N LEU A 1014 15.27 47.37 16.80
CA LEU A 1014 15.46 47.78 15.41
C LEU A 1014 15.02 46.64 14.50
N PHE A 1015 15.05 45.42 15.04
CA PHE A 1015 14.63 44.21 14.39
C PHE A 1015 13.41 43.69 15.14
N SER A 1016 12.63 42.83 14.53
CA SER A 1016 11.46 42.29 15.20
C SER A 1016 10.43 43.35 15.60
N TYR A 1017 10.03 43.36 16.88
CA TYR A 1017 9.01 44.27 17.37
C TYR A 1017 9.32 44.78 18.76
N ALA A 1018 9.21 46.08 18.95
CA ALA A 1018 9.57 46.74 20.20
C ALA A 1018 8.91 46.19 21.44
N ALA A 1019 7.65 45.73 21.37
CA ALA A 1019 7.04 45.23 22.61
C ALA A 1019 7.56 43.85 22.98
N PHE A 1020 8.24 43.19 22.04
CA PHE A 1020 8.82 41.90 22.32
C PHE A 1020 10.23 42.14 22.81
N SER A 1021 10.93 43.04 22.14
CA SER A 1021 12.29 43.37 22.53
C SER A 1021 12.32 44.05 23.87
N ASP A 1022 11.43 44.97 24.09
CA ASP A 1022 11.42 45.63 25.35
C ASP A 1022 10.55 44.88 26.32
N SER A 1023 11.14 43.89 26.98
CA SER A 1023 10.41 43.08 27.96
C SER A 1023 11.40 42.36 28.86
N ASN A 1024 10.99 42.08 30.09
CA ASN A 1024 11.88 41.43 31.04
C ASN A 1024 12.39 40.08 30.58
N ILE A 1025 13.66 39.85 30.79
CA ILE A 1025 14.27 38.59 30.40
C ILE A 1025 13.85 37.47 31.33
N ILE A 1026 13.38 36.39 30.75
CA ILE A 1026 12.99 35.21 31.50
C ILE A 1026 14.12 34.24 31.66
N THR A 1027 14.80 33.93 30.58
CA THR A 1027 15.89 32.98 30.71
C THR A 1027 17.02 33.20 29.73
N VAL A 1028 18.21 32.82 30.17
CA VAL A 1028 19.44 32.97 29.41
C VAL A 1028 20.12 31.63 29.21
N VAL A 1029 20.34 31.23 27.99
CA VAL A 1029 21.05 29.99 27.76
C VAL A 1029 22.42 30.28 27.21
N VAL A 1030 23.44 29.74 27.85
CA VAL A 1030 24.80 30.05 27.46
C VAL A 1030 25.50 28.93 26.71
N ASP A 1031 25.73 29.11 25.43
CA ASP A 1031 26.48 28.14 24.66
C ASP A 1031 27.67 28.82 23.97
N THR A 1032 27.64 28.85 22.64
CA THR A 1032 28.58 29.58 21.84
C THR A 1032 27.97 30.92 21.44
N ALA A 1033 26.74 31.13 21.92
CA ALA A 1033 25.97 32.33 21.73
C ALA A 1033 24.96 32.38 22.85
N LEU A 1034 24.37 33.53 23.10
CA LEU A 1034 23.39 33.58 24.17
C LEU A 1034 22.01 33.48 23.59
N TYR A 1035 21.15 32.72 24.23
CA TYR A 1035 19.79 32.61 23.75
C TYR A 1035 18.88 33.22 24.77
N ILE A 1036 18.20 34.29 24.38
CA ILE A 1036 17.38 35.05 25.30
C ILE A 1036 15.91 34.94 25.07
N ALA A 1037 15.17 34.55 26.09
CA ALA A 1037 13.74 34.55 25.98
C ALA A 1037 13.20 35.59 26.94
N LYS A 1038 12.33 36.45 26.45
CA LYS A 1038 11.75 37.52 27.24
C LYS A 1038 10.29 37.28 27.52
N GLN A 1039 9.77 37.95 28.53
CA GLN A 1039 8.43 37.67 29.00
C GLN A 1039 7.43 38.04 27.95
N ASN A 1040 6.58 37.08 27.63
CA ASN A 1040 5.54 37.17 26.63
C ASN A 1040 6.05 37.33 25.21
N SER A 1041 7.32 37.04 24.97
CA SER A 1041 7.85 37.09 23.63
C SER A 1041 7.54 35.80 22.92
N PRO A 1042 7.44 35.84 21.61
CA PRO A 1042 7.33 34.71 20.73
C PRO A 1042 8.63 34.54 19.98
N VAL A 1043 9.59 35.40 20.28
CA VAL A 1043 10.86 35.38 19.60
C VAL A 1043 12.02 35.25 20.55
N VAL A 1044 12.93 34.34 20.21
CA VAL A 1044 14.16 34.13 20.98
C VAL A 1044 15.29 34.88 20.31
N GLU A 1045 16.01 35.65 21.08
CA GLU A 1045 17.10 36.43 20.50
C GLU A 1045 18.40 35.70 20.61
N VAL A 1046 19.24 35.81 19.60
CA VAL A 1046 20.53 35.18 19.65
C VAL A 1046 21.60 36.24 19.69
N TRP A 1047 22.42 36.23 20.72
CA TRP A 1047 23.43 37.26 20.83
C TRP A 1047 24.85 36.75 20.76
N ASP A 1048 25.71 37.50 20.10
CA ASP A 1048 27.12 37.18 20.07
C ASP A 1048 27.81 37.81 21.22
N LYS A 1049 28.05 37.03 22.26
CA LYS A 1049 28.71 37.49 23.47
C LYS A 1049 30.12 38.01 23.24
N LYS A 1050 30.75 37.67 22.12
CA LYS A 1050 32.10 38.12 21.83
C LYS A 1050 32.14 39.53 21.29
N THR A 1051 31.04 39.99 20.68
CA THR A 1051 31.00 41.33 20.12
C THR A 1051 29.81 42.11 20.62
N GLU A 1052 28.94 41.46 21.39
CA GLU A 1052 27.75 42.06 21.95
C GLU A 1052 26.82 42.53 20.85
N LYS A 1053 26.53 41.65 19.90
CA LYS A 1053 25.66 42.02 18.79
C LYS A 1053 24.53 41.03 18.55
N LEU A 1054 23.41 41.52 18.04
CA LEU A 1054 22.29 40.64 17.73
C LEU A 1054 22.64 39.83 16.50
N CYS A 1055 22.62 38.52 16.61
CA CYS A 1055 23.00 37.65 15.50
C CYS A 1055 21.91 36.78 14.94
N GLY A 1056 20.66 37.08 15.26
CA GLY A 1056 19.58 36.29 14.70
C GLY A 1056 18.40 36.20 15.62
N LEU A 1057 17.26 35.90 15.02
CA LEU A 1057 16.02 35.78 15.74
C LEU A 1057 15.36 34.46 15.43
N ILE A 1058 14.70 33.89 16.42
CA ILE A 1058 13.99 32.65 16.21
C ILE A 1058 12.50 32.87 16.39
N ASP A 1059 11.75 32.75 15.30
CA ASP A 1059 10.31 32.99 15.35
C ASP A 1059 9.51 31.72 15.60
N CYS A 1060 9.06 31.55 16.85
CA CYS A 1060 8.30 30.36 17.23
C CYS A 1060 6.94 30.29 16.57
N VAL A 1061 6.34 31.45 16.32
CA VAL A 1061 5.04 31.50 15.68
C VAL A 1061 5.14 30.91 14.31
N HIS A 1062 6.19 31.29 13.60
CA HIS A 1062 6.44 30.79 12.26
C HIS A 1062 6.45 29.29 12.21
N PHE A 1063 7.14 28.65 13.14
CA PHE A 1063 7.20 27.21 13.11
C PHE A 1063 5.82 26.59 13.29
N LEU A 1064 5.02 27.16 14.17
CA LEU A 1064 3.69 26.61 14.37
C LEU A 1064 2.69 27.17 13.37
N ARG A 1065 3.10 28.19 12.63
CA ARG A 1065 2.33 28.71 11.52
C ARG A 1065 2.36 27.70 10.40
N GLU A 1066 3.52 27.05 10.23
CA GLU A 1066 3.67 26.00 9.23
C GLU A 1066 2.81 24.80 9.60
N VAL A 1067 2.70 24.54 10.90
CA VAL A 1067 1.83 23.48 11.39
C VAL A 1067 0.36 23.90 11.28
N MET A 1068 -0.46 23.03 10.72
CA MET A 1068 -1.87 23.37 10.58
C MET A 1068 -2.58 23.33 11.92
N MET A 1079 -7.30 29.73 20.78
CA MET A 1079 -6.06 30.45 20.95
C MET A 1079 -4.97 29.62 21.64
N SER A 1080 -4.99 28.28 21.45
CA SER A 1080 -3.95 27.45 22.04
C SER A 1080 -2.59 27.75 21.39
N TYR A 1081 -2.61 28.27 20.16
CA TYR A 1081 -1.38 28.67 19.48
C TYR A 1081 -0.99 30.09 19.79
N SER A 1082 -0.59 30.31 21.03
CA SER A 1082 -0.20 31.64 21.46
C SER A 1082 1.20 31.95 20.97
N GLY A 1083 2.03 30.93 20.87
CA GLY A 1083 3.39 31.11 20.42
C GLY A 1083 4.28 31.72 21.50
N ARG A 1084 3.79 31.83 22.72
CA ARG A 1084 4.60 32.43 23.76
C ARG A 1084 5.69 31.50 24.20
N VAL A 1085 6.90 32.00 24.33
CA VAL A 1085 7.99 31.16 24.76
C VAL A 1085 8.00 30.99 26.26
N LYS A 1086 8.03 29.76 26.73
CA LYS A 1086 8.05 29.53 28.16
C LYS A 1086 9.44 29.25 28.68
N THR A 1087 10.04 28.14 28.29
CA THR A 1087 11.38 27.86 28.76
C THR A 1087 12.30 27.37 27.67
N LEU A 1088 13.60 27.59 27.88
CA LEU A 1088 14.61 27.12 26.97
C LEU A 1088 15.54 26.12 27.64
N CYS A 1089 15.74 24.96 27.04
CA CYS A 1089 16.74 24.04 27.54
C CYS A 1089 17.69 23.71 26.44
N LEU A 1090 18.93 23.47 26.78
CA LEU A 1090 19.90 23.21 25.74
C LEU A 1090 20.72 21.98 25.98
N GLN A 1091 20.83 21.18 24.94
CA GLN A 1091 21.60 19.97 24.98
C GLN A 1091 22.85 20.16 24.14
N LYS A 1092 23.98 19.65 24.59
CA LYS A 1092 25.24 19.89 23.92
C LYS A 1092 25.43 19.10 22.62
N ASN A 1093 24.43 18.33 22.22
CA ASN A 1093 24.45 17.63 20.95
C ASN A 1093 23.75 18.46 19.88
N THR A 1094 23.65 19.78 20.10
CA THR A 1094 22.97 20.75 19.22
C THR A 1094 21.45 20.79 19.38
N ALA A 1095 20.85 19.90 20.14
CA ALA A 1095 19.41 20.01 20.28
C ALA A 1095 19.03 21.17 21.18
N LEU A 1096 18.07 21.97 20.73
CA LEU A 1096 17.57 23.08 21.53
C LEU A 1096 16.10 22.82 21.80
N TRP A 1097 15.72 22.78 23.07
CA TRP A 1097 14.36 22.46 23.45
C TRP A 1097 13.59 23.70 23.82
N ILE A 1098 12.52 24.01 23.09
CA ILE A 1098 11.76 25.21 23.40
C ILE A 1098 10.32 24.93 23.77
N GLY A 1099 9.95 25.23 25.00
CA GLY A 1099 8.57 25.01 25.42
C GLY A 1099 7.75 26.23 25.08
N THR A 1100 6.45 26.12 25.10
CA THR A 1100 5.63 27.26 24.76
C THR A 1100 4.34 27.35 25.55
N GLY A 1101 3.54 28.34 25.19
CA GLY A 1101 2.28 28.59 25.86
C GLY A 1101 1.32 27.42 25.73
N GLY A 1102 1.17 26.89 24.53
CA GLY A 1102 0.32 25.74 24.33
C GLY A 1102 1.12 24.47 24.57
N GLY A 1103 0.49 23.32 24.40
CA GLY A 1103 1.18 22.06 24.63
C GLY A 1103 2.08 21.65 23.47
N HIS A 1104 3.13 22.44 23.23
CA HIS A 1104 4.07 22.16 22.16
C HIS A 1104 5.49 22.31 22.63
N ILE A 1105 6.36 21.47 22.12
CA ILE A 1105 7.78 21.59 22.40
C ILE A 1105 8.50 21.59 21.08
N LEU A 1106 9.28 22.61 20.82
CA LEU A 1106 9.95 22.66 19.55
C LEU A 1106 11.35 22.11 19.69
N LEU A 1107 11.75 21.29 18.74
CA LEU A 1107 13.12 20.80 18.76
C LEU A 1107 13.87 21.48 17.66
N LEU A 1108 14.84 22.31 18.02
CA LEU A 1108 15.61 22.98 16.99
C LEU A 1108 17.04 22.47 16.94
N ASP A 1109 17.62 22.58 15.77
CA ASP A 1109 18.99 22.25 15.49
C ASP A 1109 19.89 23.44 15.65
N LEU A 1110 20.69 23.49 16.70
CA LEU A 1110 21.58 24.62 16.95
C LEU A 1110 22.61 24.84 15.86
N SER A 1111 23.00 23.80 15.14
CA SER A 1111 24.01 24.00 14.12
C SER A 1111 23.47 24.64 12.86
N THR A 1112 22.15 24.61 12.66
CA THR A 1112 21.58 25.20 11.45
C THR A 1112 20.40 26.10 11.74
N ARG A 1113 19.96 26.14 12.99
CA ARG A 1113 18.79 26.89 13.40
C ARG A 1113 17.56 26.39 12.65
N ARG A 1114 17.34 25.09 12.69
CA ARG A 1114 16.22 24.51 11.95
C ARG A 1114 15.36 23.58 12.77
N LEU A 1115 14.11 23.48 12.37
CA LEU A 1115 13.14 22.69 13.09
C LEU A 1115 13.27 21.21 12.83
N ILE A 1116 13.63 20.49 13.87
CA ILE A 1116 13.73 19.04 13.83
C ILE A 1116 12.35 18.45 13.87
N ARG A 1117 11.56 18.88 14.84
CA ARG A 1117 10.19 18.39 14.98
C ARG A 1117 9.38 19.14 16.02
N VAL A 1118 8.07 19.14 15.84
CA VAL A 1118 7.18 19.73 16.82
C VAL A 1118 6.55 18.63 17.63
N ILE A 1119 6.82 18.61 18.93
CA ILE A 1119 6.24 17.62 19.81
C ILE A 1119 5.00 18.26 20.35
N TYR A 1120 3.83 17.68 20.18
CA TYR A 1120 2.69 18.43 20.64
C TYR A 1120 1.50 17.61 21.07
N ASN A 1121 0.51 18.34 21.59
CA ASN A 1121 -0.70 17.78 22.15
C ASN A 1121 -0.29 17.08 23.41
N PHE A 1122 0.69 17.72 24.05
CA PHE A 1122 1.33 17.28 25.25
C PHE A 1122 0.41 17.43 26.46
N CYS A 1123 0.01 18.65 26.71
CA CYS A 1123 -0.89 19.01 27.80
C CYS A 1123 -1.44 20.38 27.45
N ASN A 1124 -2.05 21.06 28.41
CA ASN A 1124 -2.58 22.37 28.11
C ASN A 1124 -1.46 23.41 27.93
N SER A 1125 -0.51 23.48 28.88
CA SER A 1125 0.54 24.49 28.81
C SER A 1125 1.83 24.05 29.50
N VAL A 1126 2.99 24.43 28.97
CA VAL A 1126 4.25 24.00 29.59
C VAL A 1126 4.71 24.94 30.69
N ARG A 1127 4.99 24.43 31.87
CA ARG A 1127 5.44 25.30 32.95
C ARG A 1127 6.96 25.34 33.05
N VAL A 1128 7.62 24.23 33.41
CA VAL A 1128 9.09 24.22 33.42
C VAL A 1128 9.67 22.98 32.79
N MET A 1129 10.92 23.07 32.38
CA MET A 1129 11.61 21.95 31.80
C MET A 1129 12.96 21.78 32.45
N MET A 1130 13.31 20.55 32.82
CA MET A 1130 14.59 20.33 33.43
C MET A 1130 15.35 19.21 32.76
N THR A 1131 16.66 19.27 32.87
CA THR A 1131 17.49 18.19 32.42
C THR A 1131 17.98 17.50 33.64
N ALA A 1132 17.78 16.21 33.73
CA ALA A 1132 18.21 15.54 34.94
C ALA A 1132 18.61 14.12 34.70
N GLN A 1133 19.56 13.67 35.48
CA GLN A 1133 20.01 12.30 35.39
C GLN A 1133 19.26 11.50 36.42
N LEU A 1134 18.72 10.36 36.01
CA LEU A 1134 17.96 9.51 36.89
C LEU A 1134 18.84 8.68 37.77
N GLY A 1135 18.20 7.90 38.62
CA GLY A 1135 18.89 7.02 39.56
C GLY A 1135 19.48 5.77 38.91
N SER A 1136 19.20 5.60 37.61
CA SER A 1136 19.75 4.55 36.80
C SER A 1136 20.75 5.14 35.80
N LEU A 1137 21.14 6.40 36.06
CA LEU A 1137 22.09 7.17 35.27
C LEU A 1137 21.61 7.56 33.87
N LYS A 1138 20.32 7.53 33.65
CA LYS A 1138 19.77 7.89 32.36
C LYS A 1138 19.50 9.37 32.31
N ASN A 1139 19.68 10.01 31.17
CA ASN A 1139 19.38 11.42 31.10
C ASN A 1139 18.00 11.63 30.52
N VAL A 1140 17.18 12.40 31.22
CA VAL A 1140 15.83 12.65 30.76
C VAL A 1140 15.40 14.09 30.88
N MET A 1141 14.36 14.44 30.14
CA MET A 1141 13.76 15.75 30.28
C MET A 1141 12.58 15.65 31.20
N LEU A 1142 12.52 16.53 32.17
CA LEU A 1142 11.41 16.55 33.09
C LEU A 1142 10.54 17.69 32.72
N VAL A 1143 9.43 17.43 32.06
CA VAL A 1143 8.61 18.54 31.65
C VAL A 1143 7.37 18.60 32.50
N LEU A 1144 7.24 19.67 33.24
CA LEU A 1144 6.10 19.88 34.11
C LEU A 1144 5.14 20.80 33.45
N GLY A 1145 3.90 20.39 33.31
CA GLY A 1145 2.95 21.28 32.67
C GLY A 1145 1.59 21.34 33.31
N TYR A 1146 0.77 22.23 32.77
CA TYR A 1146 -0.59 22.43 33.20
C TYR A 1146 -1.48 21.65 32.29
N ASN A 1147 -2.62 21.27 32.78
CA ASN A 1147 -3.54 20.53 31.96
C ASN A 1147 -4.95 20.84 32.36
N ARG A 1148 -5.24 22.13 32.46
CA ARG A 1148 -6.61 22.56 32.69
C ARG A 1148 -7.48 21.99 31.60
N GLU A 1159 -11.11 22.25 36.23
CA GLU A 1159 -10.27 21.06 36.22
C GLU A 1159 -8.77 21.28 36.16
N ILE A 1160 -8.23 22.06 37.10
CA ILE A 1160 -6.78 22.26 37.18
C ILE A 1160 -5.98 20.98 37.43
N GLN A 1161 -5.71 20.28 36.35
CA GLN A 1161 -4.88 19.10 36.38
C GLN A 1161 -3.49 19.52 35.97
N SER A 1162 -2.50 18.87 36.53
CA SER A 1162 -1.11 19.16 36.20
C SER A 1162 -0.35 17.84 36.22
N CYS A 1163 0.79 17.79 35.54
CA CYS A 1163 1.50 16.52 35.49
C CYS A 1163 2.94 16.61 35.06
N LEU A 1164 3.69 15.57 35.39
CA LEU A 1164 5.10 15.49 35.06
C LEU A 1164 5.35 14.47 33.98
N THR A 1165 5.99 14.88 32.91
CA THR A 1165 6.27 13.96 31.84
C THR A 1165 7.76 13.75 31.70
N VAL A 1166 8.19 12.49 31.61
CA VAL A 1166 9.61 12.22 31.52
C VAL A 1166 9.99 11.69 30.14
N TRP A 1167 10.84 12.43 29.44
CA TRP A 1167 11.25 12.05 28.09
C TRP A 1167 12.68 11.60 28.01
N ASP A 1168 12.94 10.60 27.18
CA ASP A 1168 14.31 10.18 26.95
C ASP A 1168 15.06 11.28 26.23
N ILE A 1169 16.13 11.76 26.83
CA ILE A 1169 16.93 12.86 26.28
C ILE A 1169 17.36 12.71 24.81
N ASN A 1170 17.30 11.52 24.24
CA ASN A 1170 17.75 11.31 22.87
C ASN A 1170 16.66 11.49 21.85
N LEU A 1171 15.50 12.01 22.27
CA LEU A 1171 14.39 12.25 21.37
C LEU A 1171 14.76 12.87 20.01
N PRO A 1172 15.54 13.95 19.93
CA PRO A 1172 15.98 14.59 18.70
C PRO A 1172 16.60 13.60 17.73
N HIS A 1173 17.35 12.64 18.27
CA HIS A 1173 18.04 11.69 17.41
C HIS A 1173 17.08 10.64 16.95
N GLU A 1174 16.15 10.28 17.81
CA GLU A 1174 15.19 9.27 17.45
C GLU A 1174 14.28 9.77 16.37
N VAL A 1175 13.91 11.04 16.44
CA VAL A 1175 13.09 11.61 15.40
C VAL A 1175 13.72 11.46 14.04
N GLN A 1176 14.98 11.84 13.94
CA GLN A 1176 15.65 11.75 12.66
C GLN A 1176 15.93 10.33 12.23
N ASN A 1177 16.37 9.48 13.15
CA ASN A 1177 16.69 8.12 12.78
C ASN A 1177 15.47 7.34 12.37
N LEU A 1178 14.38 7.53 13.07
CA LEU A 1178 13.16 6.84 12.73
C LEU A 1178 12.71 7.23 11.35
N GLU A 1179 12.74 8.53 11.06
CA GLU A 1179 12.33 9.00 9.76
C GLU A 1179 13.12 8.36 8.65
N LYS A 1180 14.44 8.29 8.84
CA LYS A 1180 15.29 7.66 7.85
C LYS A 1180 14.91 6.21 7.64
N HIS A 1181 14.78 5.47 8.74
CA HIS A 1181 14.43 4.07 8.71
C HIS A 1181 13.20 3.80 7.88
N ILE A 1182 12.16 4.57 8.15
CA ILE A 1182 10.93 4.39 7.44
C ILE A 1182 11.07 4.68 5.98
N GLU A 1183 11.78 5.74 5.62
CA GLU A 1183 11.90 6.07 4.22
C GLU A 1183 12.66 5.05 3.42
N VAL A 1184 13.71 4.48 4.00
CA VAL A 1184 14.47 3.46 3.31
C VAL A 1184 13.61 2.29 2.96
N ARG A 1185 12.82 1.84 3.92
CA ARG A 1185 11.97 0.69 3.70
C ARG A 1185 10.86 1.01 2.74
N LYS A 1186 10.41 2.25 2.72
CA LYS A 1186 9.40 2.65 1.77
C LYS A 1186 9.90 2.47 0.36
N GLU A 1187 11.14 2.88 0.11
CA GLU A 1187 11.74 2.74 -1.19
C GLU A 1187 11.89 1.29 -1.57
N LEU A 1188 12.27 0.45 -0.61
CA LEU A 1188 12.42 -0.97 -0.89
C LEU A 1188 11.10 -1.60 -1.26
N ALA A 1189 10.02 -1.14 -0.65
CA ALA A 1189 8.72 -1.69 -0.97
C ALA A 1189 8.38 -1.42 -2.42
N GLU A 1190 8.70 -0.23 -2.89
CA GLU A 1190 8.43 0.09 -4.28
C GLU A 1190 9.36 -0.66 -5.22
N LYS A 1191 10.59 -0.85 -4.80
CA LYS A 1191 11.56 -1.60 -5.57
C LYS A 1191 11.05 -3.00 -5.85
N MET A 1192 10.60 -3.67 -4.79
CA MET A 1192 10.09 -5.03 -4.89
C MET A 1192 8.84 -5.11 -5.74
N ARG A 1193 7.86 -4.29 -5.42
CA ARG A 1193 6.60 -4.31 -6.13
C ARG A 1193 6.77 -4.03 -7.61
N ARG A 1194 7.72 -3.17 -7.93
CA ARG A 1194 7.97 -2.78 -9.31
C ARG A 1194 8.64 -3.87 -10.14
N THR A 1195 9.54 -4.63 -9.54
CA THR A 1195 10.22 -5.70 -10.26
C THR A 1195 9.23 -6.72 -10.80
N SER A 1196 8.49 -7.35 -9.89
CA SER A 1196 7.49 -8.34 -10.25
C SER A 1196 7.99 -9.36 -11.27
N PRO B 1 -22.14 48.28 3.38
CA PRO B 1 -23.51 48.70 3.04
C PRO B 1 -24.14 49.45 4.20
N SER B 2 -24.48 50.71 3.96
CA SER B 2 -25.09 51.59 4.97
C SER B 2 -26.48 51.14 5.42
N SER B 3 -27.10 50.26 4.65
CA SER B 3 -28.41 49.72 4.98
C SER B 3 -28.36 48.68 6.12
N LEU B 4 -27.16 48.26 6.53
CA LEU B 4 -27.03 47.28 7.59
C LEU B 4 -27.29 47.85 8.98
N SER B 5 -27.72 46.96 9.88
CA SER B 5 -27.97 47.30 11.27
C SER B 5 -26.66 47.35 12.04
N ASP B 6 -26.73 47.75 13.30
CA ASP B 6 -25.55 47.81 14.15
C ASP B 6 -25.20 46.48 14.84
N HIS B 7 -25.75 45.37 14.34
CA HIS B 7 -25.50 44.03 14.86
C HIS B 7 -24.01 43.71 15.02
N ARG B 8 -23.72 43.05 16.15
CA ARG B 8 -22.38 42.66 16.55
C ARG B 8 -22.33 41.15 16.80
N PRO B 9 -22.03 40.35 15.76
CA PRO B 9 -21.98 38.89 15.70
C PRO B 9 -21.06 38.28 16.76
N VAL B 10 -21.48 37.14 17.29
CA VAL B 10 -20.70 36.42 18.30
C VAL B 10 -19.56 35.65 17.66
N ILE B 11 -18.47 36.36 17.39
CA ILE B 11 -17.30 35.77 16.77
C ILE B 11 -16.21 35.44 17.77
N GLU B 12 -15.83 34.17 17.85
CA GLU B 12 -14.75 33.79 18.76
C GLU B 12 -13.43 34.25 18.18
N LEU B 13 -12.66 34.97 18.99
CA LEU B 13 -11.39 35.48 18.56
C LEU B 13 -10.25 34.67 19.16
N PRO B 14 -9.11 34.63 18.49
CA PRO B 14 -7.85 34.09 18.93
C PRO B 14 -7.31 35.17 19.84
N HIS B 15 -6.25 34.90 20.57
CA HIS B 15 -5.69 35.93 21.44
C HIS B 15 -6.69 36.39 22.52
N CYS B 16 -7.25 35.43 23.26
CA CYS B 16 -8.30 35.72 24.25
C CYS B 16 -7.80 36.29 25.58
N GLU B 17 -6.51 36.14 25.88
CA GLU B 17 -5.98 36.64 27.15
C GLU B 17 -5.63 38.11 27.01
N ASN B 18 -5.65 38.86 28.12
CA ASN B 18 -5.46 40.31 28.05
C ASN B 18 -4.16 40.73 27.37
N SER B 19 -3.06 40.04 27.67
CA SER B 19 -1.77 40.36 27.09
C SER B 19 -1.67 39.99 25.63
N GLU B 20 -2.65 39.26 25.12
CA GLU B 20 -2.65 38.84 23.76
C GLU B 20 -3.15 39.93 22.83
N ILE B 21 -3.79 40.97 23.39
CA ILE B 21 -4.35 42.03 22.56
C ILE B 21 -4.07 43.45 23.05
N ILE B 22 -4.28 44.38 22.15
CA ILE B 22 -4.13 45.81 22.37
C ILE B 22 -5.50 46.45 22.35
N ILE B 23 -5.84 47.26 23.35
CA ILE B 23 -7.15 47.93 23.29
C ILE B 23 -7.05 49.45 23.38
N ARG B 24 -7.52 50.12 22.33
CA ARG B 24 -7.55 51.59 22.26
C ARG B 24 -8.96 52.18 22.28
N LEU B 25 -9.18 53.13 23.20
CA LEU B 25 -10.51 53.73 23.34
C LEU B 25 -10.58 55.24 22.97
N TYR B 26 -11.68 55.64 22.31
CA TYR B 26 -11.92 57.05 21.95
C TYR B 26 -13.27 57.51 22.49
N GLU B 27 -13.26 58.33 23.55
CA GLU B 27 -14.52 58.71 24.18
C GLU B 27 -15.16 60.02 23.70
N MET B 28 -16.47 59.96 23.46
CA MET B 28 -17.31 61.08 23.06
C MET B 28 -18.79 60.63 23.09
N PRO B 29 -19.69 61.37 23.75
CA PRO B 29 -21.12 61.07 23.97
C PRO B 29 -21.85 60.62 22.72
N TYR B 30 -21.50 61.17 21.57
CA TYR B 30 -22.16 60.79 20.34
C TYR B 30 -21.35 61.21 19.12
N PHE B 31 -21.31 60.31 18.14
CA PHE B 31 -20.58 60.51 16.90
C PHE B 31 -21.60 60.54 15.76
N PRO B 32 -22.28 61.69 15.56
CA PRO B 32 -23.38 61.90 14.61
C PRO B 32 -23.33 61.02 13.39
N MET B 33 -24.50 60.44 13.08
CA MET B 33 -24.64 59.52 11.96
C MET B 33 -24.13 60.16 10.67
N GLY B 34 -23.35 59.37 9.96
CA GLY B 34 -22.65 59.80 8.77
C GLY B 34 -21.16 59.67 9.08
N PHE B 35 -20.85 59.81 10.38
CA PHE B 35 -19.51 59.61 10.92
C PHE B 35 -18.99 58.25 10.57
N TRP B 36 -19.80 57.22 10.83
CA TRP B 36 -19.40 55.85 10.61
C TRP B 36 -19.38 55.49 9.14
N SER B 37 -20.14 56.23 8.32
CA SER B 37 -20.10 56.03 6.88
C SER B 37 -18.77 56.53 6.35
N ARG B 38 -18.32 57.66 6.87
CA ARG B 38 -17.03 58.21 6.48
C ARG B 38 -15.90 57.39 7.09
N LEU B 39 -16.15 56.85 8.29
CA LEU B 39 -15.18 56.03 8.97
C LEU B 39 -14.91 54.76 8.21
N ILE B 40 -15.96 54.04 7.83
CA ILE B 40 -15.77 52.81 7.06
C ILE B 40 -15.15 53.08 5.70
N ASN B 41 -15.43 54.23 5.09
CA ASN B 41 -14.76 54.56 3.85
C ASN B 41 -13.26 54.65 4.05
N ARG B 42 -12.83 55.22 5.18
CA ARG B 42 -11.41 55.27 5.48
C ARG B 42 -10.86 53.94 5.99
N LEU B 43 -11.69 53.16 6.70
CA LEU B 43 -11.25 51.87 7.19
C LEU B 43 -11.04 50.87 6.05
N LEU B 44 -11.80 51.00 4.96
CA LEU B 44 -11.60 50.11 3.82
C LEU B 44 -10.46 50.62 2.92
N GLU B 45 -9.28 50.67 3.53
CA GLU B 45 -8.00 51.10 2.99
C GLU B 45 -6.85 50.38 3.71
N ILE B 46 -7.13 49.82 4.90
CA ILE B 46 -6.16 49.13 5.74
C ILE B 46 -5.46 48.00 5.01
N SER B 47 -4.13 47.98 5.10
CA SER B 47 -3.32 46.95 4.46
C SER B 47 -1.88 47.02 4.95
N PRO B 48 -1.45 46.07 5.81
CA PRO B 48 -0.16 46.02 6.48
C PRO B 48 0.97 45.70 5.49
N TYR B 49 0.58 45.18 4.34
CA TYR B 49 1.47 44.79 3.26
C TYR B 49 2.18 45.97 2.65
N MET B 50 1.52 47.13 2.69
CA MET B 50 2.01 48.35 2.09
C MET B 50 3.29 48.89 2.69
N LEU B 51 3.63 48.48 3.91
CA LEU B 51 4.87 48.99 4.50
C LEU B 51 6.07 48.17 4.05
N LEU B 58 -4.25 41.35 0.24
CA LEU B 58 -5.14 40.43 0.94
C LEU B 58 -6.46 41.08 1.23
N ARG B 59 -7.53 40.37 0.87
CA ARG B 59 -8.88 40.84 1.11
C ARG B 59 -9.64 39.75 1.86
N PRO B 60 -9.53 39.74 3.19
CA PRO B 60 -10.06 38.78 4.16
C PRO B 60 -11.57 38.91 4.35
N ASN B 61 -12.14 37.97 5.10
CA ASN B 61 -13.57 37.90 5.33
C ASN B 61 -14.06 38.93 6.35
N ARG B 62 -14.06 40.19 5.92
CA ARG B 62 -14.51 41.30 6.74
C ARG B 62 -16.01 41.27 6.95
N MET B 63 -16.46 41.81 8.08
CA MET B 63 -17.88 41.85 8.41
C MET B 63 -18.25 43.23 8.94
N TYR B 64 -18.78 44.07 8.03
CA TYR B 64 -19.19 45.43 8.40
C TYR B 64 -20.36 45.40 9.37
N TRP B 65 -20.24 46.16 10.45
CA TRP B 65 -21.22 46.20 11.53
C TRP B 65 -21.98 47.52 11.59
N ARG B 66 -22.02 48.26 10.49
CA ARG B 66 -22.64 49.60 10.38
C ARG B 66 -21.87 50.67 11.16
N GLN B 67 -21.68 50.47 12.47
CA GLN B 67 -20.91 51.36 13.30
C GLN B 67 -19.58 50.73 13.66
N GLY B 68 -18.90 50.15 12.66
CA GLY B 68 -17.63 49.49 12.87
C GLY B 68 -17.47 48.32 11.90
N ILE B 69 -16.36 47.58 12.04
CA ILE B 69 -16.10 46.44 11.15
C ILE B 69 -15.12 45.41 11.74
N TYR B 70 -15.43 44.14 11.48
CA TYR B 70 -14.65 42.99 11.90
C TYR B 70 -13.29 42.82 11.21
N LEU B 71 -13.27 42.90 9.88
CA LEU B 71 -12.07 42.77 9.01
C LEU B 71 -11.42 41.37 8.93
N ASN B 72 -11.14 40.72 10.07
CA ASN B 72 -10.63 39.34 10.14
C ASN B 72 -9.14 39.18 9.91
N TRP B 73 -8.69 39.56 8.72
CA TRP B 73 -7.28 39.42 8.30
C TRP B 73 -6.74 37.99 8.46
N SER B 74 -6.30 37.65 9.68
CA SER B 74 -5.71 36.34 9.95
C SER B 74 -5.73 36.00 11.46
N PRO B 75 -5.57 34.73 11.82
CA PRO B 75 -5.42 34.22 13.18
C PRO B 75 -4.23 34.89 13.87
N GLU B 76 -3.21 35.20 13.07
CA GLU B 76 -2.01 35.87 13.52
C GLU B 76 -2.23 37.35 13.76
N ALA B 77 -2.92 38.00 12.83
CA ALA B 77 -3.16 39.43 12.93
C ALA B 77 -4.54 39.77 12.43
N TYR B 78 -5.30 40.48 13.27
CA TYR B 78 -6.67 40.89 13.00
C TYR B 78 -6.96 42.27 13.57
N CYS B 79 -8.07 42.88 13.15
CA CYS B 79 -8.37 44.23 13.63
C CYS B 79 -9.85 44.56 13.72
N LEU B 80 -10.37 44.62 14.94
CA LEU B 80 -11.78 44.97 15.12
C LEU B 80 -11.92 46.42 15.52
N VAL B 81 -12.78 47.16 14.82
CA VAL B 81 -12.98 48.58 15.11
C VAL B 81 -14.45 48.92 15.22
N GLY B 82 -14.88 49.59 16.28
CA GLY B 82 -16.30 49.97 16.32
C GLY B 82 -16.76 50.73 17.57
N SER B 83 -18.02 51.18 17.53
CA SER B 83 -18.61 51.95 18.64
C SER B 83 -18.97 51.06 19.82
N GLU B 84 -18.93 51.63 21.02
CA GLU B 84 -19.22 50.94 22.27
C GLU B 84 -19.90 51.84 23.30
N VAL B 85 -20.57 51.21 24.27
CA VAL B 85 -21.20 51.92 25.39
C VAL B 85 -21.29 50.95 26.58
N LEU B 86 -21.11 51.46 27.79
CA LEU B 86 -21.14 50.57 28.97
C LEU B 86 -22.23 50.96 29.95
N ASP B 87 -22.64 50.00 30.79
CA ASP B 87 -23.66 50.27 31.79
C ASP B 87 -23.17 51.36 32.72
N ASN B 88 -24.03 52.36 32.94
CA ASN B 88 -23.74 53.55 33.76
C ASN B 88 -22.65 54.43 33.15
N HIS B 89 -22.37 54.24 31.86
CA HIS B 89 -21.38 55.02 31.13
C HIS B 89 -21.95 55.41 29.76
N PRO B 90 -22.91 56.35 29.74
CA PRO B 90 -23.66 56.86 28.59
C PRO B 90 -22.78 57.51 27.54
N GLU B 91 -21.56 57.90 27.93
CA GLU B 91 -20.65 58.48 26.96
C GLU B 91 -20.15 57.37 26.06
N SER B 92 -20.46 57.45 24.77
CA SER B 92 -20.09 56.40 23.84
C SER B 92 -18.61 56.47 23.54
N PHE B 93 -18.09 55.42 22.94
CA PHE B 93 -16.68 55.43 22.60
C PHE B 93 -16.33 54.45 21.51
N LEU B 94 -15.21 54.70 20.85
CA LEU B 94 -14.76 53.77 19.82
C LEU B 94 -13.77 52.82 20.47
N LYS B 95 -13.73 51.60 19.98
CA LYS B 95 -12.84 50.60 20.52
C LYS B 95 -12.10 49.84 19.43
N ILE B 96 -10.78 49.76 19.56
CA ILE B 96 -9.98 49.03 18.59
C ILE B 96 -9.28 47.85 19.23
N THR B 97 -9.44 46.67 18.63
CA THR B 97 -8.78 45.48 19.13
C THR B 97 -7.90 44.82 18.07
N VAL B 98 -6.60 44.78 18.36
CA VAL B 98 -5.63 44.10 17.51
C VAL B 98 -4.79 43.26 18.43
N PRO B 99 -4.18 42.19 17.96
CA PRO B 99 -3.34 41.31 18.74
C PRO B 99 -2.05 42.01 19.02
N SER B 100 -1.44 41.71 20.15
CA SER B 100 -0.21 42.38 20.55
C SER B 100 1.00 41.85 19.80
N CYS B 101 1.19 42.38 18.60
CA CYS B 101 2.32 42.04 17.76
C CYS B 101 2.51 43.15 16.77
N ARG B 102 3.57 43.09 15.98
CA ARG B 102 3.85 44.14 15.04
C ARG B 102 2.80 44.27 13.97
N LYS B 103 2.30 43.16 13.45
CA LYS B 103 1.28 43.27 12.42
C LYS B 103 0.04 43.92 12.97
N GLY B 104 -0.28 43.60 14.21
CA GLY B 104 -1.41 44.22 14.87
C GLY B 104 -1.15 45.69 15.03
N CYS B 105 0.09 46.04 15.42
CA CYS B 105 0.50 47.42 15.58
C CYS B 105 0.33 48.18 14.29
N ILE B 106 0.72 47.58 13.18
CA ILE B 106 0.58 48.18 11.86
C ILE B 106 -0.88 48.44 11.53
N LEU B 107 -1.72 47.42 11.76
CA LEU B 107 -3.15 47.55 11.50
C LEU B 107 -3.74 48.65 12.36
N LEU B 108 -3.33 48.69 13.63
CA LEU B 108 -3.75 49.70 14.58
C LEU B 108 -3.34 51.08 14.15
N GLY B 109 -2.07 51.24 13.81
CA GLY B 109 -1.51 52.52 13.41
C GLY B 109 -2.26 53.11 12.22
N GLN B 110 -2.55 52.28 11.23
CA GLN B 110 -3.29 52.77 10.08
C GLN B 110 -4.71 53.17 10.49
N VAL B 111 -5.36 52.36 11.33
CA VAL B 111 -6.71 52.66 11.80
C VAL B 111 -6.82 53.92 12.62
N VAL B 112 -5.89 54.13 13.56
CA VAL B 112 -6.00 55.31 14.41
C VAL B 112 -5.72 56.57 13.62
N ASP B 113 -4.89 56.47 12.58
CA ASP B 113 -4.69 57.62 11.73
C ASP B 113 -5.93 57.89 10.89
N HIS B 114 -6.64 56.84 10.49
CA HIS B 114 -7.88 57.00 9.74
C HIS B 114 -8.97 57.61 10.62
N ILE B 115 -9.00 57.22 11.89
CA ILE B 115 -9.96 57.79 12.83
C ILE B 115 -9.66 59.25 13.07
N ASP B 116 -8.41 59.59 13.34
CA ASP B 116 -8.08 61.00 13.53
C ASP B 116 -8.26 61.82 12.27
N SER B 117 -8.02 61.23 11.10
CA SER B 117 -8.26 61.93 9.85
C SER B 117 -9.73 62.28 9.77
N LEU B 118 -10.58 61.36 10.22
CA LEU B 118 -12.00 61.59 10.29
C LEU B 118 -12.34 62.63 11.36
N MET B 119 -11.62 62.62 12.49
CA MET B 119 -11.88 63.62 13.50
C MET B 119 -11.56 65.01 12.95
N GLU B 120 -10.59 65.10 12.05
CA GLU B 120 -10.28 66.36 11.38
C GLU B 120 -11.35 66.68 10.30
N GLU B 121 -11.86 65.64 9.63
CA GLU B 121 -12.88 65.76 8.59
C GLU B 121 -14.30 65.98 9.09
N TRP B 122 -14.82 64.99 9.81
CA TRP B 122 -16.18 65.02 10.36
C TRP B 122 -16.32 66.04 11.47
N PHE B 123 -15.27 66.20 12.28
CA PHE B 123 -15.34 67.20 13.37
C PHE B 123 -14.27 68.30 13.28
N PRO B 124 -14.15 69.00 12.14
CA PRO B 124 -13.14 70.01 11.88
C PRO B 124 -13.15 71.13 12.93
N GLY B 125 -12.15 71.11 13.81
CA GLY B 125 -12.00 72.14 14.83
C GLY B 125 -12.48 71.73 16.23
N LEU B 126 -13.12 70.56 16.35
CA LEU B 126 -13.61 70.11 17.64
C LEU B 126 -12.46 69.86 18.60
N LEU B 127 -11.40 69.23 18.09
CA LEU B 127 -10.22 68.96 18.88
C LEU B 127 -9.61 70.27 19.36
N LEU B 138 -14.03 66.10 24.93
CA LEU B 138 -14.48 65.20 23.90
C LEU B 138 -13.32 64.54 23.16
N LEU B 139 -13.58 63.36 22.58
CA LEU B 139 -12.58 62.63 21.80
C LEU B 139 -11.35 62.28 22.64
N LYS B 140 -11.63 61.80 23.85
CA LYS B 140 -10.59 61.51 24.82
C LYS B 140 -9.93 60.20 24.48
N LYS B 141 -8.61 60.19 24.47
CA LYS B 141 -7.89 59.01 24.06
C LYS B 141 -7.36 58.23 25.24
N TRP B 142 -7.81 56.99 25.38
CA TRP B 142 -7.40 56.18 26.51
C TRP B 142 -6.76 54.87 26.11
N ALA B 143 -5.68 54.53 26.79
CA ALA B 143 -5.01 53.26 26.60
C ALA B 143 -5.50 52.28 27.64
N LEU B 144 -6.18 51.22 27.21
CA LEU B 144 -6.76 50.29 28.16
C LEU B 144 -5.75 49.15 28.43
N TYR B 145 -5.41 48.91 29.70
CA TYR B 145 -4.36 47.92 30.00
C TYR B 145 -4.57 47.18 31.33
N SER B 146 -3.85 46.08 31.52
CA SER B 146 -3.90 45.37 32.80
C SER B 146 -2.52 44.80 33.11
N PHE B 147 -2.27 44.53 34.38
CA PHE B 147 -0.98 43.99 34.80
C PHE B 147 -0.99 42.47 34.90
N ASN B 148 -2.06 41.83 34.47
CA ASN B 148 -2.18 40.39 34.58
C ASN B 148 -3.38 39.87 33.83
N ASP B 149 -3.15 38.86 33.00
CA ASP B 149 -4.22 38.30 32.20
C ASP B 149 -5.35 37.81 33.07
N GLY B 150 -6.56 38.18 32.68
CA GLY B 150 -7.77 37.84 33.41
C GLY B 150 -8.21 38.95 34.36
N GLU B 151 -7.38 39.96 34.57
CA GLU B 151 -7.72 41.05 35.46
C GLU B 151 -8.50 42.15 34.76
N GLU B 152 -9.02 43.05 35.57
CA GLU B 152 -9.74 44.22 35.08
C GLU B 152 -8.78 45.24 34.52
N HIS B 153 -9.15 45.83 33.40
CA HIS B 153 -8.31 46.81 32.74
C HIS B 153 -8.49 48.21 33.33
N GLN B 154 -7.45 49.03 33.19
CA GLN B 154 -7.42 50.40 33.65
C GLN B 154 -7.10 51.32 32.46
N LYS B 155 -7.49 52.59 32.53
CA LYS B 155 -7.27 53.49 31.39
C LYS B 155 -6.20 54.57 31.64
N ILE B 156 -5.34 54.79 30.63
CA ILE B 156 -4.34 55.86 30.68
C ILE B 156 -4.63 56.92 29.64
N LEU B 157 -4.80 58.16 30.07
CA LEU B 157 -5.00 59.23 29.12
C LEU B 157 -3.72 59.34 28.32
N LEU B 158 -3.81 59.30 27.00
CA LEU B 158 -2.57 59.28 26.22
C LEU B 158 -1.71 60.51 26.43
N ASP B 159 -2.30 61.63 26.82
CA ASP B 159 -1.49 62.81 27.13
C ASP B 159 -0.50 62.51 28.24
N ASP B 160 -0.98 61.83 29.28
CA ASP B 160 -0.13 61.43 30.39
C ASP B 160 0.82 60.32 29.96
N LEU B 161 0.36 59.46 29.05
CA LEU B 161 1.21 58.39 28.56
C LEU B 161 2.39 59.01 27.79
N MET B 162 2.12 60.08 27.06
CA MET B 162 3.18 60.79 26.32
C MET B 162 4.16 61.46 27.28
N LYS B 163 3.66 61.91 28.44
CA LYS B 163 4.55 62.44 29.47
C LYS B 163 5.51 61.34 29.92
N LYS B 164 4.98 60.12 29.99
CA LYS B 164 5.77 58.95 30.35
C LYS B 164 6.64 58.46 29.19
N ALA B 165 6.20 58.73 27.96
CA ALA B 165 6.97 58.38 26.78
C ALA B 165 8.30 59.12 26.82
N GLU B 166 8.27 60.35 27.31
CA GLU B 166 9.48 61.14 27.45
C GLU B 166 10.43 60.49 28.45
N GLU B 167 9.90 59.90 29.51
CA GLU B 167 10.73 59.21 30.48
C GLU B 167 11.38 57.98 29.85
N GLY B 168 10.61 57.25 29.03
CA GLY B 168 11.10 56.08 28.29
C GLY B 168 11.14 54.78 29.11
N ASP B 169 10.61 54.83 30.33
CA ASP B 169 10.61 53.67 31.22
C ASP B 169 9.32 52.88 31.05
N LEU B 170 9.19 51.80 31.83
CA LEU B 170 8.00 50.97 31.83
C LEU B 170 6.95 51.60 32.69
N LEU B 171 5.70 51.17 32.54
CA LEU B 171 4.68 51.65 33.44
C LEU B 171 5.00 50.98 34.75
N VAL B 172 5.32 51.76 35.78
CA VAL B 172 5.68 51.13 37.04
C VAL B 172 4.65 51.39 38.08
N ASN B 173 4.11 50.32 38.65
CA ASN B 173 3.14 50.48 39.72
C ASN B 173 3.87 50.95 40.97
N PRO B 174 3.64 52.18 41.44
CA PRO B 174 4.28 52.84 42.57
C PRO B 174 3.99 52.17 43.90
N ASP B 175 2.91 51.40 43.96
CA ASP B 175 2.52 50.72 45.18
C ASP B 175 3.08 49.31 45.17
N GLN B 176 3.21 48.77 43.96
CA GLN B 176 3.76 47.44 43.78
C GLN B 176 4.66 47.40 42.57
N PRO B 177 5.88 47.95 42.68
CA PRO B 177 6.94 48.08 41.67
C PRO B 177 7.24 46.79 40.93
N ARG B 178 6.86 45.66 41.53
CA ARG B 178 7.02 44.36 40.95
C ARG B 178 6.17 44.25 39.67
N LEU B 179 5.14 45.07 39.56
CA LEU B 179 4.28 45.09 38.40
C LEU B 179 4.67 46.21 37.43
N THR B 180 5.26 45.83 36.30
CA THR B 180 5.62 46.82 35.30
C THR B 180 5.17 46.41 33.89
N ILE B 181 4.93 47.40 33.04
CA ILE B 181 4.50 47.13 31.66
C ILE B 181 5.33 47.87 30.60
N PRO B 182 5.81 47.18 29.58
CA PRO B 182 6.53 47.70 28.44
C PRO B 182 5.65 48.56 27.58
N ILE B 183 5.48 49.82 28.00
CA ILE B 183 4.68 50.90 27.38
C ILE B 183 4.24 50.78 25.92
N SER B 184 5.07 50.20 25.05
CA SER B 184 4.72 50.05 23.65
C SER B 184 3.56 49.06 23.45
N GLN B 185 3.31 48.22 24.44
CA GLN B 185 2.18 47.32 24.41
C GLN B 185 0.94 48.09 24.77
N ILE B 186 1.07 48.99 25.72
CA ILE B 186 -0.03 49.85 26.12
C ILE B 186 -0.46 50.70 24.93
N ALA B 187 0.50 51.23 24.19
CA ALA B 187 0.20 52.04 23.03
C ALA B 187 1.20 51.82 21.92
N PRO B 188 0.99 50.82 21.07
CA PRO B 188 1.80 50.44 19.91
C PRO B 188 2.04 51.59 18.93
N ASP B 189 1.10 52.53 18.83
CA ASP B 189 1.28 53.67 17.92
C ASP B 189 2.00 54.86 18.58
N LEU B 190 2.43 54.69 19.83
CA LEU B 190 3.19 55.72 20.53
C LEU B 190 4.61 55.72 20.03
N ILE B 191 5.21 54.54 20.04
CA ILE B 191 6.57 54.33 19.57
C ILE B 191 6.53 53.66 18.21
N LEU B 192 7.17 54.28 17.23
CA LEU B 192 7.13 53.79 15.85
C LEU B 192 7.89 52.51 15.58
N ALA B 193 7.33 51.39 16.04
CA ALA B 193 7.87 50.06 15.76
C ALA B 193 7.20 49.46 14.52
N ASP B 194 6.21 50.17 13.99
CA ASP B 194 5.44 49.75 12.83
C ASP B 194 5.86 50.48 11.56
N LEU B 195 7.11 50.88 11.48
CA LEU B 195 7.61 51.53 10.29
C LEU B 195 8.24 50.50 9.40
N PRO B 196 8.40 50.82 8.12
CA PRO B 196 9.17 50.08 7.17
C PRO B 196 10.53 49.95 7.81
N ARG B 197 11.09 48.74 7.80
CA ARG B 197 12.33 48.45 8.50
C ARG B 197 13.45 49.42 8.15
N ASN B 198 13.51 49.83 6.90
CA ASN B 198 14.55 50.72 6.40
C ASN B 198 14.50 52.15 6.93
N ILE B 199 13.42 52.56 7.60
CA ILE B 199 13.39 53.91 8.12
C ILE B 199 13.34 53.96 9.64
N MET B 200 13.65 52.85 10.30
CA MET B 200 13.70 52.97 11.75
C MET B 200 15.00 53.67 12.09
N LEU B 201 14.91 54.74 12.87
CA LEU B 201 16.10 55.52 13.18
C LEU B 201 17.13 54.78 13.98
N ASN B 202 18.33 54.67 13.44
CA ASN B 202 19.40 54.06 14.20
C ASN B 202 20.02 55.13 15.08
N ASN B 203 19.70 55.07 16.37
CA ASN B 203 20.15 56.07 17.33
C ASN B 203 21.65 56.07 17.59
N ASP B 204 22.36 55.06 17.09
CA ASP B 204 23.79 55.02 17.24
C ASP B 204 24.47 55.66 16.03
N GLU B 205 23.69 55.94 14.98
CA GLU B 205 24.23 56.54 13.77
C GLU B 205 23.80 57.98 13.58
N LEU B 206 22.82 58.45 14.36
CA LEU B 206 22.41 59.83 14.18
C LEU B 206 23.28 60.81 14.90
N GLU B 207 24.31 61.26 14.19
CA GLU B 207 25.23 62.27 14.69
C GLU B 207 24.62 63.66 14.56
N PHE B 208 23.67 63.96 15.43
CA PHE B 208 22.95 65.22 15.40
C PHE B 208 23.30 66.14 16.56
N GLU B 209 24.05 67.20 16.25
CA GLU B 209 24.52 68.18 17.23
C GLU B 209 23.45 69.13 17.78
N GLN B 210 22.49 69.52 16.94
CA GLN B 210 21.41 70.47 17.28
C GLN B 210 21.89 71.90 17.55
N ALA B 211 23.10 72.23 17.13
CA ALA B 211 23.63 73.57 17.32
C ALA B 211 23.15 74.47 16.18
N PRO B 212 23.03 75.79 16.39
CA PRO B 212 22.61 76.83 15.44
C PRO B 212 23.36 76.74 14.11
N GLU B 213 24.61 76.30 14.16
CA GLU B 213 25.46 76.11 12.98
C GLU B 213 24.92 75.05 12.00
N PHE B 214 24.00 74.22 12.48
CA PHE B 214 23.40 73.18 11.69
C PHE B 214 22.03 73.60 11.12
N LEU B 215 21.59 74.83 11.41
CA LEU B 215 20.31 75.30 10.89
C LEU B 215 20.24 75.39 9.39
N LEU B 216 19.17 74.84 8.86
CA LEU B 216 18.86 74.93 7.45
C LEU B 216 17.66 75.86 7.25
N GLY B 217 16.70 75.76 8.17
CA GLY B 217 15.49 76.57 8.11
C GLY B 217 14.58 76.24 9.28
N ASP B 218 13.28 76.42 9.11
CA ASP B 218 12.35 76.10 10.19
C ASP B 218 10.98 75.71 9.66
N GLY B 219 10.00 75.64 10.56
CA GLY B 219 8.62 75.33 10.15
C GLY B 219 7.68 75.44 11.34
N SER B 220 6.38 75.26 11.09
CA SER B 220 5.39 75.41 12.15
C SER B 220 5.54 74.38 13.27
N PHE B 221 6.13 73.24 12.95
CA PHE B 221 6.37 72.19 13.90
C PHE B 221 7.59 72.42 14.80
N GLY B 222 8.51 73.27 14.36
CA GLY B 222 9.69 73.54 15.15
C GLY B 222 10.76 74.26 14.35
N SER B 223 11.81 73.51 14.05
CA SER B 223 12.92 74.05 13.28
C SER B 223 13.66 72.95 12.53
N VAL B 224 14.44 73.33 11.53
CA VAL B 224 15.17 72.36 10.74
C VAL B 224 16.67 72.58 10.80
N TYR B 225 17.38 71.57 11.28
CA TYR B 225 18.82 71.60 11.32
C TYR B 225 19.36 70.56 10.34
N ARG B 226 20.50 69.93 10.66
CA ARG B 226 21.08 68.90 9.82
C ARG B 226 21.97 68.03 10.70
N ALA B 227 22.33 66.87 10.19
CA ALA B 227 23.13 65.91 10.96
C ALA B 227 24.00 65.08 10.05
N ALA B 228 24.83 64.23 10.64
CA ALA B 228 25.63 63.31 9.83
C ALA B 228 25.16 61.90 10.11
N TYR B 229 23.89 61.64 9.76
CA TYR B 229 23.29 60.34 9.96
C TYR B 229 24.00 59.31 9.13
N GLU B 230 24.49 58.27 9.79
CA GLU B 230 25.24 57.21 9.13
C GLU B 230 26.39 57.75 8.26
N GLY B 231 26.97 58.89 8.67
CA GLY B 231 28.10 59.48 7.95
C GLY B 231 27.70 60.42 6.80
N GLU B 232 26.41 60.56 6.55
CA GLU B 232 25.93 61.41 5.46
C GLU B 232 25.20 62.63 5.95
N GLU B 233 25.48 63.78 5.35
CA GLU B 233 24.76 64.99 5.73
C GLU B 233 23.30 64.87 5.36
N VAL B 234 22.46 65.02 6.37
CA VAL B 234 21.02 64.91 6.25
C VAL B 234 20.34 66.08 6.92
N ALA B 235 19.13 66.39 6.48
CA ALA B 235 18.36 67.46 7.07
C ALA B 235 17.59 66.91 8.26
N VAL B 236 17.46 67.68 9.32
CA VAL B 236 16.72 67.14 10.45
C VAL B 236 15.58 68.05 10.91
N LYS B 237 14.36 67.50 10.91
CA LYS B 237 13.19 68.26 11.32
C LYS B 237 12.84 68.00 12.77
N ILE B 238 13.01 69.01 13.62
CA ILE B 238 12.70 68.83 15.02
C ILE B 238 11.32 69.33 15.34
N PHE B 239 10.48 68.44 15.83
CA PHE B 239 9.12 68.80 16.22
C PHE B 239 9.19 69.37 17.63
N ASN B 240 9.55 70.64 17.69
CA ASN B 240 9.85 71.35 18.93
C ASN B 240 8.66 71.84 19.71
N LYS B 241 7.95 70.90 20.35
CA LYS B 241 6.82 71.21 21.21
C LYS B 241 5.67 71.89 20.47
N HIS B 242 5.46 71.51 19.22
CA HIS B 242 4.36 72.05 18.43
C HIS B 242 3.62 70.89 17.81
N THR B 243 2.97 70.12 18.68
CA THR B 243 2.25 68.91 18.30
C THR B 243 3.19 67.87 17.69
N SER B 244 4.22 67.53 18.47
CA SER B 244 5.19 66.52 18.11
C SER B 244 4.55 65.15 18.17
N LEU B 245 5.25 64.14 17.69
CA LEU B 245 4.78 62.74 17.63
C LEU B 245 3.69 62.57 16.55
N ARG B 246 2.57 63.28 16.73
CA ARG B 246 1.46 63.29 15.81
C ARG B 246 1.83 63.79 14.43
N LEU B 247 2.30 65.03 14.35
CA LEU B 247 2.64 65.61 13.05
C LEU B 247 3.74 64.81 12.39
N LEU B 248 4.64 64.29 13.20
CA LEU B 248 5.74 63.49 12.70
C LEU B 248 5.23 62.29 11.93
N ARG B 249 4.36 61.47 12.54
CA ARG B 249 3.87 60.32 11.80
C ARG B 249 2.97 60.73 10.65
N GLN B 250 2.19 61.80 10.80
CA GLN B 250 1.36 62.23 9.68
C GLN B 250 2.23 62.55 8.47
N GLU B 251 3.38 63.20 8.68
CA GLU B 251 4.33 63.41 7.61
C GLU B 251 4.85 62.10 7.05
N LEU B 252 5.12 61.13 7.94
CA LEU B 252 5.60 59.83 7.48
C LEU B 252 4.58 59.14 6.57
N VAL B 253 3.28 59.35 6.85
CA VAL B 253 2.23 58.81 5.99
C VAL B 253 2.35 59.37 4.59
N VAL B 254 2.59 60.68 4.50
CA VAL B 254 2.80 61.33 3.21
C VAL B 254 4.04 60.80 2.51
N LEU B 255 5.11 60.61 3.28
CA LEU B 255 6.37 60.11 2.78
C LEU B 255 6.28 58.66 2.32
N CYS B 256 5.39 57.88 2.92
CA CYS B 256 5.20 56.50 2.54
C CYS B 256 4.68 56.45 1.11
N HIS B 257 5.35 55.65 0.28
CA HIS B 257 5.07 55.51 -1.16
C HIS B 257 5.38 56.76 -1.98
N LEU B 258 6.09 57.72 -1.39
CA LEU B 258 6.44 58.93 -2.12
C LEU B 258 7.82 58.71 -2.72
N HIS B 259 7.88 58.50 -4.04
CA HIS B 259 9.15 58.16 -4.68
C HIS B 259 9.42 58.90 -5.98
N HIS B 260 10.26 59.93 -5.91
CA HIS B 260 10.65 60.67 -7.11
C HIS B 260 11.95 61.42 -6.86
N PRO B 261 12.88 61.43 -7.83
CA PRO B 261 14.18 62.10 -7.81
C PRO B 261 14.13 63.58 -7.45
N SER B 262 13.04 64.26 -7.80
CA SER B 262 12.90 65.69 -7.49
C SER B 262 12.46 65.94 -6.06
N LEU B 263 12.07 64.89 -5.34
CA LEU B 263 11.59 65.02 -3.98
C LEU B 263 12.65 64.66 -2.96
N ILE B 264 12.45 65.12 -1.74
CA ILE B 264 13.36 64.85 -0.65
C ILE B 264 13.05 63.51 0.01
N SER B 265 14.00 62.60 -0.04
CA SER B 265 13.81 61.27 0.49
C SER B 265 13.83 61.21 2.01
N LEU B 266 13.11 60.24 2.56
CA LEU B 266 13.13 59.99 3.99
C LEU B 266 14.27 59.06 4.32
N LEU B 267 15.18 59.53 5.15
CA LEU B 267 16.33 58.75 5.53
C LEU B 267 16.27 58.39 7.00
N ALA B 268 15.19 57.70 7.37
CA ALA B 268 14.84 57.26 8.73
C ALA B 268 14.11 58.33 9.51
N ALA B 269 13.13 57.88 10.29
CA ALA B 269 12.31 58.75 11.12
C ALA B 269 13.01 59.07 12.46
N GLY B 270 12.40 58.68 13.58
CA GLY B 270 12.97 58.92 14.90
C GLY B 270 11.95 59.47 15.89
N ILE B 271 11.11 58.58 16.40
CA ILE B 271 10.06 58.92 17.34
C ILE B 271 10.57 59.27 18.73
N ARG B 272 11.75 58.75 19.08
CA ARG B 272 12.29 58.99 20.40
C ARG B 272 12.73 60.43 20.62
N PRO B 273 13.37 61.07 19.63
CA PRO B 273 13.73 62.46 19.69
C PRO B 273 12.66 63.33 19.06
N ARG B 274 11.79 62.71 18.25
CA ARG B 274 10.77 63.40 17.46
C ARG B 274 11.47 64.27 16.46
N MET B 275 12.35 63.63 15.69
CA MET B 275 13.20 64.31 14.73
C MET B 275 13.34 63.51 13.46
N LEU B 276 12.76 64.00 12.37
CA LEU B 276 12.84 63.26 11.10
C LEU B 276 14.15 63.51 10.37
N VAL B 277 14.71 62.46 9.81
CA VAL B 277 15.95 62.58 9.04
C VAL B 277 15.67 62.53 7.54
N MET B 278 16.00 63.62 6.85
CA MET B 278 15.69 63.74 5.42
C MET B 278 16.91 63.95 4.52
N GLU B 279 16.74 63.64 3.24
CA GLU B 279 17.76 63.83 2.23
C GLU B 279 18.23 65.28 2.15
N LEU B 280 19.54 65.48 2.17
CA LEU B 280 20.11 66.83 2.09
C LEU B 280 21.21 66.90 1.04
N ALA B 281 21.01 67.77 0.04
CA ALA B 281 21.98 67.95 -1.02
C ALA B 281 21.74 69.26 -1.77
N LEU C 1 19.90 -13.49 -59.77
CA LEU C 1 19.38 -12.75 -60.91
C LEU C 1 17.86 -12.65 -60.87
N THR C 2 17.29 -12.84 -59.68
CA THR C 2 15.85 -12.85 -59.43
C THR C 2 15.04 -13.51 -60.55
N ARG C 3 15.51 -14.67 -61.01
CA ARG C 3 14.84 -15.41 -62.07
C ARG C 3 13.69 -16.22 -61.53
N ARG C 4 12.46 -15.85 -61.90
CA ARG C 4 11.29 -16.53 -61.39
C ARG C 4 11.03 -17.82 -62.16
N ILE C 5 11.63 -18.92 -61.70
CA ILE C 5 11.48 -20.20 -62.38
C ILE C 5 10.35 -21.04 -61.80
N LEU C 6 9.39 -21.39 -62.62
CA LEU C 6 8.26 -22.18 -62.15
C LEU C 6 8.29 -23.61 -62.66
N LEU C 7 7.85 -24.53 -61.81
CA LEU C 7 7.75 -25.94 -62.18
C LEU C 7 6.28 -26.26 -62.46
N PRO C 8 5.97 -27.43 -63.02
CA PRO C 8 4.63 -27.90 -63.33
C PRO C 8 3.76 -27.92 -62.07
N LYS C 9 2.46 -27.70 -62.27
CA LYS C 9 1.52 -27.64 -61.16
C LYS C 9 1.50 -28.93 -60.37
N ASN C 10 1.50 -28.77 -59.05
CA ASN C 10 1.53 -29.80 -58.03
C ASN C 10 2.88 -30.51 -57.91
N VAL C 11 3.93 -29.93 -58.49
CA VAL C 11 5.28 -30.44 -58.25
C VAL C 11 5.74 -30.00 -56.88
N ILE C 12 6.18 -30.96 -56.09
CA ILE C 12 6.63 -30.71 -54.73
C ILE C 12 8.02 -31.26 -54.57
N VAL C 13 8.91 -30.46 -54.00
CA VAL C 13 10.29 -30.84 -53.83
C VAL C 13 10.68 -30.99 -52.37
N GLU C 14 11.19 -32.16 -52.00
CA GLU C 14 11.61 -32.42 -50.63
C GLU C 14 13.11 -32.31 -50.41
N CYS C 15 13.86 -32.16 -51.48
CA CYS C 15 15.31 -32.04 -51.38
C CYS C 15 15.91 -31.55 -52.66
N MET C 16 17.13 -31.04 -52.59
CA MET C 16 17.76 -30.51 -53.78
C MET C 16 19.26 -30.39 -53.67
N VAL C 17 19.92 -30.37 -54.81
CA VAL C 17 21.36 -30.13 -54.85
C VAL C 17 21.73 -29.52 -56.20
N ALA C 18 22.51 -28.45 -56.14
CA ALA C 18 22.94 -27.76 -57.34
C ALA C 18 24.33 -28.23 -57.72
N THR C 19 24.59 -28.33 -59.02
CA THR C 19 25.92 -28.73 -59.48
C THR C 19 26.83 -27.52 -59.46
N HIS C 20 27.88 -27.55 -58.62
CA HIS C 20 28.74 -26.37 -58.51
C HIS C 20 29.85 -26.33 -59.53
N HIS C 21 29.45 -26.17 -60.78
CA HIS C 21 30.35 -26.03 -61.91
C HIS C 21 29.77 -24.96 -62.82
N ALA C 26 25.16 -25.35 -65.06
CA ALA C 26 24.19 -24.61 -64.26
C ALA C 26 22.87 -25.37 -64.22
N SER C 27 22.75 -26.28 -63.26
CA SER C 27 21.57 -27.10 -63.14
C SER C 27 21.37 -27.65 -61.72
N ILE C 28 20.14 -28.05 -61.42
CA ILE C 28 19.75 -28.50 -60.08
C ILE C 28 18.99 -29.82 -60.07
N TRP C 29 19.43 -30.74 -59.22
CA TRP C 29 18.71 -31.99 -59.05
C TRP C 29 17.65 -31.81 -57.97
N LEU C 30 16.42 -32.22 -58.25
CA LEU C 30 15.31 -32.01 -57.31
C LEU C 30 14.57 -33.32 -56.98
N GLY C 31 14.27 -33.56 -55.70
CA GLY C 31 13.54 -34.79 -55.35
C GLY C 31 12.03 -34.62 -55.51
N CYS C 32 11.38 -35.63 -56.12
CA CYS C 32 9.93 -35.57 -56.41
C CYS C 32 9.04 -35.85 -55.20
N GLY C 33 8.94 -34.85 -54.33
CA GLY C 33 8.14 -34.91 -53.11
C GLY C 33 6.66 -35.13 -53.35
N HIS C 34 6.16 -34.70 -54.50
CA HIS C 34 4.76 -34.88 -54.85
C HIS C 34 4.37 -36.31 -55.23
N THR C 35 5.34 -37.21 -55.33
CA THR C 35 5.02 -38.58 -55.67
C THR C 35 5.12 -39.45 -54.44
N ASP C 36 4.75 -40.70 -54.60
CA ASP C 36 4.85 -41.67 -53.52
C ASP C 36 6.08 -42.54 -53.67
N ARG C 37 6.95 -42.20 -54.63
CA ARG C 37 8.13 -43.00 -54.89
C ARG C 37 9.35 -42.15 -55.17
N GLY C 38 10.51 -42.71 -54.83
CA GLY C 38 11.77 -42.04 -55.07
C GLY C 38 12.00 -41.70 -56.52
N GLN C 39 11.56 -40.53 -56.93
CA GLN C 39 11.84 -40.14 -58.30
C GLN C 39 12.72 -38.91 -58.27
N LEU C 40 13.66 -38.84 -59.19
CA LEU C 40 14.60 -37.74 -59.22
C LEU C 40 14.40 -36.87 -60.44
N SER C 41 14.00 -35.64 -60.20
CA SER C 41 13.79 -34.70 -61.27
C SER C 41 15.02 -33.86 -61.49
N PHE C 42 15.03 -33.12 -62.59
CA PHE C 42 16.21 -32.34 -62.92
C PHE C 42 15.92 -31.07 -63.68
N LEU C 43 16.40 -29.97 -63.12
CA LEU C 43 16.19 -28.63 -63.65
C LEU C 43 17.45 -28.07 -64.32
N ASP C 44 17.31 -27.70 -65.58
CA ASP C 44 18.40 -27.09 -66.34
C ASP C 44 18.27 -25.58 -66.32
N LEU C 45 19.10 -24.91 -65.52
CA LEU C 45 18.99 -23.46 -65.36
C LEU C 45 19.42 -22.70 -66.61
N ASN C 46 20.15 -23.37 -67.52
CA ASN C 46 20.58 -22.72 -68.75
C ASN C 46 19.47 -22.64 -69.79
N THR C 47 18.47 -23.52 -69.70
CA THR C 47 17.38 -23.52 -70.67
C THR C 47 16.04 -23.53 -69.99
N GLU C 48 16.04 -23.58 -68.66
CA GLU C 48 14.84 -23.69 -67.84
C GLU C 48 14.08 -24.95 -68.23
N GLY C 49 14.84 -26.02 -68.45
CA GLY C 49 14.28 -27.31 -68.83
C GLY C 49 14.01 -28.11 -67.60
N TYR C 50 13.07 -29.04 -67.67
CA TYR C 50 12.78 -29.82 -66.49
C TYR C 50 12.32 -31.22 -66.85
N THR C 51 12.99 -32.22 -66.27
CA THR C 51 12.68 -33.61 -66.54
C THR C 51 12.65 -34.43 -65.28
N SER C 52 12.52 -35.76 -65.44
CA SER C 52 12.45 -36.67 -64.30
C SER C 52 12.58 -38.15 -64.65
N GLU C 53 13.20 -38.90 -63.74
CA GLU C 53 13.38 -40.34 -63.88
C GLU C 53 13.36 -41.00 -62.51
N GLU C 54 12.65 -42.12 -62.41
CA GLU C 54 12.54 -42.82 -61.14
C GLU C 54 13.85 -43.45 -60.70
N VAL C 55 14.15 -43.31 -59.41
CA VAL C 55 15.39 -43.84 -58.88
C VAL C 55 15.21 -44.81 -57.69
N ALA C 56 14.06 -44.79 -57.00
CA ALA C 56 13.89 -45.67 -55.85
C ALA C 56 12.44 -45.92 -55.48
N ASP C 57 12.20 -46.96 -54.69
CA ASP C 57 10.86 -47.30 -54.23
C ASP C 57 10.33 -46.32 -53.19
N SER C 58 11.18 -45.98 -52.22
CA SER C 58 10.81 -45.05 -51.16
C SER C 58 11.19 -43.65 -51.61
N ARG C 59 10.70 -42.62 -50.91
CA ARG C 59 10.93 -41.25 -51.38
C ARG C 59 12.31 -40.74 -51.06
N ILE C 60 12.77 -39.78 -51.85
CA ILE C 60 14.09 -39.20 -51.63
C ILE C 60 14.02 -38.17 -50.54
N LEU C 61 14.84 -38.33 -49.51
CA LEU C 61 14.86 -37.37 -48.41
C LEU C 61 16.02 -36.38 -48.53
N CYS C 62 17.10 -36.76 -49.20
CA CYS C 62 18.22 -35.83 -49.33
C CYS C 62 19.16 -36.14 -50.49
N LEU C 63 19.51 -35.10 -51.24
CA LEU C 63 20.44 -35.22 -52.35
C LEU C 63 21.79 -34.59 -52.04
N ALA C 64 22.86 -35.19 -52.54
CA ALA C 64 24.18 -34.59 -52.36
C ALA C 64 25.10 -34.85 -53.54
N LEU C 65 25.97 -33.89 -53.83
CA LEU C 65 26.90 -34.00 -54.94
C LEU C 65 28.27 -34.50 -54.52
N VAL C 66 28.66 -35.62 -55.11
CA VAL C 66 29.98 -36.18 -54.90
C VAL C 66 30.79 -35.86 -56.13
N HIS C 67 31.98 -35.36 -55.95
CA HIS C 67 32.77 -34.98 -57.10
C HIS C 67 34.22 -35.28 -56.92
N LEU C 68 34.75 -36.01 -57.88
CA LEU C 68 36.12 -36.40 -57.91
C LEU C 68 36.77 -35.86 -59.18
N PRO C 69 37.23 -34.61 -59.16
CA PRO C 69 37.86 -33.86 -60.25
C PRO C 69 39.13 -34.55 -60.74
N VAL C 70 39.72 -35.38 -59.87
CA VAL C 70 40.89 -36.16 -60.21
C VAL C 70 40.49 -37.41 -60.99
N GLU C 71 39.23 -37.83 -60.85
CA GLU C 71 38.67 -38.96 -61.58
C GLU C 71 37.82 -38.45 -62.73
N LYS C 72 37.56 -37.12 -62.74
CA LYS C 72 36.77 -36.43 -63.75
C LYS C 72 35.32 -36.88 -63.78
N GLU C 73 34.79 -37.27 -62.62
CA GLU C 73 33.40 -37.71 -62.55
C GLU C 73 32.65 -37.16 -61.34
N SER C 74 31.32 -37.16 -61.42
CA SER C 74 30.49 -36.67 -60.34
C SER C 74 29.21 -37.50 -60.21
N TRP C 75 28.70 -37.56 -58.98
CA TRP C 75 27.52 -38.36 -58.65
C TRP C 75 26.52 -37.64 -57.75
N ILE C 76 25.25 -37.98 -57.90
CA ILE C 76 24.23 -37.47 -57.00
C ILE C 76 23.81 -38.59 -56.07
N VAL C 77 23.97 -38.38 -54.78
CA VAL C 77 23.63 -39.42 -53.84
C VAL C 77 22.24 -39.16 -53.33
N SER C 78 21.39 -40.16 -53.45
CA SER C 78 20.01 -40.09 -53.02
C SER C 78 19.77 -40.85 -51.73
N GLY C 79 19.60 -40.12 -50.64
CA GLY C 79 19.31 -40.71 -49.35
C GLY C 79 17.80 -40.80 -49.24
N THR C 80 17.29 -42.03 -49.18
CA THR C 80 15.84 -42.24 -49.16
C THR C 80 15.26 -42.67 -47.83
N GLN C 81 13.93 -42.71 -47.79
CA GLN C 81 13.16 -43.13 -46.63
C GLN C 81 13.47 -44.57 -46.23
N SER C 82 13.81 -45.40 -47.21
CA SER C 82 14.18 -46.78 -46.97
C SER C 82 15.46 -46.96 -46.16
N GLY C 83 16.31 -45.95 -46.13
CA GLY C 83 17.58 -46.06 -45.46
C GLY C 83 18.69 -46.38 -46.47
N THR C 84 18.31 -46.68 -47.71
CA THR C 84 19.31 -46.97 -48.71
C THR C 84 19.79 -45.68 -49.36
N LEU C 85 20.96 -45.76 -49.98
CA LEU C 85 21.55 -44.62 -50.65
C LEU C 85 21.91 -44.99 -52.08
N LEU C 86 21.27 -44.33 -53.03
CA LEU C 86 21.56 -44.61 -54.42
C LEU C 86 22.44 -43.54 -55.01
N VAL C 87 23.54 -43.96 -55.57
CA VAL C 87 24.52 -43.06 -56.14
C VAL C 87 24.37 -42.99 -57.64
N ILE C 88 24.09 -41.81 -58.18
CA ILE C 88 23.85 -41.70 -59.61
C ILE C 88 24.85 -40.79 -60.31
N ASN C 89 25.64 -41.36 -61.21
CA ASN C 89 26.62 -40.57 -61.95
C ASN C 89 25.92 -39.52 -62.83
N THR C 90 26.41 -38.29 -62.83
CA THR C 90 25.74 -37.25 -63.62
C THR C 90 26.21 -37.26 -65.07
N GLU C 91 27.40 -37.79 -65.32
CA GLU C 91 27.92 -37.90 -66.68
C GLU C 91 27.26 -39.09 -67.40
N ASP C 92 26.75 -40.02 -66.61
CA ASP C 92 26.03 -41.19 -67.10
C ASP C 92 24.99 -41.62 -66.10
N GLY C 93 23.75 -41.21 -66.32
CA GLY C 93 22.64 -41.49 -65.41
C GLY C 93 22.33 -42.97 -65.19
N LYS C 94 22.85 -43.85 -66.06
CA LYS C 94 22.63 -45.27 -65.90
C LYS C 94 23.75 -45.88 -65.06
N LYS C 95 24.84 -45.14 -64.88
CA LYS C 95 25.94 -45.60 -64.07
C LYS C 95 25.61 -45.31 -62.62
N ARG C 96 24.94 -46.26 -62.00
CA ARG C 96 24.52 -46.08 -60.62
C ARG C 96 25.22 -47.06 -59.69
N HIS C 97 25.37 -46.64 -58.44
CA HIS C 97 26.08 -47.45 -57.45
C HIS C 97 25.25 -47.47 -56.17
N THR C 98 25.38 -48.50 -55.36
CA THR C 98 24.59 -48.56 -54.12
C THR C 98 25.49 -48.55 -52.89
N LEU C 99 25.16 -47.70 -51.92
CA LEU C 99 25.93 -47.69 -50.69
C LEU C 99 25.22 -48.55 -49.66
N GLU C 100 25.97 -49.10 -48.71
CA GLU C 100 25.39 -49.93 -47.67
C GLU C 100 24.21 -49.27 -46.98
N LYS C 101 23.11 -50.01 -46.92
CA LYS C 101 21.86 -49.56 -46.31
C LYS C 101 22.03 -49.21 -44.84
N MET C 102 21.46 -48.08 -44.45
CA MET C 102 21.51 -47.60 -43.08
C MET C 102 20.49 -48.29 -42.21
N THR C 103 20.67 -48.18 -40.90
CA THR C 103 19.78 -48.80 -39.92
C THR C 103 18.44 -48.07 -39.81
N ASP C 104 18.36 -46.86 -40.36
CA ASP C 104 17.12 -46.13 -40.43
C ASP C 104 17.20 -45.18 -41.63
N SER C 105 16.12 -44.45 -41.92
CA SER C 105 16.07 -43.56 -43.07
C SER C 105 17.15 -42.50 -43.02
N VAL C 106 17.52 -42.01 -44.21
CA VAL C 106 18.56 -40.99 -44.29
C VAL C 106 17.95 -39.61 -44.27
N THR C 107 18.36 -38.81 -43.30
CA THR C 107 17.80 -37.47 -43.16
C THR C 107 18.67 -36.41 -43.79
N CYS C 108 19.97 -36.67 -43.88
CA CYS C 108 20.83 -35.67 -44.48
C CYS C 108 22.15 -36.23 -44.98
N LEU C 109 22.72 -35.52 -45.94
CA LEU C 109 23.97 -35.91 -46.56
C LEU C 109 24.95 -34.76 -46.63
N TYR C 110 26.24 -35.07 -46.66
CA TYR C 110 27.24 -34.04 -46.80
C TYR C 110 28.55 -34.61 -47.27
N CYS C 111 28.95 -34.27 -48.50
CA CYS C 111 30.20 -34.78 -49.05
C CYS C 111 31.27 -33.70 -49.12
N ASN C 122 38.40 -36.37 -48.76
CA ASN C 122 36.97 -36.27 -48.98
C ASN C 122 36.22 -37.52 -48.55
N PHE C 123 34.97 -37.32 -48.16
CA PHE C 123 34.07 -38.40 -47.79
C PHE C 123 32.63 -37.95 -47.60
N LEU C 124 31.71 -38.89 -47.73
CA LEU C 124 30.28 -38.64 -47.63
C LEU C 124 29.73 -38.92 -46.25
N LEU C 125 29.12 -37.91 -45.66
CA LEU C 125 28.52 -38.04 -44.37
C LEU C 125 27.05 -38.35 -44.55
N VAL C 126 26.53 -39.29 -43.78
CA VAL C 126 25.14 -39.70 -43.89
C VAL C 126 24.44 -39.68 -42.55
N GLY C 127 23.60 -38.67 -42.32
CA GLY C 127 22.87 -38.58 -41.07
C GLY C 127 21.57 -39.34 -41.16
N THR C 128 21.25 -40.11 -40.12
CA THR C 128 20.03 -40.90 -40.13
C THR C 128 19.03 -40.52 -39.04
N ALA C 129 17.82 -41.01 -39.22
CA ALA C 129 16.71 -40.77 -38.30
C ALA C 129 16.96 -41.35 -36.93
N ASP C 130 17.79 -42.38 -36.82
CA ASP C 130 18.08 -42.93 -35.53
C ASP C 130 19.38 -42.40 -34.94
N GLY C 131 19.84 -41.25 -35.43
CA GLY C 131 21.00 -40.61 -34.83
C GLY C 131 22.35 -41.21 -35.19
N LYS C 132 22.49 -41.79 -36.37
CA LYS C 132 23.80 -42.32 -36.72
C LYS C 132 24.43 -41.49 -37.79
N LEU C 133 25.76 -41.48 -37.81
CA LEU C 133 26.47 -40.77 -38.86
C LEU C 133 27.38 -41.71 -39.59
N ALA C 134 27.01 -42.10 -40.80
CA ALA C 134 27.87 -42.97 -41.55
C ALA C 134 28.80 -42.13 -42.39
N ILE C 135 30.04 -42.56 -42.46
CA ILE C 135 31.04 -41.88 -43.23
C ILE C 135 31.55 -42.80 -44.32
N PHE C 136 31.35 -42.41 -45.58
CA PHE C 136 31.82 -43.21 -46.70
C PHE C 136 33.00 -42.55 -47.37
N GLU C 137 34.12 -43.27 -47.46
CA GLU C 137 35.31 -42.74 -48.11
C GLU C 137 35.00 -42.35 -49.57
N ASP C 138 35.40 -41.15 -49.97
CA ASP C 138 35.06 -40.60 -51.30
C ASP C 138 35.00 -41.55 -52.49
N LYS C 139 36.03 -42.35 -52.73
CA LYS C 139 36.05 -43.17 -53.94
C LYS C 139 35.24 -44.47 -53.85
N THR C 140 34.58 -44.68 -52.70
CA THR C 140 33.67 -45.82 -52.56
C THR C 140 32.37 -45.48 -53.30
N VAL C 141 32.24 -44.22 -53.73
CA VAL C 141 31.14 -43.75 -54.55
C VAL C 141 31.04 -44.54 -55.86
N LYS C 142 32.16 -45.13 -56.29
CA LYS C 142 32.20 -45.93 -57.50
C LYS C 142 31.84 -47.39 -57.26
N LEU C 143 31.63 -47.76 -56.01
CA LEU C 143 31.39 -49.15 -55.67
C LEU C 143 29.93 -49.43 -55.32
N LYS C 144 29.47 -50.61 -55.69
CA LYS C 144 28.11 -51.01 -55.38
C LYS C 144 28.15 -52.00 -54.22
N GLY C 145 27.33 -51.76 -53.22
CA GLY C 145 27.32 -52.54 -52.00
C GLY C 145 28.49 -52.06 -51.12
N ALA C 146 28.79 -50.76 -51.24
CA ALA C 146 29.94 -50.18 -50.55
C ALA C 146 29.73 -50.02 -49.06
N ALA C 147 30.72 -50.45 -48.29
CA ALA C 147 30.68 -50.28 -46.84
C ALA C 147 31.30 -48.92 -46.50
N PRO C 148 30.85 -48.27 -45.42
CA PRO C 148 31.32 -47.00 -44.91
C PRO C 148 32.66 -47.10 -44.23
N LEU C 149 33.38 -46.00 -44.28
CA LEU C 149 34.66 -45.80 -43.65
C LEU C 149 34.53 -45.88 -42.12
N LYS C 150 33.51 -45.20 -41.60
CA LYS C 150 33.27 -45.16 -40.16
C LYS C 150 31.82 -44.80 -39.84
N ILE C 151 31.29 -45.31 -38.73
CA ILE C 151 29.92 -44.94 -38.33
C ILE C 151 29.89 -44.45 -36.88
N LEU C 152 29.30 -43.28 -36.66
CA LEU C 152 29.21 -42.74 -35.31
C LEU C 152 27.85 -42.95 -34.67
N ASN C 153 27.89 -43.22 -33.36
CA ASN C 153 26.68 -43.35 -32.55
C ASN C 153 26.44 -42.02 -31.87
N ILE C 154 25.55 -41.21 -32.44
CA ILE C 154 25.32 -39.86 -31.95
C ILE C 154 24.03 -39.74 -31.14
N GLY C 155 22.91 -40.19 -31.72
CA GLY C 155 21.61 -40.14 -31.05
C GLY C 155 20.97 -41.52 -30.93
N ASN C 156 19.66 -41.59 -31.14
CA ASN C 156 18.93 -42.86 -31.05
C ASN C 156 17.61 -42.78 -31.81
N VAL C 157 16.82 -43.83 -31.75
CA VAL C 157 15.57 -43.86 -32.51
C VAL C 157 14.59 -42.74 -32.18
N SER C 158 14.69 -42.15 -31.00
CA SER C 158 13.81 -41.05 -30.61
C SER C 158 14.47 -39.72 -30.88
N THR C 159 15.75 -39.76 -31.21
CA THR C 159 16.53 -38.56 -31.37
C THR C 159 17.38 -38.60 -32.63
N PRO C 160 16.86 -38.09 -33.75
CA PRO C 160 17.44 -38.08 -35.07
C PRO C 160 18.56 -37.10 -35.23
N LEU C 161 19.45 -37.43 -36.14
CA LEU C 161 20.55 -36.57 -36.54
C LEU C 161 20.09 -35.93 -37.81
N MET C 162 20.22 -34.62 -37.94
CA MET C 162 19.67 -33.97 -39.12
C MET C 162 20.51 -32.83 -39.66
N CYS C 163 21.35 -32.23 -38.85
CA CYS C 163 22.13 -31.13 -39.39
C CYS C 163 23.62 -31.42 -39.46
N LEU C 164 24.13 -31.47 -40.69
CA LEU C 164 25.56 -31.61 -40.95
C LEU C 164 26.08 -30.28 -41.45
N SER C 165 26.64 -29.48 -40.54
CA SER C 165 27.10 -28.16 -40.91
C SER C 165 28.59 -27.92 -40.69
N GLU C 166 29.37 -28.10 -41.74
CA GLU C 166 30.78 -27.74 -41.67
C GLU C 166 30.88 -26.29 -42.02
N SER C 167 31.46 -25.48 -41.16
CA SER C 167 31.56 -24.06 -41.47
C SER C 167 32.70 -23.39 -40.76
N ASN C 174 38.49 -26.88 -39.76
CA ASN C 174 37.57 -27.63 -40.60
C ASN C 174 36.94 -28.73 -39.77
N VAL C 175 35.88 -28.38 -39.06
CA VAL C 175 35.20 -29.34 -38.19
C VAL C 175 33.74 -29.41 -38.52
N MET C 176 33.09 -30.47 -38.06
CA MET C 176 31.68 -30.66 -38.36
C MET C 176 30.77 -30.38 -37.19
N TRP C 177 29.84 -29.46 -37.38
CA TRP C 177 28.87 -29.19 -36.34
C TRP C 177 27.66 -30.10 -36.57
N GLY C 178 27.25 -30.81 -35.53
CA GLY C 178 26.16 -31.78 -35.65
C GLY C 178 24.91 -31.39 -34.88
N GLY C 179 23.80 -31.28 -35.60
CA GLY C 179 22.51 -31.00 -34.97
C GLY C 179 21.78 -32.31 -34.73
N CYS C 180 21.69 -32.71 -33.46
CA CYS C 180 21.04 -33.96 -33.10
C CYS C 180 20.13 -33.76 -31.91
N GLY C 181 18.82 -33.76 -32.15
CA GLY C 181 17.88 -33.55 -31.08
C GLY C 181 18.05 -32.17 -30.52
N THR C 182 18.37 -32.10 -29.24
CA THR C 182 18.56 -30.82 -28.57
C THR C 182 20.04 -30.54 -28.29
N LYS C 183 20.92 -31.35 -28.86
CA LYS C 183 22.34 -31.20 -28.62
C LYS C 183 23.15 -30.79 -29.84
N ILE C 184 24.22 -30.04 -29.60
CA ILE C 184 25.11 -29.58 -30.65
C ILE C 184 26.45 -30.26 -30.53
N PHE C 185 26.86 -30.96 -31.57
CA PHE C 185 28.12 -31.68 -31.58
C PHE C 185 29.18 -30.98 -32.42
N SER C 186 30.43 -31.21 -32.09
CA SER C 186 31.53 -30.72 -32.92
C SER C 186 32.46 -31.88 -33.13
N PHE C 187 32.70 -32.24 -34.38
CA PHE C 187 33.51 -33.40 -34.67
C PHE C 187 34.87 -33.05 -35.23
N SER C 188 35.87 -33.77 -34.73
CA SER C 188 37.27 -33.62 -35.11
C SER C 188 37.58 -34.21 -36.46
N ASN C 189 38.85 -34.08 -36.83
CA ASN C 189 39.38 -34.62 -38.07
C ASN C 189 39.29 -36.15 -38.12
N ASP C 190 39.21 -36.80 -36.94
CA ASP C 190 39.09 -38.24 -36.88
C ASP C 190 37.73 -38.64 -36.30
N PHE C 191 36.75 -37.74 -36.44
CA PHE C 191 35.36 -37.94 -36.02
C PHE C 191 35.16 -38.07 -34.50
N THR C 192 36.01 -37.39 -33.73
CA THR C 192 35.89 -37.39 -32.28
C THR C 192 35.00 -36.26 -31.82
N ILE C 193 34.09 -36.55 -30.90
CA ILE C 193 33.22 -35.50 -30.40
C ILE C 193 34.03 -34.51 -29.59
N GLN C 194 34.44 -33.44 -30.25
CA GLN C 194 35.20 -32.36 -29.65
C GLN C 194 34.37 -31.62 -28.64
N LYS C 195 33.14 -31.31 -29.04
CA LYS C 195 32.24 -30.58 -28.17
C LYS C 195 30.84 -31.13 -28.18
N LEU C 196 30.15 -30.88 -27.07
CA LEU C 196 28.77 -31.27 -26.94
C LEU C 196 28.01 -30.25 -26.10
N ILE C 197 27.10 -29.54 -26.74
CA ILE C 197 26.30 -28.53 -26.05
C ILE C 197 24.85 -28.91 -26.01
N GLU C 198 24.33 -29.17 -24.82
CA GLU C 198 22.91 -29.43 -24.75
C GLU C 198 22.27 -28.08 -24.62
N THR C 199 21.32 -27.80 -25.49
CA THR C 199 20.73 -26.47 -25.53
C THR C 199 19.44 -26.35 -24.73
N ARG C 200 19.07 -27.40 -23.99
CA ARG C 200 17.85 -27.38 -23.19
C ARG C 200 17.91 -26.34 -22.08
N THR C 201 19.12 -25.91 -21.71
CA THR C 201 19.28 -24.92 -20.67
C THR C 201 18.82 -23.55 -21.11
N SER C 202 18.58 -23.37 -22.42
CA SER C 202 18.10 -22.12 -22.94
C SER C 202 16.67 -21.81 -22.49
N GLN C 203 15.97 -22.80 -21.90
CA GLN C 203 14.61 -22.61 -21.39
C GLN C 203 14.46 -21.45 -20.42
N LEU C 204 15.55 -21.02 -19.80
CA LEU C 204 15.48 -19.87 -18.91
C LEU C 204 15.10 -18.61 -19.69
N PHE C 205 15.37 -18.62 -20.99
CA PHE C 205 15.07 -17.54 -21.89
C PHE C 205 14.10 -18.07 -22.94
N SER C 206 13.52 -17.20 -23.73
CA SER C 206 12.57 -17.66 -24.74
C SER C 206 11.38 -18.40 -24.15
N TYR C 207 11.10 -19.59 -24.64
CA TYR C 207 9.95 -20.34 -24.20
C TYR C 207 10.20 -21.82 -24.38
N ALA C 208 9.88 -22.59 -23.37
CA ALA C 208 10.21 -24.01 -23.31
C ALA C 208 9.73 -24.81 -24.50
N ALA C 209 8.58 -24.48 -25.04
CA ALA C 209 8.10 -25.21 -26.19
C ALA C 209 9.00 -25.05 -27.40
N PHE C 210 9.73 -23.94 -27.46
CA PHE C 210 10.60 -23.68 -28.56
C PHE C 210 11.95 -24.27 -28.26
N SER C 211 12.40 -24.02 -27.04
CA SER C 211 13.69 -24.49 -26.57
C SER C 211 13.79 -25.99 -26.69
N ASP C 212 12.78 -26.67 -26.21
CA ASP C 212 12.79 -28.10 -26.29
C ASP C 212 12.28 -28.56 -27.61
N SER C 213 13.13 -28.54 -28.62
CA SER C 213 12.72 -28.97 -29.95
C SER C 213 13.92 -29.40 -30.75
N ASN C 214 13.70 -30.28 -31.69
CA ASN C 214 14.78 -30.81 -32.50
C ASN C 214 15.46 -29.75 -33.34
N ILE C 215 16.79 -29.78 -33.36
CA ILE C 215 17.57 -28.82 -34.13
C ILE C 215 17.51 -29.14 -35.61
N ILE C 216 17.14 -28.14 -36.40
CA ILE C 216 17.03 -28.29 -37.83
C ILE C 216 18.22 -27.74 -38.58
N THR C 217 18.58 -26.48 -38.31
CA THR C 217 19.68 -25.85 -39.02
C THR C 217 20.71 -25.23 -38.10
N VAL C 218 21.98 -25.49 -38.40
CA VAL C 218 23.09 -24.95 -37.63
C VAL C 218 24.00 -24.13 -38.53
N VAL C 219 24.13 -22.86 -38.23
CA VAL C 219 25.01 -21.98 -39.00
C VAL C 219 26.13 -21.49 -38.12
N VAL C 220 27.38 -21.56 -38.60
CA VAL C 220 28.49 -21.14 -37.75
C VAL C 220 29.45 -20.14 -38.39
N ASP C 221 29.75 -19.08 -37.66
CA ASP C 221 30.77 -18.13 -38.10
C ASP C 221 31.72 -17.84 -36.92
N THR C 222 31.28 -16.99 -36.02
CA THR C 222 31.91 -16.62 -34.80
C THR C 222 31.05 -17.18 -33.68
N ALA C 223 29.80 -17.47 -34.04
CA ALA C 223 28.82 -18.04 -33.14
C ALA C 223 27.93 -19.00 -33.90
N LEU C 224 27.14 -19.77 -33.17
CA LEU C 224 26.26 -20.78 -33.72
C LEU C 224 24.86 -20.26 -33.80
N TYR C 225 24.19 -20.45 -34.93
CA TYR C 225 22.81 -19.98 -35.06
C TYR C 225 21.94 -21.20 -35.20
N ILE C 226 21.10 -21.43 -34.20
CA ILE C 226 20.31 -22.64 -34.15
C ILE C 226 18.83 -22.48 -34.45
N ALA C 227 18.40 -23.07 -35.56
CA ALA C 227 16.98 -23.11 -35.89
C ALA C 227 16.39 -24.44 -35.47
N LYS C 228 15.49 -24.40 -34.50
CA LYS C 228 14.80 -25.58 -34.01
C LYS C 228 13.44 -25.71 -34.66
N GLN C 229 12.94 -26.95 -34.73
CA GLN C 229 11.69 -27.21 -35.40
C GLN C 229 10.53 -26.46 -34.78
N ASN C 230 9.80 -25.74 -35.63
CA ASN C 230 8.64 -24.92 -35.29
C ASN C 230 8.93 -23.72 -34.40
N SER C 231 10.20 -23.30 -34.32
CA SER C 231 10.56 -22.15 -33.52
C SER C 231 10.42 -20.84 -34.27
N PRO C 232 10.00 -19.78 -33.61
CA PRO C 232 9.91 -18.41 -34.08
C PRO C 232 11.15 -17.62 -33.69
N VAL C 233 12.11 -18.30 -33.05
CA VAL C 233 13.35 -17.66 -32.63
C VAL C 233 14.56 -18.51 -32.98
N VAL C 234 15.71 -17.85 -33.11
CA VAL C 234 16.97 -18.52 -33.40
C VAL C 234 17.93 -18.33 -32.24
N GLU C 235 18.51 -19.42 -31.76
CA GLU C 235 19.41 -19.30 -30.62
C GLU C 235 20.81 -18.99 -31.11
N VAL C 236 21.52 -18.14 -30.37
CA VAL C 236 22.88 -17.82 -30.75
C VAL C 236 23.82 -18.31 -29.67
N TRP C 237 24.73 -19.22 -30.02
CA TRP C 237 25.64 -19.80 -29.01
C TRP C 237 27.11 -19.48 -29.21
N ASP C 238 27.82 -19.30 -28.10
CA ASP C 238 29.24 -19.00 -28.07
C ASP C 238 30.06 -20.24 -28.14
N LYS C 239 30.61 -20.55 -29.31
CA LYS C 239 31.46 -21.72 -29.49
C LYS C 239 32.72 -21.73 -28.62
N LYS C 240 33.13 -20.57 -28.10
CA LYS C 240 34.33 -20.49 -27.30
C LYS C 240 34.09 -20.81 -25.82
N THR C 241 32.86 -20.63 -25.33
CA THR C 241 32.57 -20.90 -23.92
C THR C 241 31.37 -21.81 -23.76
N GLU C 242 30.71 -22.12 -24.87
CA GLU C 242 29.54 -22.97 -24.92
C GLU C 242 28.40 -22.36 -24.11
N LYS C 243 28.13 -21.09 -24.39
CA LYS C 243 27.09 -20.34 -23.68
C LYS C 243 26.13 -19.61 -24.61
N LEU C 244 24.92 -19.37 -24.14
CA LEU C 244 23.96 -18.68 -24.98
C LEU C 244 24.35 -17.20 -25.11
N CYS C 245 24.64 -16.78 -26.33
CA CYS C 245 25.01 -15.40 -26.64
C CYS C 245 23.80 -14.50 -26.82
N GLY C 246 22.69 -15.07 -27.27
CA GLY C 246 21.49 -14.28 -27.45
C GLY C 246 20.45 -14.97 -28.29
N LEU C 247 19.34 -14.28 -28.50
CA LEU C 247 18.26 -14.82 -29.29
C LEU C 247 17.89 -13.89 -30.42
N ILE C 248 17.48 -14.46 -31.54
CA ILE C 248 16.99 -13.67 -32.65
C ILE C 248 15.51 -13.90 -32.76
N ASP C 249 14.72 -12.87 -32.48
CA ASP C 249 13.29 -13.05 -32.50
C ASP C 249 12.67 -12.72 -33.85
N CYS C 250 12.41 -13.77 -34.63
CA CYS C 250 11.89 -13.61 -35.99
C CYS C 250 10.47 -13.09 -36.00
N VAL C 251 9.61 -13.68 -35.18
CA VAL C 251 8.23 -13.22 -35.13
C VAL C 251 8.14 -11.76 -34.69
N HIS C 252 9.10 -11.28 -33.91
CA HIS C 252 9.17 -9.87 -33.58
C HIS C 252 9.38 -9.03 -34.81
N PHE C 253 10.33 -9.43 -35.64
CA PHE C 253 10.58 -8.66 -36.84
C PHE C 253 9.34 -8.62 -37.72
N LEU C 254 8.60 -9.73 -37.76
CA LEU C 254 7.38 -9.78 -38.53
C LEU C 254 6.30 -8.96 -37.85
N ARG C 255 6.33 -8.89 -36.52
CA ARG C 255 5.50 -7.96 -35.76
C ARG C 255 5.78 -6.52 -36.14
N GLU C 256 7.05 -6.17 -36.36
CA GLU C 256 7.42 -4.83 -36.81
C GLU C 256 6.87 -4.55 -38.20
N VAL C 257 6.88 -5.57 -39.06
CA VAL C 257 6.31 -5.46 -40.40
C VAL C 257 4.81 -5.19 -40.32
N MET C 258 4.34 -4.24 -41.11
CA MET C 258 2.92 -3.93 -41.08
C MET C 258 2.12 -5.01 -41.78
N MET C 269 -2.98 -17.00 -40.58
CA MET C 269 -1.86 -17.85 -40.26
C MET C 269 -0.79 -17.84 -41.36
N SER C 270 -0.89 -16.91 -42.31
CA SER C 270 0.06 -16.83 -43.40
C SER C 270 1.48 -16.45 -42.97
N TYR C 271 1.62 -15.77 -41.83
CA TYR C 271 2.95 -15.41 -41.35
C TYR C 271 3.17 -15.92 -39.95
N SER C 272 3.31 -17.24 -39.84
CA SER C 272 3.49 -17.87 -38.54
C SER C 272 4.81 -17.48 -37.90
N GLY C 273 5.80 -17.15 -38.70
CA GLY C 273 7.11 -16.78 -38.18
C GLY C 273 7.98 -17.99 -37.90
N ARG C 274 7.49 -19.19 -38.17
CA ARG C 274 8.29 -20.36 -37.93
C ARG C 274 9.46 -20.37 -38.89
N VAL C 275 10.65 -20.57 -38.36
CA VAL C 275 11.84 -20.56 -39.16
C VAL C 275 11.99 -21.83 -39.96
N LYS C 276 12.18 -21.67 -41.26
CA LYS C 276 12.37 -22.79 -42.16
C LYS C 276 13.82 -23.00 -42.54
N THR C 277 14.55 -21.91 -42.79
CA THR C 277 15.95 -22.09 -43.16
C THR C 277 16.86 -20.90 -42.87
N LEU C 278 18.11 -21.20 -42.54
CA LEU C 278 19.11 -20.17 -42.28
C LEU C 278 20.24 -20.21 -43.29
N CYS C 279 20.46 -19.10 -43.99
CA CYS C 279 21.59 -19.01 -44.90
C CYS C 279 22.49 -17.88 -44.46
N LEU C 280 23.79 -18.02 -44.65
CA LEU C 280 24.66 -16.96 -44.18
C LEU C 280 25.88 -16.69 -45.05
N GLN C 281 25.99 -15.44 -45.49
CA GLN C 281 27.15 -15.01 -46.26
C GLN C 281 28.14 -14.31 -45.35
N LYS C 282 29.43 -14.59 -45.56
CA LYS C 282 30.57 -14.03 -44.81
C LYS C 282 30.51 -12.53 -44.45
N ASN C 283 29.67 -11.75 -45.14
CA ASN C 283 29.46 -10.35 -44.82
C ASN C 283 28.30 -10.16 -43.82
N THR C 284 28.02 -11.20 -43.01
CA THR C 284 26.98 -11.24 -41.97
C THR C 284 25.56 -11.25 -42.50
N ALA C 285 25.39 -11.45 -43.81
CA ALA C 285 24.08 -11.47 -44.43
C ALA C 285 23.32 -12.72 -44.03
N LEU C 286 22.60 -12.66 -42.92
CA LEU C 286 21.82 -13.81 -42.49
C LEU C 286 20.45 -13.80 -43.12
N TRP C 287 20.14 -14.83 -43.89
CA TRP C 287 18.83 -14.92 -44.50
C TRP C 287 18.01 -15.92 -43.74
N ILE C 288 16.82 -15.52 -43.34
CA ILE C 288 15.96 -16.40 -42.59
C ILE C 288 14.69 -16.63 -43.36
N GLY C 289 14.53 -17.82 -43.91
CA GLY C 289 13.30 -18.07 -44.62
C GLY C 289 12.29 -18.51 -43.60
N THR C 290 11.09 -17.94 -43.66
CA THR C 290 10.05 -18.32 -42.72
C THR C 290 9.07 -19.21 -43.42
N GLY C 291 8.12 -19.74 -42.67
CA GLY C 291 7.08 -20.57 -43.24
C GLY C 291 6.11 -19.79 -44.13
N GLY C 292 6.13 -18.46 -44.08
CA GLY C 292 5.23 -17.65 -44.88
C GLY C 292 5.91 -17.14 -46.13
N GLY C 293 5.48 -15.96 -46.59
CA GLY C 293 6.05 -15.36 -47.77
C GLY C 293 7.14 -14.34 -47.44
N HIS C 294 7.55 -14.29 -46.19
CA HIS C 294 8.58 -13.34 -45.82
C HIS C 294 9.91 -14.02 -45.54
N ILE C 295 10.97 -13.34 -45.98
CA ILE C 295 12.33 -13.76 -45.75
C ILE C 295 13.08 -12.63 -45.07
N LEU C 296 13.66 -12.91 -43.92
CA LEU C 296 14.32 -11.83 -43.20
C LEU C 296 15.78 -11.76 -43.55
N LEU C 297 16.30 -10.56 -43.74
CA LEU C 297 17.72 -10.37 -43.95
C LEU C 297 18.25 -9.61 -42.76
N LEU C 298 19.21 -10.19 -42.06
CA LEU C 298 19.67 -9.63 -40.79
C LEU C 298 21.19 -9.52 -40.70
N ASP C 299 21.65 -8.40 -40.15
CA ASP C 299 23.05 -8.08 -39.95
C ASP C 299 23.61 -8.65 -38.68
N LEU C 300 24.33 -9.77 -38.77
CA LEU C 300 24.89 -10.40 -37.59
C LEU C 300 26.02 -9.66 -36.88
N SER C 301 26.57 -8.59 -37.48
CA SER C 301 27.60 -7.86 -36.76
C SER C 301 26.98 -6.93 -35.72
N THR C 302 25.68 -6.65 -35.89
CA THR C 302 24.96 -5.78 -34.96
C THR C 302 23.63 -6.40 -34.53
N ARG C 303 23.27 -7.53 -35.12
CA ARG C 303 22.02 -8.24 -34.86
C ARG C 303 20.84 -7.35 -35.22
N ARG C 304 20.86 -6.78 -36.42
CA ARG C 304 19.78 -5.88 -36.83
C ARG C 304 19.11 -6.30 -38.11
N LEU C 305 17.80 -6.11 -38.17
CA LEU C 305 17.08 -6.45 -39.38
C LEU C 305 17.47 -5.48 -40.49
N ILE C 306 18.04 -6.02 -41.55
CA ILE C 306 18.42 -5.23 -42.70
C ILE C 306 17.23 -4.93 -43.57
N ARG C 307 16.54 -5.98 -44.00
CA ARG C 307 15.37 -5.83 -44.84
C ARG C 307 14.58 -7.12 -44.91
N VAL C 308 13.40 -7.06 -45.52
CA VAL C 308 12.56 -8.23 -45.64
C VAL C 308 12.07 -8.44 -47.07
N ILE C 309 12.18 -9.66 -47.58
CA ILE C 309 11.63 -9.95 -48.89
C ILE C 309 10.15 -10.16 -48.68
N TYR C 310 9.32 -9.39 -49.39
CA TYR C 310 7.89 -9.48 -49.13
C TYR C 310 7.13 -10.29 -50.16
N ASN C 311 6.21 -11.11 -49.64
CA ASN C 311 5.29 -11.95 -50.40
C ASN C 311 5.95 -12.66 -51.54
N PHE C 312 7.06 -13.32 -51.22
CA PHE C 312 7.85 -14.07 -52.16
C PHE C 312 7.02 -15.19 -52.79
N CYS C 313 6.41 -15.98 -51.92
CA CYS C 313 5.53 -17.08 -52.29
C CYS C 313 4.66 -17.32 -51.09
N ASN C 314 3.71 -18.23 -51.16
CA ASN C 314 2.86 -18.41 -50.00
C ASN C 314 3.59 -19.14 -48.85
N SER C 315 4.58 -19.96 -49.17
CA SER C 315 5.36 -20.60 -48.12
C SER C 315 6.76 -21.00 -48.58
N VAL C 316 7.78 -20.35 -48.03
CA VAL C 316 9.17 -20.65 -48.40
C VAL C 316 9.64 -21.97 -47.81
N ARG C 317 10.16 -22.85 -48.65
CA ARG C 317 10.59 -24.15 -48.14
C ARG C 317 12.08 -24.16 -47.78
N VAL C 318 12.97 -23.99 -48.77
CA VAL C 318 14.41 -23.95 -48.54
C VAL C 318 15.10 -22.84 -49.33
N MET C 319 16.35 -22.56 -48.95
CA MET C 319 17.15 -21.53 -49.59
C MET C 319 18.59 -22.01 -49.76
N MET C 320 19.03 -22.19 -50.99
CA MET C 320 20.41 -22.65 -51.21
C MET C 320 21.33 -21.62 -51.84
N THR C 321 22.40 -21.25 -51.13
CA THR C 321 23.37 -20.34 -51.70
C THR C 321 24.07 -21.06 -52.83
N ALA C 322 24.17 -20.44 -53.99
CA ALA C 322 24.77 -21.13 -55.11
C ALA C 322 25.42 -20.17 -56.10
N GLN C 323 26.23 -20.75 -56.97
CA GLN C 323 26.92 -19.99 -57.99
C GLN C 323 26.48 -20.49 -59.35
N LEU C 324 26.02 -19.57 -60.19
CA LEU C 324 25.51 -19.93 -61.51
C LEU C 324 26.59 -20.24 -62.52
N GLY C 325 26.17 -20.58 -63.73
CA GLY C 325 27.07 -20.86 -64.84
C GLY C 325 27.84 -19.61 -65.26
N SER C 326 27.27 -18.44 -64.94
CA SER C 326 27.85 -17.13 -65.17
C SER C 326 28.74 -16.69 -64.02
N LEU C 327 28.86 -17.55 -63.00
CA LEU C 327 29.59 -17.31 -61.77
C LEU C 327 28.88 -16.34 -60.81
N LYS C 328 27.66 -15.94 -61.15
CA LYS C 328 26.87 -15.07 -60.29
C LYS C 328 26.45 -15.74 -58.97
N ASN C 329 26.64 -15.01 -57.88
CA ASN C 329 26.27 -15.47 -56.55
C ASN C 329 24.78 -15.25 -56.33
N VAL C 330 24.03 -16.35 -56.25
CA VAL C 330 22.59 -16.29 -56.12
C VAL C 330 22.04 -17.13 -54.99
N MET C 331 20.81 -16.84 -54.61
CA MET C 331 20.16 -17.62 -53.59
C MET C 331 19.01 -18.39 -54.21
N LEU C 332 19.09 -19.69 -54.15
CA LEU C 332 18.09 -20.55 -54.72
C LEU C 332 16.92 -20.68 -53.78
N VAL C 333 16.03 -19.69 -53.82
CA VAL C 333 14.92 -19.71 -52.89
C VAL C 333 13.82 -20.57 -53.46
N LEU C 334 13.58 -21.71 -52.82
CA LEU C 334 12.59 -22.66 -53.30
C LEU C 334 11.41 -22.71 -52.35
N GLY C 335 10.21 -22.49 -52.87
CA GLY C 335 9.04 -22.53 -52.01
C GLY C 335 7.78 -22.78 -52.81
N TYR C 336 6.63 -22.58 -52.18
CA TYR C 336 5.38 -22.88 -52.84
C TYR C 336 4.40 -21.72 -52.88
N ASN C 337 3.65 -21.67 -53.96
CA ASN C 337 2.63 -20.67 -54.16
C ASN C 337 1.24 -21.26 -54.08
N ARG C 338 1.04 -22.32 -53.29
CA ARG C 338 -0.29 -22.88 -53.13
C ARG C 338 -1.21 -21.73 -52.85
N GLU C 349 -3.61 -27.18 -56.32
CA GLU C 349 -2.77 -26.25 -57.05
C GLU C 349 -1.50 -25.81 -56.34
N ILE C 350 -0.64 -26.76 -55.97
CA ILE C 350 0.60 -26.37 -55.34
C ILE C 350 1.61 -25.98 -56.40
N GLN C 351 2.11 -24.77 -56.32
CA GLN C 351 3.03 -24.29 -57.34
C GLN C 351 4.45 -24.10 -56.83
N SER C 352 5.32 -25.03 -57.19
CA SER C 352 6.71 -24.93 -56.80
C SER C 352 7.38 -23.83 -57.58
N CYS C 353 8.13 -23.01 -56.87
CA CYS C 353 8.83 -21.91 -57.47
C CYS C 353 10.23 -21.77 -56.96
N LEU C 354 11.16 -21.68 -57.90
CA LEU C 354 12.53 -21.47 -57.58
C LEU C 354 12.95 -20.12 -58.06
N THR C 355 13.29 -19.22 -57.15
CA THR C 355 13.80 -17.97 -57.63
C THR C 355 15.28 -17.87 -57.46
N VAL C 356 15.95 -17.66 -58.57
CA VAL C 356 17.39 -17.48 -58.56
C VAL C 356 17.66 -16.06 -58.12
N TRP C 357 17.63 -15.84 -56.81
CA TRP C 357 17.70 -14.51 -56.23
C TRP C 357 19.08 -13.88 -56.31
N ASP C 358 19.10 -12.62 -56.71
CA ASP C 358 20.32 -11.84 -56.88
C ASP C 358 20.98 -11.43 -55.57
N ILE C 359 22.10 -12.07 -55.20
CA ILE C 359 22.81 -11.67 -53.98
C ILE C 359 23.81 -10.57 -54.28
#